data_3ZPV
#
_entry.id   3ZPV
#
_cell.length_a   105.210
_cell.length_b   111.960
_cell.length_c   190.760
_cell.angle_alpha   90.00
_cell.angle_beta   90.00
_cell.angle_gamma   90.00
#
_symmetry.space_group_name_H-M   'P 21 21 21'
#
loop_
_entity.id
_entity.type
_entity.pdbx_description
1 polymer 'PROTEIN BCL9 HOMOLOG'
2 polymer 'PROTEIN PYGOPUS'
3 polymer 'PROTEIN PYGOPUS'
4 non-polymer 'ZINC ION'
5 water water
#
loop_
_entity_poly.entity_id
_entity_poly.type
_entity_poly.pdbx_seq_one_letter_code
_entity_poly.pdbx_strand_id
1 'polypeptide(L)' GAMANHIFVFSTQLANKGAESVLSGQFQTIIAYHCTQ 0,2,4,6,8,B,D,F,H,J,L,N,P,R,T,V,X,Z
2 'polypeptide(L)' GAMAIYPCGMCHKEVNDNDEAVFCESGCNFFFHRTCVGLTEAAFQMLNKEVFAEWCCDKCVS 1,3,5,7,9,A,C,G,I,K,M,Q,S,U,W
3 'polypeptide(L)' AAMAIYPCGMCHKEVNDNDEAVFCESGCNFFFHRTCVGLTEAAFQMLNKEVFAEWCCDKCVS E,O,Y
#
loop_
_chem_comp.id
_chem_comp.type
_chem_comp.name
_chem_comp.formula
ZN non-polymer 'ZINC ION' 'Zn 2'
#
# COMPACT_ATOMS: atom_id res chain seq x y z
N ALA A 2 15.18 45.45 -40.24
CA ALA A 2 16.32 44.46 -40.07
C ALA A 2 17.15 44.82 -38.86
N MET A 3 17.71 43.80 -38.20
CA MET A 3 18.45 43.99 -36.96
C MET A 3 19.79 43.31 -36.99
N ALA A 4 20.74 43.88 -36.26
CA ALA A 4 22.14 43.41 -36.29
C ALA A 4 22.36 42.13 -35.52
N ASN A 5 21.38 41.75 -34.72
CA ASN A 5 21.49 40.56 -33.90
C ASN A 5 20.13 40.08 -33.42
N HIS A 6 20.10 38.89 -32.84
CA HIS A 6 18.89 38.36 -32.19
C HIS A 6 19.06 38.30 -30.68
N ILE A 7 20.23 38.73 -30.20
CA ILE A 7 20.47 38.85 -28.78
C ILE A 7 21.10 40.21 -28.53
N PHE A 8 20.47 40.98 -27.65
CA PHE A 8 21.03 42.22 -27.16
C PHE A 8 21.24 42.08 -25.67
N VAL A 9 22.47 42.32 -25.24
CA VAL A 9 22.89 42.07 -23.87
C VAL A 9 22.81 43.35 -23.06
N PHE A 10 22.16 43.29 -21.91
CA PHE A 10 22.02 44.43 -21.05
C PHE A 10 22.64 44.14 -19.71
N SER A 11 23.52 45.02 -19.26
CA SER A 11 23.89 45.03 -17.85
C SER A 11 22.70 45.60 -17.03
N THR A 12 22.75 45.46 -15.71
CA THR A 12 21.71 46.07 -14.88
C THR A 12 21.57 47.57 -15.17
N GLN A 13 22.71 48.26 -15.24
CA GLN A 13 22.72 49.69 -15.44
C GLN A 13 22.06 50.04 -16.78
N LEU A 14 22.47 49.35 -17.82
CA LEU A 14 21.90 49.58 -19.15
C LEU A 14 20.41 49.27 -19.22
N ALA A 15 19.97 48.21 -18.56
CA ALA A 15 18.56 47.87 -18.57
C ALA A 15 17.77 48.93 -17.85
N ASN A 16 18.31 49.42 -16.74
CA ASN A 16 17.64 50.44 -15.96
C ASN A 16 17.49 51.75 -16.75
N LYS A 17 18.56 52.17 -17.43
CA LYS A 17 18.50 53.39 -18.27
C LYS A 17 17.56 53.21 -19.46
N GLY A 18 17.62 52.05 -20.10
CA GLY A 18 16.72 51.76 -21.19
C GLY A 18 15.26 51.85 -20.77
N ALA A 19 14.93 51.31 -19.61
CA ALA A 19 13.55 51.29 -19.15
C ALA A 19 13.07 52.72 -18.88
N GLU A 20 13.95 53.55 -18.32
CA GLU A 20 13.67 54.98 -18.13
C GLU A 20 13.33 55.63 -19.46
N SER A 21 14.15 55.37 -20.47
CA SER A 21 13.88 55.79 -21.84
C SER A 21 12.53 55.44 -22.41
N VAL A 22 12.04 54.25 -22.08
CA VAL A 22 10.77 53.82 -22.63
C VAL A 22 9.63 54.51 -21.90
N LEU A 23 9.76 54.62 -20.58
CA LEU A 23 8.76 55.30 -19.75
C LEU A 23 8.71 56.81 -20.04
N SER A 24 9.85 57.39 -20.41
CA SER A 24 9.94 58.76 -20.95
C SER A 24 9.19 58.99 -22.26
N GLY A 25 8.99 57.93 -23.03
CA GLY A 25 8.43 58.04 -24.39
C GLY A 25 9.50 58.20 -25.45
N GLN A 26 10.76 58.38 -25.05
CA GLN A 26 11.83 58.55 -26.00
C GLN A 26 12.02 57.33 -26.96
N PHE A 27 11.82 56.11 -26.46
CA PHE A 27 11.90 54.91 -27.29
C PHE A 27 10.72 53.99 -26.99
N GLN A 28 10.45 53.07 -27.91
CA GLN A 28 9.32 52.17 -27.78
C GLN A 28 9.69 50.92 -27.00
N THR A 29 10.93 50.48 -27.18
CA THR A 29 11.43 49.28 -26.53
C THR A 29 12.85 49.53 -26.06
N ILE A 30 13.28 48.74 -25.09
CA ILE A 30 14.69 48.78 -24.66
C ILE A 30 15.66 48.34 -25.75
N ILE A 31 15.18 47.58 -26.72
CA ILE A 31 16.00 47.15 -27.84
C ILE A 31 16.33 48.38 -28.70
N ALA A 32 15.32 49.20 -28.99
CA ALA A 32 15.54 50.44 -29.73
C ALA A 32 16.61 51.31 -29.04
N TYR A 33 16.53 51.38 -27.70
CA TYR A 33 17.50 52.13 -26.92
C TYR A 33 18.90 51.57 -27.04
N HIS A 34 19.00 50.25 -26.98
CA HIS A 34 20.29 49.55 -27.06
C HIS A 34 20.99 49.87 -28.37
N CYS A 35 20.24 49.90 -29.47
CA CYS A 35 20.79 50.12 -30.83
C CYS A 35 21.48 51.47 -31.00
N THR A 36 21.10 52.43 -30.17
CA THR A 36 21.72 53.74 -30.14
C THR A 36 22.73 53.84 -28.97
N GLN A 37 23.48 52.75 -28.77
CA GLN A 37 24.57 52.53 -27.74
C GLN A 37 24.34 52.75 -26.19
N GLY B 1 18.15 14.94 -13.51
CA GLY B 1 19.36 14.59 -12.75
C GLY B 1 19.09 14.56 -11.27
N ALA B 2 19.15 15.69 -10.55
CA ALA B 2 19.38 15.63 -9.14
C ALA B 2 18.79 16.82 -8.45
N MET B 3 18.20 16.60 -7.28
CA MET B 3 17.55 17.66 -6.57
C MET B 3 18.56 18.73 -6.12
N ALA B 4 18.30 19.97 -6.49
CA ALA B 4 19.25 21.03 -6.27
C ALA B 4 18.60 22.30 -5.82
N ILE B 5 19.44 23.17 -5.28
CA ILE B 5 19.07 24.51 -4.85
C ILE B 5 19.97 25.42 -5.69
N TYR B 6 19.42 26.51 -6.21
CA TYR B 6 20.19 27.45 -7.02
C TYR B 6 20.41 28.76 -6.26
N PRO B 7 21.63 28.99 -5.76
CA PRO B 7 21.86 30.18 -4.97
C PRO B 7 22.08 31.43 -5.82
N CYS B 8 21.60 32.56 -5.29
CA CYS B 8 21.78 33.86 -5.88
C CYS B 8 23.27 34.12 -5.94
N GLY B 9 23.75 34.63 -7.07
CA GLY B 9 25.17 34.99 -7.18
C GLY B 9 25.63 36.16 -6.29
N MET B 10 24.70 36.95 -5.75
CA MET B 10 24.97 38.06 -4.85
C MET B 10 24.87 37.62 -3.41
N CYS B 11 23.66 37.26 -2.98
CA CYS B 11 23.38 37.02 -1.56
C CYS B 11 23.55 35.54 -1.14
N HIS B 12 23.72 34.65 -2.10
CA HIS B 12 23.97 33.23 -1.84
C HIS B 12 22.83 32.47 -1.23
N LYS B 13 21.66 33.09 -1.16
CA LYS B 13 20.48 32.40 -0.70
C LYS B 13 19.73 31.82 -1.86
N GLU B 14 18.83 30.91 -1.52
CA GLU B 14 18.02 30.21 -2.50
C GLU B 14 17.24 31.15 -3.45
N VAL B 15 17.24 30.83 -4.73
CA VAL B 15 16.36 31.43 -5.68
C VAL B 15 15.30 30.40 -6.01
N ASN B 16 14.05 30.65 -5.65
CA ASN B 16 13.00 29.65 -5.90
C ASN B 16 11.95 30.14 -6.87
N ASP B 17 10.99 29.28 -7.16
CA ASP B 17 10.04 29.51 -8.24
C ASP B 17 9.14 30.71 -8.05
N ASN B 18 8.91 31.18 -6.83
CA ASN B 18 8.18 32.47 -6.69
C ASN B 18 9.05 33.70 -6.46
N ASP B 19 10.37 33.55 -6.60
CA ASP B 19 11.25 34.71 -6.55
C ASP B 19 11.23 35.42 -7.91
N GLU B 20 11.42 36.72 -7.91
CA GLU B 20 11.63 37.48 -9.12
C GLU B 20 13.10 37.44 -9.39
N ALA B 21 13.49 36.79 -10.49
CA ALA B 21 14.90 36.50 -10.72
C ALA B 21 15.35 36.62 -12.17
N VAL B 22 16.66 36.79 -12.34
CA VAL B 22 17.26 36.76 -13.66
C VAL B 22 18.37 35.72 -13.69
N PHE B 23 18.87 35.46 -14.89
CA PHE B 23 19.92 34.47 -15.06
C PHE B 23 21.02 35.01 -15.96
N CYS B 24 22.27 34.91 -15.54
CA CYS B 24 23.36 35.49 -16.31
C CYS B 24 23.72 34.47 -17.36
N GLU B 25 23.48 34.82 -18.61
CA GLU B 25 23.79 33.94 -19.74
C GLU B 25 25.19 34.20 -20.34
N SER B 26 25.96 35.15 -19.81
CA SER B 26 27.27 35.49 -20.36
C SER B 26 28.44 34.74 -19.73
N GLY B 27 28.21 33.80 -18.83
CA GLY B 27 29.33 33.00 -18.36
C GLY B 27 29.32 32.44 -16.97
N CYS B 28 28.97 33.25 -15.96
CA CYS B 28 28.99 32.74 -14.59
C CYS B 28 27.92 31.67 -14.30
N ASN B 29 26.85 31.65 -15.09
CA ASN B 29 25.76 30.68 -14.92
C ASN B 29 25.04 30.72 -13.57
N PHE B 30 25.03 31.89 -12.94
CA PHE B 30 24.30 32.08 -11.70
C PHE B 30 22.91 32.68 -11.94
N PHE B 31 21.94 32.18 -11.19
CA PHE B 31 20.71 32.92 -10.99
C PHE B 31 20.94 34.02 -9.97
N PHE B 32 20.12 35.05 -10.03
CA PHE B 32 20.18 36.18 -9.11
C PHE B 32 18.77 36.66 -8.82
N HIS B 33 18.55 37.10 -7.59
CA HIS B 33 17.33 37.83 -7.25
C HIS B 33 17.38 39.18 -7.94
N ARG B 34 16.26 39.62 -8.46
CA ARG B 34 16.20 40.90 -9.13
C ARG B 34 16.66 42.05 -8.23
N THR B 35 16.11 42.02 -7.03
CA THR B 35 16.43 42.94 -6.01
C THR B 35 17.93 43.04 -5.67
N CYS B 36 18.61 41.90 -5.57
CA CYS B 36 20.03 41.86 -5.20
C CYS B 36 20.94 42.52 -6.22
N VAL B 37 20.51 42.58 -7.47
CA VAL B 37 21.39 43.13 -8.52
C VAL B 37 21.04 44.57 -8.89
N GLY B 38 19.93 45.08 -8.35
CA GLY B 38 19.58 46.50 -8.50
C GLY B 38 18.72 46.82 -9.71
N LEU B 39 18.02 45.82 -10.19
CA LEU B 39 17.17 45.97 -11.34
C LEU B 39 15.85 46.56 -10.85
N THR B 40 15.38 47.60 -11.51
CA THR B 40 14.09 48.20 -11.17
C THR B 40 12.99 47.30 -11.62
N GLU B 41 11.80 47.49 -11.05
CA GLU B 41 10.67 46.66 -11.42
C GLU B 41 10.37 46.75 -12.90
N ALA B 42 10.53 47.96 -13.44
CA ALA B 42 10.23 48.21 -14.85
C ALA B 42 11.27 47.59 -15.80
N ALA B 43 12.55 47.72 -15.45
CA ALA B 43 13.61 47.10 -16.21
C ALA B 43 13.43 45.58 -16.26
N PHE B 44 13.06 44.99 -15.13
CA PHE B 44 12.82 43.54 -15.03
C PHE B 44 11.69 43.09 -15.97
N GLN B 45 10.59 43.85 -15.98
CA GLN B 45 9.42 43.52 -16.80
C GLN B 45 9.75 43.64 -18.26
N MET B 46 10.55 44.63 -18.60
CA MET B 46 10.91 44.86 -19.97
C MET B 46 11.93 43.84 -20.48
N LEU B 47 12.93 43.50 -19.67
CA LEU B 47 13.82 42.44 -20.07
C LEU B 47 13.02 41.18 -20.33
N ASN B 48 12.15 40.83 -19.42
CA ASN B 48 11.44 39.57 -19.55
C ASN B 48 10.51 39.51 -20.75
N LYS B 49 10.01 40.67 -21.14
CA LYS B 49 8.96 40.77 -22.13
C LYS B 49 9.53 40.81 -23.53
N GLU B 50 10.77 41.28 -23.65
CA GLU B 50 11.44 41.43 -24.93
C GLU B 50 12.29 40.19 -25.26
N VAL B 51 11.79 39.38 -26.19
CA VAL B 51 12.44 38.12 -26.55
C VAL B 51 13.88 38.32 -27.07
N PHE B 52 14.19 39.49 -27.63
CA PHE B 52 15.54 39.75 -28.11
C PHE B 52 16.52 40.21 -27.04
N ALA B 53 16.04 40.38 -25.81
CA ALA B 53 16.88 40.95 -24.74
C ALA B 53 17.41 39.87 -23.79
N GLU B 54 18.57 40.12 -23.23
CA GLU B 54 19.23 39.15 -22.35
C GLU B 54 20.01 39.98 -21.32
N TRP B 55 20.06 39.51 -20.09
CA TRP B 55 20.74 40.19 -19.00
C TRP B 55 22.12 39.60 -18.72
N CYS B 56 23.00 40.42 -18.13
CA CYS B 56 24.36 40.04 -17.79
C CYS B 56 24.79 40.67 -16.45
N CYS B 57 25.46 39.90 -15.59
CA CYS B 57 25.89 40.41 -14.27
C CYS B 57 27.07 41.34 -14.44
N ASP B 58 27.41 42.08 -13.40
CA ASP B 58 28.50 43.08 -13.49
C ASP B 58 29.86 42.42 -13.70
N LYS B 59 30.11 41.32 -13.02
CA LYS B 59 31.39 40.59 -13.18
C LYS B 59 31.61 40.09 -14.59
N CYS B 60 30.57 39.61 -15.24
CA CYS B 60 30.74 39.05 -16.56
C CYS B 60 30.85 40.09 -17.68
N VAL B 61 30.41 41.32 -17.43
CA VAL B 61 30.48 42.37 -18.45
C VAL B 61 31.91 42.49 -19.00
N SER B 62 32.89 42.57 -18.09
CA SER B 62 34.32 42.36 -18.42
C SER B 62 34.87 41.26 -17.51
N GLY C 1 -59.43 17.74 35.96
CA GLY C 1 -58.82 17.08 37.15
C GLY C 1 -57.33 16.78 37.02
N ALA C 2 -56.82 15.99 37.94
CA ALA C 2 -55.40 15.81 38.11
C ALA C 2 -54.87 14.76 37.14
N MET C 3 -53.60 14.91 36.75
CA MET C 3 -52.99 14.05 35.74
C MET C 3 -51.71 13.45 36.28
N ALA C 4 -51.41 12.25 35.83
CA ALA C 4 -50.26 11.48 36.31
C ALA C 4 -48.93 12.02 35.82
N ASN C 5 -48.98 12.90 34.83
CA ASN C 5 -47.78 13.46 34.24
C ASN C 5 -48.06 14.74 33.45
N HIS C 6 -47.00 15.41 33.03
CA HIS C 6 -47.10 16.55 32.11
C HIS C 6 -46.50 16.21 30.74
N ILE C 7 -46.02 14.99 30.59
CA ILE C 7 -45.57 14.49 29.29
C ILE C 7 -46.19 13.13 29.05
N PHE C 8 -46.90 13.00 27.95
CA PHE C 8 -47.41 11.71 27.47
C PHE C 8 -46.75 11.42 26.14
N VAL C 9 -46.10 10.27 26.07
CA VAL C 9 -45.25 9.91 24.94
C VAL C 9 -46.04 9.08 23.97
N PHE C 10 -46.02 9.46 22.69
CA PHE C 10 -46.71 8.72 21.66
C PHE C 10 -45.73 8.23 20.62
N SER C 11 -45.78 6.93 20.34
CA SER C 11 -45.15 6.43 19.12
C SER C 11 -46.00 6.87 17.92
N THR C 12 -45.49 6.70 16.72
CA THR C 12 -46.29 6.97 15.53
C THR C 12 -47.61 6.18 15.56
N GLN C 13 -47.52 4.89 15.85
CA GLN C 13 -48.68 4.00 15.86
C GLN C 13 -49.73 4.50 16.85
N LEU C 14 -49.28 4.76 18.06
CA LEU C 14 -50.16 5.27 19.08
C LEU C 14 -50.79 6.65 18.71
N ALA C 15 -50.01 7.56 18.13
CA ALA C 15 -50.54 8.86 17.76
C ALA C 15 -51.57 8.72 16.67
N ASN C 16 -51.30 7.83 15.73
CA ASN C 16 -52.25 7.53 14.64
C ASN C 16 -53.58 6.95 15.14
N LYS C 17 -53.52 5.97 16.03
CA LYS C 17 -54.73 5.43 16.64
C LYS C 17 -55.48 6.45 17.49
N GLY C 18 -54.75 7.21 18.29
CA GLY C 18 -55.36 8.25 19.10
C GLY C 18 -56.11 9.26 18.24
N ALA C 19 -55.52 9.68 17.12
CA ALA C 19 -56.15 10.67 16.26
C ALA C 19 -57.43 10.13 15.63
N GLU C 20 -57.42 8.85 15.27
CA GLU C 20 -58.62 8.14 14.81
C GLU C 20 -59.73 8.21 15.87
N SER C 21 -59.37 7.89 17.11
CA SER C 21 -60.25 8.04 18.27
C SER C 21 -60.91 9.40 18.45
N VAL C 22 -60.16 10.47 18.17
CA VAL C 22 -60.70 11.82 18.33
C VAL C 22 -61.62 12.17 17.19
N LEU C 23 -61.25 11.79 15.96
CA LEU C 23 -62.10 12.00 14.77
C LEU C 23 -63.38 11.15 14.81
N SER C 24 -63.32 9.96 15.42
CA SER C 24 -64.49 9.14 15.74
C SER C 24 -65.49 9.79 16.69
N GLY C 25 -65.02 10.71 17.52
CA GLY C 25 -65.81 11.25 18.62
C GLY C 25 -65.65 10.47 19.92
N GLN C 26 -64.94 9.34 19.91
CA GLN C 26 -64.75 8.55 21.14
C GLN C 26 -64.06 9.32 22.26
N PHE C 27 -63.07 10.15 21.91
CA PHE C 27 -62.36 10.96 22.89
C PHE C 27 -62.24 12.39 22.38
N GLN C 28 -61.94 13.31 23.30
CA GLN C 28 -61.84 14.72 22.94
C GLN C 28 -60.44 15.07 22.51
N THR C 29 -59.46 14.42 23.14
CA THR C 29 -58.03 14.67 22.90
C THR C 29 -57.27 13.36 22.87
N ILE C 30 -56.12 13.36 22.20
CA ILE C 30 -55.26 12.18 22.21
C ILE C 30 -54.71 11.89 23.60
N ILE C 31 -54.68 12.88 24.48
CA ILE C 31 -54.25 12.68 25.86
C ILE C 31 -55.27 11.79 26.58
N ALA C 32 -56.55 12.10 26.42
CA ALA C 32 -57.60 11.28 26.98
C ALA C 32 -57.46 9.81 26.52
N TYR C 33 -57.16 9.64 25.24
CA TYR C 33 -56.97 8.29 24.67
C TYR C 33 -55.79 7.58 25.31
N HIS C 34 -54.70 8.31 25.50
CA HIS C 34 -53.48 7.76 26.06
C HIS C 34 -53.72 7.22 27.46
N CYS C 35 -54.50 7.94 28.27
CA CYS C 35 -54.77 7.58 29.66
C CYS C 35 -55.49 6.25 29.83
N THR C 36 -56.19 5.83 28.79
CA THR C 36 -56.85 4.52 28.75
C THR C 36 -56.04 3.51 27.91
N GLN C 37 -54.71 3.55 27.97
CA GLN C 37 -53.88 2.46 27.37
C GLN C 37 -53.48 2.60 25.83
N GLY D 1 -22.15 29.80 17.49
CA GLY D 1 -22.92 28.88 16.59
C GLY D 1 -22.14 28.52 15.35
N ALA D 2 -22.65 27.52 14.67
CA ALA D 2 -22.01 27.01 13.47
C ALA D 2 -23.10 26.62 12.50
N MET D 3 -22.90 26.93 11.23
CA MET D 3 -23.91 26.63 10.23
C MET D 3 -24.10 25.13 10.06
N ALA D 4 -25.33 24.68 10.21
CA ALA D 4 -25.61 23.26 10.25
C ALA D 4 -26.84 22.89 9.45
N ILE D 5 -26.92 21.60 9.15
CA ILE D 5 -28.04 20.98 8.47
C ILE D 5 -28.50 19.85 9.39
N TYR D 6 -29.81 19.68 9.55
CA TYR D 6 -30.34 18.69 10.47
C TYR D 6 -30.98 17.57 9.67
N PRO D 7 -30.32 16.42 9.59
CA PRO D 7 -30.85 15.37 8.78
C PRO D 7 -31.93 14.55 9.44
N CYS D 8 -32.91 14.12 8.64
CA CYS D 8 -33.98 13.26 9.08
C CYS D 8 -33.38 11.97 9.56
N GLY D 9 -33.86 11.47 10.69
CA GLY D 9 -33.34 10.20 11.21
C GLY D 9 -33.65 8.97 10.38
N MET D 10 -34.61 9.08 9.47
CA MET D 10 -34.97 7.99 8.59
C MET D 10 -34.28 8.12 7.25
N CYS D 11 -34.56 9.20 6.51
CA CYS D 11 -34.09 9.32 5.14
C CYS D 11 -32.75 10.03 5.02
N HIS D 12 -32.29 10.64 6.10
CA HIS D 12 -30.98 11.31 6.16
C HIS D 12 -30.86 12.55 5.29
N LYS D 13 -31.97 13.01 4.73
CA LYS D 13 -31.98 14.27 4.02
C LYS D 13 -32.35 15.43 4.94
N GLU D 14 -32.07 16.63 4.46
CA GLU D 14 -32.29 17.87 5.19
C GLU D 14 -33.73 18.02 5.67
N VAL D 15 -33.89 18.42 6.92
CA VAL D 15 -35.16 18.88 7.46
C VAL D 15 -35.07 20.37 7.57
N ASN D 16 -35.84 21.09 6.77
CA ASN D 16 -35.75 22.54 6.78
C ASN D 16 -37.03 23.20 7.28
N ASP D 17 -37.00 24.53 7.37
CA ASP D 17 -38.05 25.27 8.02
C ASP D 17 -39.44 25.12 7.41
N ASN D 18 -39.55 24.80 6.12
CA ASN D 18 -40.89 24.53 5.56
C ASN D 18 -41.25 23.05 5.46
N ASP D 19 -40.44 22.18 6.04
CA ASP D 19 -40.83 20.78 6.14
C ASP D 19 -41.82 20.60 7.31
N GLU D 20 -42.70 19.62 7.19
CA GLU D 20 -43.53 19.21 8.30
C GLU D 20 -42.74 18.14 9.04
N ALA D 21 -42.36 18.44 10.29
CA ALA D 21 -41.38 17.60 11.01
C ALA D 21 -41.66 17.44 12.49
N VAL D 22 -41.12 16.36 13.05
CA VAL D 22 -41.20 16.13 14.46
C VAL D 22 -39.79 15.94 14.99
N PHE D 23 -39.66 15.89 16.31
CA PHE D 23 -38.39 15.77 16.95
C PHE D 23 -38.46 14.71 18.04
N CYS D 24 -37.53 13.76 18.05
CA CYS D 24 -37.58 12.70 19.06
C CYS D 24 -36.92 13.22 20.33
N GLU D 25 -37.72 13.36 21.39
CA GLU D 25 -37.22 13.84 22.67
C GLU D 25 -36.82 12.74 23.64
N SER D 26 -36.97 11.50 23.24
CA SER D 26 -36.64 10.38 24.12
C SER D 26 -35.20 9.87 24.01
N GLY D 27 -34.32 10.54 23.27
CA GLY D 27 -32.92 10.10 23.29
C GLY D 27 -32.07 10.26 22.06
N CYS D 28 -32.57 9.88 20.88
CA CYS D 28 -31.74 9.96 19.67
C CYS D 28 -31.45 11.40 19.23
N ASN D 29 -32.30 12.34 19.64
CA ASN D 29 -32.15 13.76 19.26
C ASN D 29 -32.15 14.07 17.77
N PHE D 30 -32.85 13.25 17.01
CA PHE D 30 -33.00 13.48 15.57
C PHE D 30 -34.32 14.18 15.26
N PHE D 31 -34.27 15.08 14.28
CA PHE D 31 -35.47 15.52 13.61
C PHE D 31 -35.87 14.49 12.58
N PHE D 32 -37.15 14.44 12.24
CA PHE D 32 -37.68 13.52 11.24
C PHE D 32 -38.74 14.22 10.43
N HIS D 33 -38.82 13.92 9.13
CA HIS D 33 -39.95 14.34 8.31
C HIS D 33 -41.18 13.55 8.78
N ARG D 34 -42.31 14.23 8.85
CA ARG D 34 -43.55 13.58 9.28
C ARG D 34 -43.89 12.35 8.42
N THR D 35 -43.79 12.58 7.14
CA THR D 35 -43.94 11.57 6.14
C THR D 35 -43.06 10.33 6.23
N CYS D 36 -41.77 10.52 6.49
CA CYS D 36 -40.82 9.41 6.65
C CYS D 36 -41.16 8.48 7.81
N VAL D 37 -41.84 8.97 8.84
CA VAL D 37 -42.09 8.14 10.04
C VAL D 37 -43.49 7.53 10.05
N GLY D 38 -44.34 7.95 9.10
CA GLY D 38 -45.66 7.35 8.92
C GLY D 38 -46.76 7.99 9.74
N LEU D 39 -46.55 9.24 10.12
CA LEU D 39 -47.51 9.98 10.94
C LEU D 39 -48.58 10.54 9.99
N THR D 40 -49.86 10.32 10.31
CA THR D 40 -50.94 10.86 9.49
C THR D 40 -51.03 12.35 9.70
N GLU D 41 -51.66 13.05 8.76
CA GLU D 41 -51.77 14.49 8.85
C GLU D 41 -52.49 14.88 10.13
N ALA D 42 -53.47 14.09 10.51
CA ALA D 42 -54.26 14.36 11.71
C ALA D 42 -53.48 14.11 13.00
N ALA D 43 -52.74 13.00 13.05
CA ALA D 43 -51.90 12.70 14.21
C ALA D 43 -50.86 13.80 14.42
N PHE D 44 -50.28 14.28 13.32
CA PHE D 44 -49.31 15.38 13.38
C PHE D 44 -49.90 16.66 13.95
N GLN D 45 -51.10 17.02 13.50
CA GLN D 45 -51.78 18.22 13.98
C GLN D 45 -52.12 18.12 15.45
N MET D 46 -52.51 16.93 15.87
CA MET D 46 -52.92 16.70 17.24
C MET D 46 -51.71 16.66 18.18
N LEU D 47 -50.62 16.03 17.78
CA LEU D 47 -49.39 16.10 18.57
C LEU D 47 -48.95 17.53 18.75
N ASN D 48 -48.93 18.28 17.67
CA ASN D 48 -48.47 19.64 17.74
C ASN D 48 -49.33 20.54 18.60
N LYS D 49 -50.61 20.24 18.66
CA LYS D 49 -51.60 21.13 19.26
C LYS D 49 -51.70 20.91 20.77
N GLU D 50 -51.36 19.71 21.21
CA GLU D 50 -51.45 19.29 22.62
C GLU D 50 -50.16 19.47 23.36
N VAL D 51 -50.09 20.49 24.20
CA VAL D 51 -48.87 20.87 24.89
C VAL D 51 -48.36 19.74 25.80
N PHE D 52 -49.24 18.87 26.27
CA PHE D 52 -48.80 17.73 27.08
C PHE D 52 -48.27 16.53 26.29
N ALA D 53 -48.32 16.59 24.97
CA ALA D 53 -47.98 15.40 24.15
C ALA D 53 -46.60 15.53 23.59
N GLU D 54 -45.95 14.40 23.40
CA GLU D 54 -44.59 14.37 22.91
C GLU D 54 -44.44 13.11 22.05
N TRP D 55 -43.67 13.22 20.97
CA TRP D 55 -43.48 12.12 20.04
C TRP D 55 -42.12 11.42 20.27
N CYS D 56 -42.07 10.15 19.89
CA CYS D 56 -40.91 9.29 20.08
C CYS D 56 -40.73 8.35 18.87
N CYS D 57 -39.49 8.21 18.40
CA CYS D 57 -39.20 7.37 17.23
C CYS D 57 -39.26 5.91 17.63
N ASP D 58 -39.32 5.03 16.65
CA ASP D 58 -39.47 3.60 16.93
C ASP D 58 -38.26 2.98 17.63
N LYS D 59 -37.05 3.38 17.24
CA LYS D 59 -35.83 2.93 17.90
C LYS D 59 -35.75 3.31 19.38
N CYS D 60 -36.21 4.50 19.74
CA CYS D 60 -36.12 4.94 21.13
C CYS D 60 -37.21 4.37 22.04
N VAL D 61 -38.30 3.87 21.48
CA VAL D 61 -39.38 3.27 22.30
C VAL D 61 -38.83 2.17 23.25
N SER D 62 -38.03 1.25 22.70
CA SER D 62 -37.16 0.37 23.49
C SER D 62 -35.72 0.47 22.99
N ALA E 2 6.62 41.70 23.50
CA ALA E 2 5.21 42.23 23.57
C ALA E 2 4.56 42.24 22.21
N MET E 3 3.25 42.02 22.16
CA MET E 3 2.54 41.88 20.89
C MET E 3 1.32 42.76 20.85
N ALA E 4 0.97 43.19 19.64
CA ALA E 4 -0.14 44.13 19.44
C ALA E 4 -1.51 43.49 19.61
N ASN E 5 -1.54 42.16 19.65
CA ASN E 5 -2.80 41.43 19.73
C ASN E 5 -2.59 40.00 20.20
N HIS E 6 -3.68 39.32 20.50
CA HIS E 6 -3.66 37.87 20.78
C HIS E 6 -4.34 37.07 19.67
N ILE E 7 -4.82 37.75 18.65
CA ILE E 7 -5.40 37.10 17.49
C ILE E 7 -4.81 37.75 16.26
N PHE E 8 -4.22 36.93 15.39
CA PHE E 8 -3.76 37.38 14.09
C PHE E 8 -4.52 36.58 13.05
N VAL E 9 -5.17 37.32 12.16
CA VAL E 9 -6.09 36.72 11.20
C VAL E 9 -5.37 36.48 9.87
N PHE E 10 -5.48 35.27 9.36
CA PHE E 10 -4.86 34.91 8.08
C PHE E 10 -5.91 34.48 7.07
N SER E 11 -5.88 35.08 5.89
CA SER E 11 -6.60 34.51 4.77
C SER E 11 -5.83 33.27 4.30
N THR E 12 -6.42 32.48 3.42
CA THR E 12 -5.72 31.35 2.84
C THR E 12 -4.41 31.78 2.17
N GLN E 13 -4.48 32.85 1.38
CA GLN E 13 -3.32 33.36 0.68
C GLN E 13 -2.21 33.77 1.64
N LEU E 14 -2.57 34.55 2.65
CA LEU E 14 -1.61 34.97 3.65
C LEU E 14 -1.00 33.79 4.45
N ALA E 15 -1.81 32.81 4.79
CA ALA E 15 -1.31 31.65 5.53
C ALA E 15 -0.34 30.87 4.67
N ASN E 16 -0.68 30.73 3.39
CA ASN E 16 0.18 30.02 2.46
C ASN E 16 1.54 30.71 2.27
N LYS E 17 1.54 32.02 2.10
CA LYS E 17 2.79 32.78 2.01
C LYS E 17 3.60 32.73 3.29
N GLY E 18 2.94 32.90 4.42
CA GLY E 18 3.61 32.82 5.71
C GLY E 18 4.30 31.49 5.90
N ALA E 19 3.64 30.40 5.54
CA ALA E 19 4.20 29.07 5.71
C ALA E 19 5.44 28.87 4.83
N GLU E 20 5.40 29.41 3.62
CA GLU E 20 6.56 29.44 2.73
C GLU E 20 7.73 30.15 3.40
N SER E 21 7.46 31.32 3.96
CA SER E 21 8.42 32.08 4.77
C SER E 21 9.09 31.30 5.88
N VAL E 22 8.34 30.44 6.53
CA VAL E 22 8.89 29.69 7.66
C VAL E 22 9.76 28.55 7.15
N LEU E 23 9.31 27.89 6.09
CA LEU E 23 10.05 26.80 5.48
C LEU E 23 11.33 27.30 4.80
N SER E 24 11.29 28.52 4.28
CA SER E 24 12.48 29.24 3.80
C SER E 24 13.54 29.50 4.86
N GLY E 25 13.14 29.56 6.12
CA GLY E 25 14.00 30.02 7.20
C GLY E 25 13.94 31.53 7.43
N GLN E 26 13.25 32.28 6.57
CA GLN E 26 13.14 33.71 6.74
C GLN E 26 12.47 34.15 8.10
N PHE E 27 11.48 33.39 8.57
CA PHE E 27 10.85 33.66 9.86
C PHE E 27 10.70 32.37 10.63
N GLN E 28 10.47 32.50 11.93
CA GLN E 28 10.35 31.34 12.77
C GLN E 28 8.91 30.83 12.89
N THR E 29 7.97 31.76 12.84
CA THR E 29 6.55 31.46 12.93
C THR E 29 5.80 32.31 11.92
N ILE E 30 4.61 31.86 11.56
CA ILE E 30 3.74 32.68 10.70
C ILE E 30 3.28 33.96 11.38
N ILE E 31 3.32 33.99 12.72
CA ILE E 31 2.97 35.20 13.46
C ILE E 31 4.02 36.27 13.19
N ALA E 32 5.30 35.89 13.27
CA ALA E 32 6.39 36.81 12.94
C ALA E 32 6.22 37.39 11.54
N TYR E 33 5.83 36.54 10.60
CA TYR E 33 5.58 36.98 9.23
C TYR E 33 4.44 37.99 9.14
N HIS E 34 3.37 37.71 9.87
CA HIS E 34 2.17 38.55 9.86
C HIS E 34 2.51 39.95 10.32
N CYS E 35 3.35 40.07 11.35
CA CYS E 35 3.70 41.36 11.95
C CYS E 35 4.42 42.31 11.02
N THR E 36 5.05 41.76 9.99
CA THR E 36 5.67 42.54 8.92
C THR E 36 4.77 42.62 7.64
N GLN E 37 3.43 42.81 7.86
CA GLN E 37 2.22 42.78 6.90
C GLN E 37 1.87 41.47 6.12
N GLY F 1 -27.85 19.29 22.20
CA GLY F 1 -29.06 19.70 21.46
C GLY F 1 -29.48 18.66 20.48
N ALA F 2 -28.94 18.63 19.26
CA ALA F 2 -29.63 17.99 18.16
C ALA F 2 -28.66 17.49 17.14
N MET F 3 -28.92 16.31 16.61
CA MET F 3 -27.98 15.66 15.71
C MET F 3 -27.88 16.47 14.41
N ALA F 4 -26.66 16.84 14.04
CA ALA F 4 -26.45 17.71 12.93
C ALA F 4 -25.28 17.28 12.08
N ILE F 5 -25.26 17.83 10.86
CA ILE F 5 -24.19 17.66 9.91
C ILE F 5 -23.69 19.07 9.61
N TYR F 6 -22.37 19.26 9.53
CA TYR F 6 -21.79 20.58 9.28
C TYR F 6 -21.20 20.64 7.88
N PRO F 7 -21.88 21.33 6.97
CA PRO F 7 -21.40 21.32 5.61
C PRO F 7 -20.27 22.30 5.39
N CYS F 8 -19.35 21.90 4.51
CA CYS F 8 -18.28 22.75 4.03
C CYS F 8 -18.89 23.99 3.37
N GLY F 9 -18.35 25.16 3.66
CA GLY F 9 -18.82 26.39 3.01
C GLY F 9 -18.53 26.50 1.52
N MET F 10 -17.63 25.68 1.00
CA MET F 10 -17.27 25.63 -0.42
C MET F 10 -18.10 24.57 -1.12
N CYS F 11 -17.88 23.32 -0.76
CA CYS F 11 -18.43 22.19 -1.53
C CYS F 11 -19.77 21.69 -1.01
N HIS F 12 -20.16 22.17 0.15
CA HIS F 12 -21.46 21.83 0.75
C HIS F 12 -21.62 20.38 1.16
N LYS F 13 -20.54 19.62 1.15
CA LYS F 13 -20.58 18.28 1.71
C LYS F 13 -20.16 18.26 3.17
N GLU F 14 -20.46 17.15 3.80
CA GLU F 14 -20.16 16.93 5.22
C GLU F 14 -18.70 17.14 5.58
N VAL F 15 -18.45 17.85 6.69
CA VAL F 15 -17.15 17.93 7.31
C VAL F 15 -17.22 17.08 8.53
N ASN F 16 -16.49 15.97 8.56
CA ASN F 16 -16.58 15.08 9.74
C ASN F 16 -15.27 15.01 10.50
N ASP F 17 -15.27 14.23 11.57
CA ASP F 17 -14.17 14.23 12.52
C ASP F 17 -12.84 13.77 11.97
N ASN F 18 -12.79 12.99 10.90
CA ASN F 18 -11.48 12.69 10.29
C ASN F 18 -11.13 13.52 9.08
N ASP F 19 -11.94 14.54 8.78
CA ASP F 19 -11.57 15.49 7.72
C ASP F 19 -10.54 16.50 8.27
N GLU F 20 -9.66 16.97 7.40
CA GLU F 20 -8.77 18.04 7.74
C GLU F 20 -9.53 19.31 7.42
N ALA F 21 -9.84 20.11 8.45
CA ALA F 21 -10.76 21.22 8.29
C ALA F 21 -10.40 22.45 9.09
N VAL F 22 -10.91 23.59 8.64
CA VAL F 22 -10.77 24.85 9.34
C VAL F 22 -12.13 25.44 9.60
N PHE F 23 -12.17 26.47 10.43
CA PHE F 23 -13.41 27.09 10.78
C PHE F 23 -13.28 28.61 10.66
N CYS F 24 -14.20 29.26 9.95
CA CYS F 24 -14.10 30.70 9.78
C CYS F 24 -14.68 31.38 11.01
N GLU F 25 -13.82 32.04 11.78
CA GLU F 25 -14.24 32.71 13.01
C GLU F 25 -14.62 34.20 12.79
N SER F 26 -14.51 34.70 11.56
CA SER F 26 -14.78 36.12 11.29
C SER F 26 -16.22 36.42 10.89
N GLY F 27 -17.12 35.45 10.92
CA GLY F 27 -18.52 35.80 10.67
C GLY F 27 -19.44 34.78 10.04
N CYS F 28 -19.02 34.12 8.97
CA CYS F 28 -19.92 33.16 8.30
C CYS F 28 -20.23 31.92 9.11
N ASN F 29 -19.37 31.59 10.05
CA ASN F 29 -19.55 30.42 10.91
C ASN F 29 -19.61 29.07 10.19
N PHE F 30 -18.96 28.98 9.05
CA PHE F 30 -18.88 27.72 8.33
C PHE F 30 -17.58 26.98 8.61
N PHE F 31 -17.69 25.66 8.71
CA PHE F 31 -16.52 24.81 8.59
C PHE F 31 -16.19 24.66 7.11
N PHE F 32 -14.93 24.38 6.81
CA PHE F 32 -14.46 24.13 5.45
C PHE F 32 -13.44 23.04 5.43
N HIS F 33 -13.44 22.23 4.39
CA HIS F 33 -12.35 21.28 4.14
C HIS F 33 -11.11 22.09 3.77
N ARG F 34 -9.96 21.69 4.28
CA ARG F 34 -8.72 22.36 3.98
C ARG F 34 -8.46 22.42 2.47
N THR F 35 -8.61 21.27 1.82
CA THR F 35 -8.46 21.09 0.34
C THR F 35 -9.35 22.08 -0.42
N CYS F 36 -10.62 22.24 -0.02
CA CYS F 36 -11.60 23.10 -0.74
C CYS F 36 -11.23 24.57 -0.72
N VAL F 37 -10.48 25.02 0.26
CA VAL F 37 -10.17 26.46 0.35
C VAL F 37 -8.77 26.81 -0.16
N GLY F 38 -7.97 25.77 -0.46
CA GLY F 38 -6.65 25.97 -1.08
C GLY F 38 -5.50 26.16 -0.11
N LEU F 39 -5.68 25.65 1.10
CA LEU F 39 -4.67 25.75 2.13
C LEU F 39 -3.67 24.63 1.91
N THR F 40 -2.39 24.96 1.88
CA THR F 40 -1.34 23.93 1.75
C THR F 40 -1.25 23.13 3.02
N GLU F 41 -0.66 21.95 2.92
CA GLU F 41 -0.52 21.10 4.10
C GLU F 41 0.27 21.79 5.19
N ALA F 42 1.29 22.54 4.79
CA ALA F 42 2.15 23.27 5.73
C ALA F 42 1.45 24.45 6.39
N ALA F 43 0.71 25.22 5.60
CA ALA F 43 -0.08 26.33 6.14
C ALA F 43 -1.10 25.83 7.16
N PHE F 44 -1.74 24.72 6.87
CA PHE F 44 -2.69 24.11 7.77
C PHE F 44 -2.07 23.72 9.10
N GLN F 45 -0.90 23.11 9.06
CA GLN F 45 -0.20 22.65 10.26
C GLN F 45 0.24 23.81 11.08
N MET F 46 0.66 24.87 10.41
CA MET F 46 1.14 26.06 11.11
C MET F 46 -0.01 26.86 11.72
N LEU F 47 -1.12 27.02 11.01
CA LEU F 47 -2.28 27.66 11.62
C LEU F 47 -2.70 26.88 12.86
N ASN F 48 -2.79 25.58 12.75
CA ASN F 48 -3.27 24.80 13.87
C ASN F 48 -2.37 24.86 15.09
N LYS F 49 -1.08 25.03 14.84
CA LYS F 49 -0.06 24.84 15.86
C LYS F 49 0.17 26.12 16.62
N GLU F 50 -0.12 27.24 15.97
CA GLU F 50 0.09 28.57 16.53
C GLU F 50 -1.18 29.11 17.20
N VAL F 51 -1.18 29.09 18.52
CA VAL F 51 -2.35 29.47 19.32
C VAL F 51 -2.79 30.92 19.06
N PHE F 52 -1.87 31.78 18.65
CA PHE F 52 -2.23 33.15 18.31
C PHE F 52 -2.82 33.35 16.90
N ALA F 53 -2.90 32.30 16.11
CA ALA F 53 -3.34 32.42 14.71
C ALA F 53 -4.79 31.98 14.53
N GLU F 54 -5.46 32.56 13.57
CA GLU F 54 -6.85 32.26 13.29
C GLU F 54 -7.04 32.42 11.78
N TRP F 55 -7.87 31.56 11.20
CA TRP F 55 -8.15 31.57 9.75
C TRP F 55 -9.48 32.27 9.42
N CYS F 56 -9.55 32.78 8.19
CA CYS F 56 -10.72 33.53 7.69
C CYS F 56 -10.98 33.21 6.21
N CYS F 57 -12.24 32.98 5.85
CA CYS F 57 -12.58 32.63 4.46
C CYS F 57 -12.49 33.87 3.59
N ASP F 58 -12.50 33.70 2.28
CA ASP F 58 -12.35 34.82 1.34
C ASP F 58 -13.53 35.79 1.38
N LYS F 59 -14.76 35.28 1.48
CA LYS F 59 -15.93 36.14 1.60
C LYS F 59 -15.93 37.03 2.85
N CYS F 60 -15.46 36.52 3.98
CA CYS F 60 -15.47 37.32 5.21
C CYS F 60 -14.36 38.36 5.25
N VAL F 61 -13.36 38.23 4.39
CA VAL F 61 -12.34 39.26 4.22
C VAL F 61 -12.97 40.53 3.63
N GLY G 1 1.27 -24.74 21.48
CA GLY G 1 0.44 -23.74 20.75
C GLY G 1 -0.50 -24.35 19.72
N ALA G 2 -1.03 -23.49 18.86
CA ALA G 2 -1.96 -23.90 17.87
C ALA G 2 -1.22 -24.51 16.73
N MET G 3 -1.87 -25.43 16.02
CA MET G 3 -1.25 -26.15 14.91
C MET G 3 -2.11 -26.08 13.64
N ALA G 4 -1.45 -26.11 12.48
CA ALA G 4 -2.12 -25.98 11.19
C ALA G 4 -2.90 -27.22 10.77
N ASN G 5 -2.68 -28.32 11.47
CA ASN G 5 -3.34 -29.57 11.14
C ASN G 5 -3.28 -30.56 12.31
N HIS G 6 -4.03 -31.65 12.18
CA HIS G 6 -3.97 -32.76 13.14
C HIS G 6 -3.37 -33.99 12.51
N ILE G 7 -3.00 -33.88 11.25
CA ILE G 7 -2.29 -34.96 10.57
C ILE G 7 -1.07 -34.30 9.89
N PHE G 8 0.12 -34.78 10.19
CA PHE G 8 1.34 -34.42 9.45
C PHE G 8 1.87 -35.67 8.77
N VAL G 9 2.04 -35.57 7.44
CA VAL G 9 2.37 -36.73 6.61
C VAL G 9 3.86 -36.80 6.37
N PHE G 10 4.45 -37.96 6.64
CA PHE G 10 5.88 -38.13 6.47
C PHE G 10 6.14 -39.23 5.46
N SER G 11 6.96 -38.92 4.46
CA SER G 11 7.55 -39.98 3.65
C SER G 11 8.62 -40.68 4.48
N THR G 12 9.12 -41.81 4.01
CA THR G 12 10.23 -42.47 4.69
C THR G 12 11.43 -41.52 4.86
N GLN G 13 11.79 -40.85 3.77
CA GLN G 13 12.90 -39.93 3.79
C GLN G 13 12.72 -38.82 4.83
N LEU G 14 11.55 -38.18 4.80
CA LEU G 14 11.23 -37.13 5.76
C LEU G 14 11.18 -37.62 7.22
N ALA G 15 10.63 -38.80 7.46
CA ALA G 15 10.64 -39.38 8.82
C ALA G 15 12.06 -39.68 9.32
N ASN G 16 12.90 -40.21 8.42
CA ASN G 16 14.30 -40.47 8.73
C ASN G 16 15.11 -39.21 9.07
N LYS G 17 14.96 -38.16 8.27
CA LYS G 17 15.59 -36.87 8.57
C LYS G 17 15.06 -36.22 9.85
N GLY G 18 13.75 -36.24 10.05
CA GLY G 18 13.15 -35.73 11.27
C GLY G 18 13.69 -36.42 12.50
N ALA G 19 13.83 -37.75 12.45
CA ALA G 19 14.30 -38.50 13.61
C ALA G 19 15.75 -38.16 13.93
N GLU G 20 16.55 -37.95 12.88
CA GLU G 20 17.94 -37.45 13.03
C GLU G 20 17.97 -36.12 13.77
N SER G 21 17.12 -35.20 13.33
CA SER G 21 16.89 -33.92 14.01
C SER G 21 16.57 -34.00 15.50
N VAL G 22 15.79 -34.99 15.89
CA VAL G 22 15.39 -35.11 17.28
C VAL G 22 16.52 -35.70 18.10
N LEU G 23 17.21 -36.70 17.56
CA LEU G 23 18.40 -37.29 18.20
C LEU G 23 19.57 -36.29 18.30
N SER G 24 19.70 -35.40 17.31
CA SER G 24 20.62 -34.25 17.36
C SER G 24 20.36 -33.25 18.47
N GLY G 25 19.11 -33.18 18.94
CA GLY G 25 18.69 -32.17 19.91
C GLY G 25 18.14 -30.94 19.23
N GLN G 26 18.24 -30.85 17.91
CA GLN G 26 17.71 -29.67 17.19
C GLN G 26 16.22 -29.43 17.44
N PHE G 27 15.43 -30.51 17.51
CA PHE G 27 14.00 -30.40 17.73
C PHE G 27 13.59 -31.40 18.77
N GLN G 28 12.40 -31.17 19.35
CA GLN G 28 11.90 -32.07 20.40
C GLN G 28 11.09 -33.23 19.84
N THR G 29 10.38 -32.98 18.75
CA THR G 29 9.55 -33.96 18.08
C THR G 29 9.70 -33.84 16.58
N ILE G 30 9.39 -34.93 15.88
CA ILE G 30 9.38 -34.89 14.42
C ILE G 30 8.32 -33.94 13.88
N ILE G 31 7.29 -33.65 14.69
CA ILE G 31 6.24 -32.73 14.28
C ILE G 31 6.84 -31.32 14.18
N ALA G 32 7.63 -30.94 15.20
CA ALA G 32 8.32 -29.65 15.18
C ALA G 32 9.19 -29.50 13.93
N TYR G 33 9.88 -30.59 13.58
CA TYR G 33 10.71 -30.62 12.38
C TYR G 33 9.90 -30.45 11.11
N HIS G 34 8.77 -31.13 11.04
CA HIS G 34 7.87 -31.07 9.89
C HIS G 34 7.38 -29.62 9.63
N CYS G 35 7.04 -28.90 10.69
CA CYS G 35 6.53 -27.51 10.59
C CYS G 35 7.48 -26.51 9.97
N THR G 36 8.77 -26.80 10.04
CA THR G 36 9.82 -26.02 9.38
C THR G 36 10.32 -26.75 8.11
N GLN G 37 9.44 -27.47 7.42
CA GLN G 37 9.79 -28.25 6.21
C GLN G 37 11.22 -28.78 6.09
N GLY H 1 -16.59 -59.37 8.66
CA GLY H 1 -15.16 -59.58 8.33
C GLY H 1 -14.95 -60.89 7.57
N ALA H 2 -13.75 -61.02 7.03
CA ALA H 2 -13.37 -62.16 6.26
C ALA H 2 -11.93 -62.46 6.55
N MET H 3 -11.58 -63.73 6.68
CA MET H 3 -10.21 -64.12 6.98
C MET H 3 -9.25 -63.76 5.85
N ALA H 4 -8.20 -63.02 6.18
CA ALA H 4 -7.33 -62.44 5.15
C ALA H 4 -5.87 -62.42 5.54
N ILE H 5 -5.04 -62.18 4.53
CA ILE H 5 -3.62 -61.98 4.67
C ILE H 5 -3.34 -60.62 4.04
N TYR H 6 -2.50 -59.83 4.68
CA TYR H 6 -2.25 -58.46 4.21
C TYR H 6 -0.85 -58.38 3.71
N PRO H 7 -0.69 -58.34 2.40
CA PRO H 7 0.67 -58.34 1.88
C PRO H 7 1.34 -56.94 1.94
N CYS H 8 2.66 -56.97 2.15
CA CYS H 8 3.48 -55.79 2.10
C CYS H 8 3.41 -55.21 0.71
N GLY H 9 3.26 -53.89 0.61
CA GLY H 9 3.24 -53.25 -0.69
C GLY H 9 4.56 -53.29 -1.48
N MET H 10 5.66 -53.59 -0.80
CA MET H 10 7.00 -53.69 -1.42
C MET H 10 7.29 -55.14 -1.81
N CYS H 11 7.40 -56.01 -0.81
CA CYS H 11 7.86 -57.38 -1.02
C CYS H 11 6.73 -58.38 -1.31
N HIS H 12 5.48 -57.97 -1.10
CA HIS H 12 4.31 -58.81 -1.34
C HIS H 12 4.17 -60.02 -0.42
N LYS H 13 4.97 -60.11 0.64
CA LYS H 13 4.80 -61.16 1.62
C LYS H 13 3.93 -60.70 2.75
N GLU H 14 3.48 -61.67 3.52
CA GLU H 14 2.58 -61.44 4.64
C GLU H 14 3.13 -60.39 5.61
N VAL H 15 2.27 -59.48 6.06
CA VAL H 15 2.52 -58.63 7.24
C VAL H 15 1.68 -59.16 8.38
N ASN H 16 2.30 -59.68 9.42
CA ASN H 16 1.50 -60.26 10.51
C ASN H 16 1.69 -59.49 11.80
N ASP H 17 0.98 -59.94 12.84
CA ASP H 17 0.89 -59.20 14.08
C ASP H 17 2.20 -59.00 14.83
N ASN H 18 3.20 -59.84 14.66
CA ASN H 18 4.51 -59.51 15.26
C ASN H 18 5.52 -58.86 14.30
N ASP H 19 5.10 -58.48 13.11
CA ASP H 19 5.98 -57.71 12.22
C ASP H 19 5.98 -56.24 12.69
N GLU H 20 7.09 -55.56 12.45
CA GLU H 20 7.16 -54.12 12.64
C GLU H 20 6.73 -53.51 11.32
N ALA H 21 5.58 -52.84 11.34
CA ALA H 21 4.93 -52.41 10.09
C ALA H 21 4.29 -51.02 10.15
N VAL H 22 4.13 -50.42 8.99
CA VAL H 22 3.39 -49.18 8.84
C VAL H 22 2.27 -49.36 7.83
N PHE H 23 1.40 -48.37 7.75
CA PHE H 23 0.26 -48.44 6.87
C PHE H 23 0.16 -47.13 6.09
N CYS H 24 0.05 -47.19 4.76
CA CYS H 24 -0.06 -45.97 3.98
C CYS H 24 -1.51 -45.48 4.02
N GLU H 25 -1.73 -44.33 4.64
CA GLU H 25 -3.06 -43.75 4.71
C GLU H 25 -3.38 -42.76 3.60
N SER H 26 -2.44 -42.52 2.70
CA SER H 26 -2.64 -41.52 1.64
C SER H 26 -3.22 -42.09 0.36
N GLY H 27 -3.63 -43.37 0.34
CA GLY H 27 -4.34 -43.84 -0.85
C GLY H 27 -4.20 -45.28 -1.26
N CYS H 28 -2.99 -45.81 -1.29
CA CYS H 28 -2.80 -47.20 -1.75
C CYS H 28 -3.39 -48.26 -0.80
N ASN H 29 -3.56 -47.90 0.47
CA ASN H 29 -4.11 -48.81 1.47
C ASN H 29 -3.34 -50.10 1.71
N PHE H 30 -2.03 -50.05 1.49
CA PHE H 30 -1.18 -51.19 1.74
C PHE H 30 -0.50 -51.07 3.09
N PHE H 31 -0.38 -52.21 3.76
CA PHE H 31 0.57 -52.34 4.84
C PHE H 31 1.96 -52.54 4.24
N PHE H 32 3.00 -52.19 5.00
CA PHE H 32 4.37 -52.41 4.60
C PHE H 32 5.20 -52.82 5.80
N HIS H 33 6.17 -53.70 5.59
CA HIS H 33 7.20 -53.96 6.60
C HIS H 33 8.08 -52.70 6.72
N ARG H 34 8.45 -52.37 7.94
CA ARG H 34 9.28 -51.19 8.19
C ARG H 34 10.59 -51.24 7.41
N THR H 35 11.18 -52.40 7.51
CA THR H 35 12.38 -52.73 6.81
C THR H 35 12.35 -52.57 5.30
N CYS H 36 11.28 -53.05 4.66
CA CYS H 36 11.13 -52.97 3.21
C CYS H 36 11.08 -51.53 2.69
N VAL H 37 10.66 -50.57 3.51
CA VAL H 37 10.49 -49.19 3.02
C VAL H 37 11.65 -48.28 3.39
N GLY H 38 12.56 -48.79 4.22
CA GLY H 38 13.81 -48.08 4.57
C GLY H 38 13.72 -47.19 5.81
N LEU H 39 12.75 -47.46 6.67
CA LEU H 39 12.47 -46.64 7.83
C LEU H 39 13.45 -47.07 8.91
N THR H 40 14.16 -46.13 9.52
CA THR H 40 15.09 -46.46 10.58
C THR H 40 14.32 -46.84 11.81
N GLU H 41 14.97 -47.54 12.72
CA GLU H 41 14.30 -47.96 13.94
C GLU H 41 13.77 -46.75 14.71
N ALA H 42 14.54 -45.68 14.70
CA ALA H 42 14.19 -44.46 15.43
C ALA H 42 13.01 -43.71 14.78
N ALA H 43 13.03 -43.60 13.45
CA ALA H 43 11.94 -42.99 12.72
C ALA H 43 10.63 -43.75 12.97
N PHE H 44 10.71 -45.08 13.00
CA PHE H 44 9.56 -45.91 13.24
C PHE H 44 8.96 -45.67 14.64
N GLN H 45 9.83 -45.58 15.63
CA GLN H 45 9.38 -45.37 17.02
C GLN H 45 8.75 -44.00 17.19
N MET H 46 9.31 -43.03 16.50
CA MET H 46 8.81 -41.67 16.59
C MET H 46 7.49 -41.50 15.85
N LEU H 47 7.36 -42.08 14.66
CA LEU H 47 6.07 -42.04 13.97
C LEU H 47 5.01 -42.69 14.82
N ASN H 48 5.31 -43.85 15.37
CA ASN H 48 4.31 -44.53 16.16
C ASN H 48 3.87 -43.80 17.43
N LYS H 49 4.80 -43.04 18.00
CA LYS H 49 4.65 -42.45 19.34
C LYS H 49 3.90 -41.13 19.25
N GLU H 50 4.00 -40.47 18.09
CA GLU H 50 3.39 -39.16 17.85
C GLU H 50 2.03 -39.27 17.22
N VAL H 51 0.99 -39.04 18.02
CA VAL H 51 -0.37 -39.20 17.58
C VAL H 51 -0.73 -38.28 16.38
N PHE H 52 -0.05 -37.14 16.23
CA PHE H 52 -0.29 -36.24 15.10
C PHE H 52 0.43 -36.65 13.81
N ALA H 53 1.23 -37.72 13.85
CA ALA H 53 2.06 -38.08 12.68
C ALA H 53 1.45 -39.24 11.91
N GLU H 54 1.69 -39.26 10.62
CA GLU H 54 1.15 -40.28 9.77
C GLU H 54 2.19 -40.52 8.66
N TRP H 55 2.32 -41.77 8.24
CA TRP H 55 3.31 -42.15 7.20
C TRP H 55 2.66 -42.33 5.82
N CYS H 56 3.47 -42.16 4.78
CA CYS H 56 3.05 -42.24 3.39
C CYS H 56 4.11 -42.93 2.53
N CYS H 57 3.71 -43.85 1.66
CA CYS H 57 4.64 -44.58 0.78
C CYS H 57 5.15 -43.65 -0.32
N ASP H 58 6.21 -44.09 -1.02
CA ASP H 58 6.84 -43.25 -2.04
C ASP H 58 5.94 -43.01 -3.26
N LYS H 59 5.21 -44.03 -3.69
CA LYS H 59 4.25 -43.89 -4.78
C LYS H 59 3.12 -42.89 -4.51
N CYS H 60 2.61 -42.88 -3.29
CA CYS H 60 1.49 -41.99 -2.97
C CYS H 60 1.91 -40.54 -2.76
N VAL H 61 3.20 -40.30 -2.58
CA VAL H 61 3.75 -38.93 -2.59
C VAL H 61 3.57 -38.33 -3.98
N GLY I 1 -0.02 -66.62 10.04
CA GLY I 1 -1.29 -67.08 9.40
C GLY I 1 -2.32 -65.98 9.24
N ALA I 2 -3.51 -66.40 8.91
CA ALA I 2 -4.56 -65.48 8.47
C ALA I 2 -5.25 -64.84 9.65
N MET I 3 -5.76 -63.64 9.47
CA MET I 3 -6.40 -62.90 10.57
C MET I 3 -7.80 -62.45 10.19
N ALA I 4 -8.67 -62.36 11.20
CA ALA I 4 -10.09 -62.07 10.98
C ALA I 4 -10.35 -60.61 10.65
N ASN I 5 -9.35 -59.77 10.85
CA ASN I 5 -9.48 -58.35 10.58
C ASN I 5 -8.13 -57.67 10.46
N HIS I 6 -8.14 -56.41 10.03
CA HIS I 6 -6.93 -55.58 9.99
C HIS I 6 -7.01 -54.48 11.03
N ILE I 7 -8.12 -54.45 11.77
CA ILE I 7 -8.28 -53.51 12.85
C ILE I 7 -8.79 -54.28 14.04
N PHE I 8 -8.07 -54.19 15.15
CA PHE I 8 -8.53 -54.72 16.43
C PHE I 8 -8.66 -53.55 17.38
N VAL I 9 -9.87 -53.41 17.95
CA VAL I 9 -10.22 -52.26 18.76
C VAL I 9 -10.04 -52.58 20.24
N PHE I 10 -9.33 -51.71 20.94
CA PHE I 10 -9.05 -51.91 22.34
C PHE I 10 -9.61 -50.75 23.14
N SER I 11 -10.40 -51.06 24.15
CA SER I 11 -10.70 -50.06 25.17
C SER I 11 -9.45 -49.88 26.03
N THR I 12 -9.43 -48.85 26.89
CA THR I 12 -8.31 -48.67 27.81
C THR I 12 -8.09 -49.93 28.65
N GLN I 13 -9.18 -50.47 29.19
CA GLN I 13 -9.11 -51.63 30.05
C GLN I 13 -8.49 -52.83 29.33
N LEU I 14 -9.00 -53.09 28.14
CA LEU I 14 -8.50 -54.17 27.33
C LEU I 14 -7.03 -53.99 26.94
N ALA I 15 -6.63 -52.76 26.59
CA ALA I 15 -5.24 -52.51 26.21
C ALA I 15 -4.31 -52.70 27.40
N ASN I 16 -4.77 -52.27 28.58
CA ASN I 16 -4.02 -52.47 29.81
C ASN I 16 -3.83 -53.96 30.18
N LYS I 17 -4.89 -54.75 30.11
CA LYS I 17 -4.80 -56.20 30.35
C LYS I 17 -3.92 -56.89 29.32
N GLY I 18 -4.10 -56.53 28.05
CA GLY I 18 -3.29 -57.12 26.99
C GLY I 18 -1.82 -56.86 27.19
N ALA I 19 -1.46 -55.65 27.59
CA ALA I 19 -0.05 -55.32 27.80
C ALA I 19 0.53 -56.11 28.98
N GLU I 20 -0.27 -56.32 30.02
CA GLU I 20 0.11 -57.18 31.15
C GLU I 20 0.45 -58.59 30.64
N SER I 21 -0.44 -59.13 29.81
CA SER I 21 -0.25 -60.42 29.14
C SER I 21 1.03 -60.55 28.37
N VAL I 22 1.46 -59.49 27.73
CA VAL I 22 2.67 -59.54 26.93
C VAL I 22 3.91 -59.48 27.83
N LEU I 23 3.86 -58.63 28.85
CA LEU I 23 4.95 -58.51 29.82
C LEU I 23 5.09 -59.79 30.67
N SER I 24 3.97 -60.47 30.95
CA SER I 24 3.96 -61.81 31.56
C SER I 24 4.69 -62.88 30.76
N GLY I 25 4.78 -62.69 29.44
CA GLY I 25 5.22 -63.73 28.52
C GLY I 25 4.08 -64.61 27.99
N GLN I 26 2.85 -64.46 28.50
CA GLN I 26 1.73 -65.28 28.07
C GLN I 26 1.41 -65.12 26.54
N PHE I 27 1.55 -63.91 25.99
CA PHE I 27 1.35 -63.67 24.56
C PHE I 27 2.49 -62.81 24.02
N GLN I 28 2.66 -62.83 22.71
CA GLN I 28 3.74 -62.09 22.07
C GLN I 28 3.35 -60.65 21.74
N THR I 29 2.07 -60.49 21.40
CA THR I 29 1.50 -59.19 21.05
C THR I 29 0.13 -59.03 21.67
N ILE I 30 -0.30 -57.79 21.82
CA ILE I 30 -1.67 -57.52 22.30
C ILE I 30 -2.72 -57.96 21.29
N ILE I 31 -2.33 -58.11 20.03
CA ILE I 31 -3.24 -58.65 19.00
C ILE I 31 -3.55 -60.13 19.30
N ALA I 32 -2.51 -60.92 19.59
CA ALA I 32 -2.69 -62.31 20.00
C ALA I 32 -3.65 -62.43 21.20
N TYR I 33 -3.49 -61.53 22.16
CA TYR I 33 -4.36 -61.49 23.32
C TYR I 33 -5.80 -61.20 22.93
N HIS I 34 -5.98 -60.23 22.05
CA HIS I 34 -7.30 -59.79 21.63
C HIS I 34 -8.08 -60.96 21.01
N CYS I 35 -7.40 -61.77 20.19
CA CYS I 35 -8.01 -62.90 19.45
C CYS I 35 -8.60 -63.97 20.35
N THR I 36 -8.11 -64.05 21.59
CA THR I 36 -8.65 -64.94 22.60
C THR I 36 -9.50 -64.14 23.62
N GLN I 37 -10.16 -63.09 23.17
CA GLN I 37 -10.93 -62.22 24.07
C GLN I 37 -10.42 -62.19 25.51
N GLY J 1 -5.50 -25.53 5.51
CA GLY J 1 -5.65 -25.73 6.99
C GLY J 1 -6.17 -24.50 7.69
N ALA J 2 -6.47 -24.68 8.96
CA ALA J 2 -6.80 -23.57 9.83
C ALA J 2 -6.14 -23.85 11.15
N MET J 3 -5.54 -22.83 11.75
CA MET J 3 -4.89 -22.98 13.01
C MET J 3 -5.87 -23.39 14.12
N ALA J 4 -5.58 -24.50 14.79
CA ALA J 4 -6.50 -25.07 15.73
C ALA J 4 -5.80 -25.64 16.95
N ILE J 5 -6.61 -25.86 17.98
CA ILE J 5 -6.21 -26.47 19.24
C ILE J 5 -7.11 -27.69 19.37
N TYR J 6 -6.54 -28.80 19.77
CA TYR J 6 -7.31 -30.03 19.87
C TYR J 6 -7.48 -30.40 21.32
N PRO J 7 -8.69 -30.25 21.84
CA PRO J 7 -8.84 -30.51 23.28
C PRO J 7 -9.03 -31.98 23.61
N CYS J 8 -8.50 -32.39 24.76
CA CYS J 8 -8.66 -33.72 25.28
C CYS J 8 -10.13 -33.96 25.50
N GLY J 9 -10.63 -35.12 25.12
CA GLY J 9 -12.02 -35.45 25.36
C GLY J 9 -12.43 -35.63 26.83
N MET J 10 -11.44 -35.80 27.71
CA MET J 10 -11.65 -35.96 29.16
C MET J 10 -11.52 -34.61 29.83
N CYS J 11 -10.32 -34.03 29.81
CA CYS J 11 -10.02 -32.86 30.61
C CYS J 11 -10.26 -31.55 29.87
N HIS J 12 -10.51 -31.62 28.56
CA HIS J 12 -10.77 -30.43 27.73
C HIS J 12 -9.62 -29.44 27.60
N LYS J 13 -8.44 -29.81 28.07
CA LYS J 13 -7.26 -29.00 27.87
C LYS J 13 -6.52 -29.44 26.57
N GLU J 14 -5.65 -28.57 26.10
CA GLU J 14 -4.91 -28.77 24.88
C GLU J 14 -4.15 -30.09 24.87
N VAL J 15 -4.20 -30.78 23.74
CA VAL J 15 -3.30 -31.88 23.44
C VAL J 15 -2.29 -31.40 22.41
N ASN J 16 -1.03 -31.29 22.78
CA ASN J 16 -0.04 -30.75 21.83
C ASN J 16 0.99 -31.80 21.44
N ASP J 17 1.91 -31.42 20.57
CA ASP J 17 2.83 -32.36 19.96
C ASP J 17 3.76 -33.08 20.93
N ASN J 18 4.04 -32.54 22.11
CA ASN J 18 4.85 -33.31 23.10
C ASN J 18 4.03 -33.98 24.19
N ASP J 19 2.71 -33.97 24.06
CA ASP J 19 1.86 -34.77 24.94
C ASP J 19 1.84 -36.23 24.47
N GLU J 20 1.69 -37.15 25.41
CA GLU J 20 1.51 -38.55 25.08
C GLU J 20 0.05 -38.74 24.95
N ALA J 21 -0.41 -39.05 23.73
CA ALA J 21 -1.85 -39.01 23.44
C ALA J 21 -2.33 -40.14 22.56
N VAL J 22 -3.63 -40.40 22.64
CA VAL J 22 -4.29 -41.30 21.71
C VAL J 22 -5.44 -40.59 20.99
N PHE J 23 -6.01 -41.26 20.00
CA PHE J 23 -7.10 -40.70 19.23
C PHE J 23 -8.21 -41.72 19.08
N CYS J 24 -9.45 -41.35 19.38
CA CYS J 24 -10.55 -42.28 19.28
C CYS J 24 -11.02 -42.34 17.84
N GLU J 25 -10.82 -43.49 17.20
CA GLU J 25 -11.24 -43.67 15.81
C GLU J 25 -12.62 -44.27 15.64
N SER J 26 -13.31 -44.57 16.73
CA SER J 26 -14.61 -45.20 16.67
C SER J 26 -15.77 -44.22 16.64
N GLY J 27 -15.54 -42.92 16.54
CA GLY J 27 -16.69 -42.02 16.36
C GLY J 27 -16.64 -40.62 16.93
N CYS J 28 -16.22 -40.45 18.19
CA CYS J 28 -16.21 -39.10 18.80
C CYS J 28 -15.17 -38.18 18.15
N ASN J 29 -14.13 -38.75 17.54
CA ASN J 29 -13.06 -37.96 16.92
C ASN J 29 -12.28 -37.02 17.84
N PHE J 30 -12.18 -37.38 19.11
CA PHE J 30 -11.42 -36.61 20.07
C PHE J 30 -10.03 -37.19 20.26
N PHE J 31 -9.06 -36.31 20.42
CA PHE J 31 -7.77 -36.69 20.98
C PHE J 31 -7.93 -36.74 22.49
N PHE J 32 -7.09 -37.54 23.15
CA PHE J 32 -7.08 -37.67 24.61
C PHE J 32 -5.65 -37.79 25.11
N HIS J 33 -5.37 -37.20 26.26
CA HIS J 33 -4.10 -37.46 26.94
C HIS J 33 -4.12 -38.91 27.44
N ARG J 34 -2.99 -39.59 27.30
CA ARG J 34 -2.89 -40.98 27.75
C ARG J 34 -3.27 -41.15 29.22
N THR J 35 -2.71 -40.27 30.01
CA THR J 35 -2.98 -40.17 31.41
C THR J 35 -4.44 -39.98 31.81
N CYS J 36 -5.14 -39.09 31.14
CA CYS J 36 -6.56 -38.82 31.43
C CYS J 36 -7.47 -40.03 31.24
N VAL J 37 -7.07 -40.97 30.38
CA VAL J 37 -7.95 -42.11 30.06
C VAL J 37 -7.57 -43.39 30.81
N GLY J 38 -6.43 -43.37 31.49
CA GLY J 38 -6.00 -44.46 32.36
C GLY J 38 -5.15 -45.53 31.70
N LEU J 39 -4.51 -45.16 30.61
CA LEU J 39 -3.71 -46.09 29.85
C LEU J 39 -2.34 -46.18 30.50
N THR J 40 -1.85 -47.38 30.78
CA THR J 40 -0.52 -47.56 31.36
C THR J 40 0.51 -47.24 30.34
N GLU J 41 1.71 -46.95 30.80
CA GLU J 41 2.80 -46.61 29.87
C GLU J 41 3.08 -47.74 28.87
N ALA J 42 2.97 -48.97 29.36
CA ALA J 42 3.22 -50.15 28.52
C ALA J 42 2.09 -50.38 27.48
N ALA J 43 0.83 -50.22 27.91
CA ALA J 43 -0.30 -50.33 26.99
C ALA J 43 -0.22 -49.29 25.87
N PHE J 44 0.15 -48.07 26.22
CA PHE J 44 0.34 -47.02 25.27
C PHE J 44 1.43 -47.36 24.23
N GLN J 45 2.57 -47.90 24.69
CA GLN J 45 3.69 -48.22 23.80
C GLN J 45 3.31 -49.36 22.87
N MET J 46 2.55 -50.30 23.38
CA MET J 46 2.13 -51.45 22.60
C MET J 46 1.04 -51.09 21.59
N LEU J 47 0.06 -50.28 21.98
CA LEU J 47 -0.90 -49.79 21.00
C LEU J 47 -0.17 -49.08 19.87
N ASN J 48 0.72 -48.18 20.21
CA ASN J 48 1.39 -47.38 19.18
C ASN J 48 2.25 -48.20 18.23
N LYS J 49 2.78 -49.30 18.74
CA LYS J 49 3.82 -50.07 18.05
C LYS J 49 3.18 -51.09 17.12
N GLU J 50 1.96 -51.51 17.44
CA GLU J 50 1.25 -52.54 16.70
C GLU J 50 0.33 -51.91 15.65
N VAL J 51 0.73 -52.01 14.39
CA VAL J 51 0.02 -51.41 13.27
C VAL J 51 -1.44 -51.93 13.16
N PHE J 52 -1.72 -53.15 13.63
CA PHE J 52 -3.09 -53.70 13.57
C PHE J 52 -3.97 -53.28 14.72
N ALA J 53 -3.43 -52.50 15.66
CA ALA J 53 -4.20 -52.11 16.84
C ALA J 53 -4.73 -50.69 16.75
N GLU J 54 -5.87 -50.46 17.39
CA GLU J 54 -6.53 -49.17 17.39
C GLU J 54 -7.22 -49.01 18.74
N TRP J 55 -7.23 -47.78 19.26
CA TRP J 55 -7.84 -47.51 20.56
C TRP J 55 -9.22 -46.89 20.43
N CYS J 56 -10.03 -47.06 21.49
CA CYS J 56 -11.39 -46.55 21.54
C CYS J 56 -11.72 -46.02 22.95
N CYS J 57 -12.36 -44.85 23.03
CA CYS J 57 -12.74 -44.27 24.32
C CYS J 57 -13.92 -45.04 24.94
N ASP J 58 -14.19 -44.80 26.23
CA ASP J 58 -15.24 -45.54 26.94
C ASP J 58 -16.65 -45.24 26.46
N LYS J 59 -16.93 -43.98 26.16
CA LYS J 59 -18.22 -43.60 25.58
C LYS J 59 -18.54 -44.23 24.22
N CYS J 60 -17.54 -44.36 23.36
CA CYS J 60 -17.78 -44.92 22.03
C CYS J 60 -17.90 -46.46 22.01
N VAL J 61 -17.41 -47.13 23.05
CA VAL J 61 -17.47 -48.61 23.10
C VAL J 61 -18.93 -49.08 22.91
N SER J 62 -19.86 -48.47 23.64
CA SER J 62 -21.29 -48.56 23.37
C SER J 62 -21.85 -47.14 23.25
N GLY K 1 19.75 0.35 -19.17
CA GLY K 1 20.19 -0.99 -19.65
C GLY K 1 21.71 -1.11 -19.69
N ALA K 2 22.16 -2.33 -19.86
CA ALA K 2 23.56 -2.63 -19.90
C ALA K 2 23.78 -3.70 -20.92
N MET K 3 24.83 -3.59 -21.71
CA MET K 3 25.11 -4.55 -22.76
C MET K 3 25.38 -5.94 -22.19
N ALA K 4 24.62 -6.90 -22.66
CA ALA K 4 24.65 -8.23 -22.08
C ALA K 4 24.52 -9.31 -23.15
N ILE K 5 24.88 -10.51 -22.74
CA ILE K 5 24.73 -11.72 -23.52
C ILE K 5 23.86 -12.64 -22.67
N TYR K 6 22.87 -13.30 -23.28
CA TYR K 6 21.93 -14.12 -22.54
C TYR K 6 22.20 -15.58 -22.85
N PRO K 7 22.77 -16.30 -21.90
CA PRO K 7 23.17 -17.65 -22.22
C PRO K 7 22.02 -18.65 -22.08
N CYS K 8 22.04 -19.67 -22.93
CA CYS K 8 21.07 -20.76 -22.89
C CYS K 8 21.21 -21.48 -21.55
N GLY K 9 20.12 -21.81 -20.92
CA GLY K 9 20.18 -22.52 -19.66
C GLY K 9 20.70 -23.96 -19.74
N MET K 10 20.73 -24.53 -20.95
CA MET K 10 21.20 -25.88 -21.22
C MET K 10 22.67 -25.83 -21.63
N CYS K 11 22.94 -25.24 -22.78
CA CYS K 11 24.27 -25.28 -23.38
C CYS K 11 25.20 -24.12 -22.98
N HIS K 12 24.64 -23.09 -22.33
CA HIS K 12 25.40 -21.91 -21.85
C HIS K 12 25.99 -21.05 -22.95
N LYS K 13 25.63 -21.28 -24.20
CA LYS K 13 26.05 -20.40 -25.28
C LYS K 13 25.02 -19.33 -25.52
N GLU K 14 25.45 -18.33 -26.25
CA GLU K 14 24.65 -17.17 -26.53
C GLU K 14 23.30 -17.54 -27.16
N VAL K 15 22.22 -16.90 -26.70
CA VAL K 15 20.95 -16.89 -27.39
C VAL K 15 20.78 -15.52 -28.04
N ASN K 16 20.78 -15.43 -29.36
CA ASN K 16 20.68 -14.12 -30.01
C ASN K 16 19.39 -13.97 -30.81
N ASP K 17 19.23 -12.81 -31.42
CA ASP K 17 17.98 -12.46 -32.02
C ASP K 17 17.58 -13.35 -33.20
N ASN K 18 18.51 -14.01 -33.88
CA ASN K 18 18.09 -14.98 -34.91
C ASN K 18 18.07 -16.46 -34.47
N ASP K 19 18.24 -16.70 -33.19
CA ASP K 19 18.04 -18.04 -32.65
C ASP K 19 16.54 -18.29 -32.43
N GLU K 20 16.13 -19.53 -32.55
CA GLU K 20 14.81 -19.94 -32.19
C GLU K 20 14.87 -20.30 -30.72
N ALA K 21 14.16 -19.56 -29.87
CA ALA K 21 14.34 -19.68 -28.45
C ALA K 21 13.07 -19.51 -27.64
N VAL K 22 13.10 -20.05 -26.42
CA VAL K 22 12.02 -19.90 -25.47
C VAL K 22 12.58 -19.33 -24.18
N PHE K 23 11.68 -18.93 -23.30
CA PHE K 23 12.07 -18.32 -22.06
C PHE K 23 11.30 -18.94 -20.94
N CYS K 24 11.98 -19.36 -19.89
CA CYS K 24 11.29 -19.99 -18.74
C CYS K 24 10.73 -18.92 -17.82
N GLU K 25 9.41 -18.82 -17.75
CA GLU K 25 8.76 -17.79 -16.95
C GLU K 25 8.41 -18.31 -15.54
N SER K 26 8.73 -19.57 -15.24
CA SER K 26 8.37 -20.16 -13.92
C SER K 26 9.46 -20.06 -12.86
N GLY K 27 10.56 -19.32 -13.10
CA GLY K 27 11.47 -19.06 -12.00
C GLY K 27 12.93 -18.91 -12.33
N CYS K 28 13.49 -19.79 -13.15
CA CYS K 28 14.94 -19.72 -13.41
C CYS K 28 15.36 -18.47 -14.23
N ASN K 29 14.41 -17.91 -14.98
CA ASN K 29 14.68 -16.74 -15.80
C ASN K 29 15.75 -16.90 -16.87
N PHE K 30 15.91 -18.12 -17.37
CA PHE K 30 16.85 -18.38 -18.45
C PHE K 30 16.15 -18.42 -19.80
N PHE K 31 16.81 -17.87 -20.81
CA PHE K 31 16.47 -18.18 -22.16
C PHE K 31 17.08 -19.53 -22.51
N PHE K 32 16.50 -20.21 -23.50
CA PHE K 32 16.98 -21.51 -23.97
C PHE K 32 16.80 -21.61 -25.48
N HIS K 33 17.75 -22.25 -26.17
CA HIS K 33 17.57 -22.59 -27.56
C HIS K 33 16.50 -23.65 -27.63
N ARG K 34 15.63 -23.54 -28.62
CA ARG K 34 14.54 -24.50 -28.79
C ARG K 34 15.07 -25.94 -28.90
N THR K 35 16.06 -26.07 -29.74
CA THR K 35 16.77 -27.30 -29.94
C THR K 35 17.37 -27.97 -28.69
N CYS K 36 18.03 -27.18 -27.84
CA CYS K 36 18.64 -27.68 -26.62
C CYS K 36 17.64 -28.29 -25.64
N VAL K 37 16.37 -27.87 -25.69
CA VAL K 37 15.40 -28.37 -24.71
C VAL K 37 14.52 -29.47 -25.25
N GLY K 38 14.62 -29.73 -26.57
CA GLY K 38 13.90 -30.85 -27.21
C GLY K 38 12.52 -30.55 -27.74
N LEU K 39 12.27 -29.27 -28.00
CA LEU K 39 10.97 -28.81 -28.46
C LEU K 39 10.92 -29.03 -29.97
N THR K 40 9.86 -29.65 -30.45
CA THR K 40 9.73 -29.87 -31.89
C THR K 40 9.42 -28.56 -32.55
N GLU K 41 9.65 -28.49 -33.83
CA GLU K 41 9.36 -27.30 -34.59
C GLU K 41 7.88 -26.89 -34.48
N ALA K 42 7.00 -27.89 -34.47
CA ALA K 42 5.58 -27.64 -34.37
C ALA K 42 5.17 -27.15 -32.99
N ALA K 43 5.71 -27.79 -31.94
CA ALA K 43 5.41 -27.37 -30.58
C ALA K 43 5.86 -25.92 -30.35
N PHE K 44 7.02 -25.58 -30.89
CA PHE K 44 7.55 -24.22 -30.79
C PHE K 44 6.62 -23.20 -31.48
N GLN K 45 6.13 -23.52 -32.67
CA GLN K 45 5.24 -22.64 -33.40
C GLN K 45 3.91 -22.45 -32.69
N MET K 46 3.42 -23.53 -32.08
CA MET K 46 2.14 -23.51 -31.40
C MET K 46 2.24 -22.80 -30.06
N LEU K 47 3.31 -23.02 -29.30
CA LEU K 47 3.50 -22.21 -28.10
C LEU K 47 3.56 -20.72 -28.43
N ASN K 48 4.36 -20.36 -29.42
CA ASN K 48 4.51 -18.96 -29.75
C ASN K 48 3.20 -18.30 -30.23
N LYS K 49 2.32 -19.07 -30.83
CA LYS K 49 1.19 -18.53 -31.57
C LYS K 49 0.01 -18.35 -30.62
N GLU K 50 0.00 -19.13 -29.54
CA GLU K 50 -1.09 -19.19 -28.60
C GLU K 50 -0.82 -18.29 -27.44
N VAL K 51 -1.52 -17.17 -27.40
CA VAL K 51 -1.29 -16.15 -26.42
C VAL K 51 -1.53 -16.66 -24.99
N PHE K 52 -2.39 -17.65 -24.83
CA PHE K 52 -2.66 -18.22 -23.49
C PHE K 52 -1.61 -19.23 -23.02
N ALA K 53 -0.63 -19.53 -23.85
CA ALA K 53 0.33 -20.58 -23.52
C ALA K 53 1.66 -20.03 -23.05
N GLU K 54 2.33 -20.76 -22.17
CA GLU K 54 3.61 -20.36 -21.62
C GLU K 54 4.45 -21.66 -21.41
N TRP K 55 5.75 -21.57 -21.67
CA TRP K 55 6.64 -22.69 -21.52
C TRP K 55 7.41 -22.67 -20.18
N CYS K 56 7.87 -23.85 -19.76
CA CYS K 56 8.57 -24.04 -18.50
C CYS K 56 9.68 -25.10 -18.67
N CYS K 57 10.87 -24.83 -18.13
CA CYS K 57 11.99 -25.78 -18.21
C CYS K 57 11.78 -26.95 -17.26
N ASP K 58 12.55 -28.02 -17.44
CA ASP K 58 12.34 -29.26 -16.66
C ASP K 58 12.66 -29.10 -15.17
N LYS K 59 13.72 -28.36 -14.86
CA LYS K 59 14.07 -28.04 -13.46
C LYS K 59 12.97 -27.27 -12.72
N CYS K 60 12.32 -26.31 -13.38
CA CYS K 60 11.34 -25.47 -12.70
C CYS K 60 10.00 -26.17 -12.51
N VAL K 61 9.73 -27.22 -13.28
CA VAL K 61 8.44 -27.95 -13.18
C VAL K 61 8.17 -28.38 -11.71
N SER K 62 9.19 -28.99 -11.09
CA SER K 62 9.24 -29.16 -9.63
C SER K 62 10.56 -28.56 -9.13
N GLY L 1 -16.24 -20.27 -24.97
CA GLY L 1 -16.69 -20.28 -23.55
C GLY L 1 -15.60 -19.93 -22.56
N ALA L 2 -15.89 -20.16 -21.30
CA ALA L 2 -15.08 -19.64 -20.22
C ALA L 2 -13.89 -20.53 -19.97
N MET L 3 -12.82 -19.94 -19.45
CA MET L 3 -11.58 -20.69 -19.19
C MET L 3 -11.10 -20.50 -17.76
N ALA L 4 -10.43 -21.54 -17.25
CA ALA L 4 -10.02 -21.57 -15.83
C ALA L 4 -8.83 -20.68 -15.54
N ASN L 5 -8.17 -20.21 -16.60
CA ASN L 5 -6.98 -19.38 -16.44
C ASN L 5 -6.67 -18.62 -17.73
N HIS L 6 -5.72 -17.70 -17.63
CA HIS L 6 -5.18 -16.99 -18.80
C HIS L 6 -3.76 -17.38 -19.08
N ILE L 7 -3.22 -18.28 -18.25
CA ILE L 7 -1.91 -18.86 -18.50
C ILE L 7 -2.01 -20.37 -18.36
N PHE L 8 -1.62 -21.10 -19.39
CA PHE L 8 -1.49 -22.52 -19.32
C PHE L 8 -0.04 -22.86 -19.54
N VAL L 9 0.53 -23.59 -18.59
CA VAL L 9 1.96 -23.86 -18.57
C VAL L 9 2.26 -25.21 -19.20
N PHE L 10 3.22 -25.24 -20.12
CA PHE L 10 3.59 -26.46 -20.81
C PHE L 10 5.05 -26.74 -20.59
N SER L 11 5.34 -27.97 -20.16
CA SER L 11 6.72 -28.47 -20.25
C SER L 11 7.01 -28.81 -21.70
N THR L 12 8.26 -29.05 -22.04
CA THR L 12 8.62 -29.46 -23.39
C THR L 12 7.82 -30.69 -23.79
N GLN L 13 7.76 -31.66 -22.89
CA GLN L 13 7.06 -32.92 -23.18
C GLN L 13 5.59 -32.66 -23.48
N LEU L 14 4.97 -31.89 -22.62
CA LEU L 14 3.55 -31.58 -22.77
C LEU L 14 3.28 -30.76 -24.06
N ALA L 15 4.16 -29.82 -24.40
CA ALA L 15 3.99 -29.06 -25.62
C ALA L 15 4.13 -29.95 -26.86
N ASN L 16 5.11 -30.85 -26.82
CA ASN L 16 5.32 -31.80 -27.90
C ASN L 16 4.12 -32.72 -28.11
N LYS L 17 3.56 -33.26 -27.03
CA LYS L 17 2.37 -34.10 -27.15
C LYS L 17 1.16 -33.32 -27.63
N GLY L 18 0.96 -32.13 -27.07
CA GLY L 18 -0.14 -31.28 -27.49
C GLY L 18 -0.09 -30.98 -28.97
N ALA L 19 1.10 -30.67 -29.50
CA ALA L 19 1.23 -30.34 -30.91
C ALA L 19 0.92 -31.54 -31.80
N GLU L 20 1.32 -32.73 -31.36
CA GLU L 20 0.94 -33.99 -32.02
C GLU L 20 -0.58 -34.14 -32.10
N SER L 21 -1.24 -33.93 -30.96
CA SER L 21 -2.70 -33.86 -30.90
C SER L 21 -3.39 -32.93 -31.89
N VAL L 22 -2.80 -31.77 -32.14
CA VAL L 22 -3.40 -30.81 -33.04
C VAL L 22 -3.19 -31.25 -34.48
N LEU L 23 -2.00 -31.74 -34.79
CA LEU L 23 -1.69 -32.23 -36.12
C LEU L 23 -2.48 -33.49 -36.47
N SER L 24 -2.75 -34.32 -35.46
CA SER L 24 -3.66 -35.47 -35.58
C SER L 24 -5.10 -35.11 -35.94
N GLY L 25 -5.50 -33.88 -35.61
CA GLY L 25 -6.90 -33.48 -35.72
C GLY L 25 -7.70 -33.72 -34.45
N GLN L 26 -7.11 -34.38 -33.46
CA GLN L 26 -7.83 -34.60 -32.19
C GLN L 26 -8.30 -33.31 -31.46
N PHE L 27 -7.47 -32.27 -31.48
CA PHE L 27 -7.81 -30.99 -30.89
C PHE L 27 -7.47 -29.84 -31.83
N GLN L 28 -8.06 -28.67 -31.57
CA GLN L 28 -7.88 -27.51 -32.44
C GLN L 28 -6.67 -26.69 -32.02
N THR L 29 -6.42 -26.65 -30.70
CA THR L 29 -5.31 -25.91 -30.13
C THR L 29 -4.67 -26.70 -29.03
N ILE L 30 -3.42 -26.38 -28.72
CA ILE L 30 -2.75 -27.02 -27.58
C ILE L 30 -3.40 -26.66 -26.25
N ILE L 31 -4.14 -25.56 -26.22
CA ILE L 31 -4.86 -25.15 -25.00
C ILE L 31 -5.98 -26.13 -24.74
N ALA L 32 -6.73 -26.46 -25.79
CA ALA L 32 -7.78 -27.48 -25.67
C ALA L 32 -7.21 -28.80 -25.11
N TYR L 33 -6.03 -29.18 -25.62
CA TYR L 33 -5.37 -30.40 -25.15
C TYR L 33 -5.02 -30.31 -23.69
N HIS L 34 -4.51 -29.16 -23.28
CA HIS L 34 -4.06 -28.92 -21.91
C HIS L 34 -5.23 -29.10 -20.92
N CYS L 35 -6.40 -28.60 -21.29
CA CYS L 35 -7.59 -28.64 -20.44
C CYS L 35 -8.08 -30.05 -20.11
N THR L 36 -7.73 -31.01 -20.95
CA THR L 36 -8.00 -32.43 -20.70
C THR L 36 -6.74 -33.17 -20.21
N GLN L 37 -5.89 -32.54 -19.39
CA GLN L 37 -4.79 -33.29 -18.73
C GLN L 37 -3.41 -33.50 -19.51
N GLY M 1 -41.25 13.05 -25.20
CA GLY M 1 -41.32 12.59 -26.60
C GLY M 1 -40.66 11.25 -26.76
N ALA M 2 -39.34 11.20 -26.99
CA ALA M 2 -38.77 9.99 -27.57
C ALA M 2 -37.35 9.81 -27.12
N MET M 3 -36.97 8.58 -26.83
CA MET M 3 -35.62 8.29 -26.34
C MET M 3 -34.58 8.63 -27.39
N ALA M 4 -33.65 9.47 -27.01
CA ALA M 4 -32.68 10.01 -27.96
C ALA M 4 -31.28 10.10 -27.37
N ILE M 5 -30.33 10.26 -28.27
CA ILE M 5 -28.94 10.53 -27.96
C ILE M 5 -28.61 11.86 -28.64
N TYR M 6 -27.92 12.74 -27.93
CA TYR M 6 -27.61 14.06 -28.47
C TYR M 6 -26.16 14.12 -28.78
N PRO M 7 -25.83 14.07 -30.05
CA PRO M 7 -24.41 14.08 -30.38
C PRO M 7 -23.74 15.47 -30.34
N CYS M 8 -22.47 15.50 -29.93
CA CYS M 8 -21.64 16.71 -29.95
C CYS M 8 -21.53 17.20 -31.38
N GLY M 9 -21.66 18.49 -31.60
CA GLY M 9 -21.52 19.04 -32.92
C GLY M 9 -20.12 18.96 -33.52
N MET M 10 -19.11 18.72 -32.68
CA MET M 10 -17.69 18.61 -33.09
C MET M 10 -17.34 17.16 -33.32
N CYS M 11 -17.38 16.36 -32.26
CA CYS M 11 -16.88 14.98 -32.31
C CYS M 11 -17.94 13.94 -32.64
N HIS M 12 -19.21 14.35 -32.63
CA HIS M 12 -20.35 13.47 -32.96
C HIS M 12 -20.60 12.32 -32.00
N LYS M 13 -19.94 12.33 -30.85
CA LYS M 13 -20.23 11.34 -29.82
C LYS M 13 -21.26 11.88 -28.83
N GLU M 14 -21.82 10.96 -28.06
CA GLU M 14 -22.92 11.25 -27.12
C GLU M 14 -22.49 12.33 -26.10
N VAL M 15 -23.39 13.29 -25.89
CA VAL M 15 -23.28 14.25 -24.78
C VAL M 15 -24.28 13.81 -23.73
N ASN M 16 -23.82 13.37 -22.58
CA ASN M 16 -24.76 12.88 -21.56
C ASN M 16 -24.76 13.75 -20.31
N ASP M 17 -25.59 13.39 -19.35
CA ASP M 17 -25.82 14.22 -18.20
C ASP M 17 -24.58 14.48 -17.34
N ASN M 18 -23.57 13.62 -17.40
CA ASN M 18 -22.34 13.83 -16.69
C ASN M 18 -21.24 14.55 -17.45
N ASP M 19 -21.50 14.85 -18.70
CA ASP M 19 -20.54 15.57 -19.51
C ASP M 19 -20.63 17.06 -19.18
N GLU M 20 -19.51 17.75 -19.30
CA GLU M 20 -19.50 19.21 -19.20
C GLU M 20 -19.75 19.73 -20.58
N ALA M 21 -20.89 20.39 -20.77
CA ALA M 21 -21.35 20.70 -22.11
C ALA M 21 -22.00 22.06 -22.25
N VAL M 22 -22.01 22.57 -23.48
CA VAL M 22 -22.73 23.79 -23.80
C VAL M 22 -23.71 23.52 -24.94
N PHE M 23 -24.57 24.48 -25.20
CA PHE M 23 -25.57 24.34 -26.22
C PHE M 23 -25.59 25.58 -27.08
N CYS M 24 -25.53 25.42 -28.40
CA CYS M 24 -25.54 26.57 -29.29
C CYS M 24 -26.98 27.03 -29.48
N GLU M 25 -27.28 28.21 -28.97
CA GLU M 25 -28.65 28.76 -29.07
C GLU M 25 -28.81 29.67 -30.31
N SER M 26 -27.77 29.86 -31.12
CA SER M 26 -27.83 30.75 -32.29
C SER M 26 -28.22 30.08 -33.61
N GLY M 27 -28.60 28.80 -33.61
CA GLY M 27 -29.14 28.23 -34.84
C GLY M 27 -28.93 26.77 -35.12
N CYS M 28 -27.71 26.26 -34.93
CA CYS M 28 -27.45 24.86 -35.27
C CYS M 28 -28.16 23.86 -34.33
N ASN M 29 -28.50 24.31 -33.12
CA ASN M 29 -29.17 23.45 -32.14
C ASN M 29 -28.42 22.19 -31.71
N PHE M 30 -27.09 22.26 -31.73
CA PHE M 30 -26.25 21.16 -31.28
C PHE M 30 -25.75 21.40 -29.87
N PHE M 31 -25.73 20.31 -29.10
CA PHE M 31 -24.95 20.30 -27.88
C PHE M 31 -23.50 20.07 -28.27
N PHE M 32 -22.58 20.48 -27.42
CA PHE M 32 -21.13 20.27 -27.63
C PHE M 32 -20.46 19.99 -26.30
N HIS M 33 -19.46 19.10 -26.30
CA HIS M 33 -18.59 18.93 -25.14
C HIS M 33 -17.77 20.20 -24.98
N ARG M 34 -17.62 20.64 -23.75
CA ARG M 34 -16.85 21.86 -23.48
C ARG M 34 -15.43 21.77 -24.04
N THR M 35 -14.81 20.65 -23.75
CA THR M 35 -13.53 20.31 -24.28
C THR M 35 -13.36 20.36 -25.81
N CYS M 36 -14.30 19.80 -26.55
CA CYS M 36 -14.26 19.76 -28.03
C CYS M 36 -14.26 21.17 -28.65
N VAL M 37 -14.80 22.17 -27.96
CA VAL M 37 -14.92 23.51 -28.56
C VAL M 37 -13.84 24.46 -28.10
N GLY M 38 -13.05 24.03 -27.11
CA GLY M 38 -11.90 24.80 -26.65
C GLY M 38 -12.18 25.82 -25.56
N LEU M 39 -13.24 25.58 -24.81
CA LEU M 39 -13.64 26.45 -23.74
C LEU M 39 -12.81 26.08 -22.51
N THR M 40 -12.20 27.08 -21.87
CA THR M 40 -11.46 26.83 -20.64
C THR M 40 -12.41 26.52 -19.51
N GLU M 41 -11.91 25.89 -18.47
CA GLU M 41 -12.73 25.56 -17.33
C GLU M 41 -13.36 26.81 -16.71
N ALA M 42 -12.61 27.90 -16.70
CA ALA M 42 -13.09 29.13 -16.12
C ALA M 42 -14.17 29.78 -16.97
N ALA M 43 -13.95 29.79 -18.29
CA ALA M 43 -14.92 30.39 -19.19
C ALA M 43 -16.24 29.63 -19.09
N PHE M 44 -16.15 28.32 -18.99
CA PHE M 44 -17.33 27.49 -18.85
C PHE M 44 -18.12 27.85 -17.58
N GLN M 45 -17.41 28.02 -16.46
CA GLN M 45 -18.05 28.30 -15.19
C GLN M 45 -18.70 29.66 -15.21
N MET M 46 -18.06 30.60 -15.88
CA MET M 46 -18.56 31.97 -15.95
C MET M 46 -19.72 32.09 -16.91
N LEU M 47 -19.69 31.44 -18.06
CA LEU M 47 -20.88 31.37 -18.90
C LEU M 47 -22.06 30.76 -18.16
N ASN M 48 -21.85 29.63 -17.52
CA ASN M 48 -22.94 28.99 -16.83
C ASN M 48 -23.55 29.83 -15.68
N LYS M 49 -22.73 30.65 -15.05
CA LYS M 49 -23.14 31.29 -13.81
C LYS M 49 -23.78 32.61 -14.07
N GLU M 50 -23.49 33.20 -15.23
CA GLU M 50 -24.01 34.51 -15.60
C GLU M 50 -25.30 34.33 -16.44
N VAL M 51 -26.43 34.63 -15.81
CA VAL M 51 -27.73 34.47 -16.41
C VAL M 51 -27.89 35.29 -17.72
N PHE M 52 -27.17 36.40 -17.86
CA PHE M 52 -27.23 37.23 -19.07
C PHE M 52 -26.36 36.74 -20.21
N ALA M 53 -25.60 35.68 -19.99
CA ALA M 53 -24.67 35.19 -21.00
C ALA M 53 -25.19 33.97 -21.76
N GLU M 54 -24.77 33.84 -23.03
CA GLU M 54 -25.18 32.75 -23.89
C GLU M 54 -23.99 32.43 -24.82
N TRP M 55 -23.79 31.15 -25.11
CA TRP M 55 -22.69 30.72 -25.95
C TRP M 55 -23.14 30.44 -27.38
N CYS M 56 -22.19 30.54 -28.32
CA CYS M 56 -22.42 30.32 -29.73
C CYS M 56 -21.23 29.59 -30.39
N CYS M 57 -21.52 28.61 -31.24
CA CYS M 57 -20.45 27.85 -31.92
C CYS M 57 -19.81 28.71 -33.00
N ASP M 58 -18.66 28.27 -33.51
CA ASP M 58 -17.92 29.06 -34.51
C ASP M 58 -18.64 29.18 -35.85
N LYS M 59 -19.27 28.10 -36.31
CA LYS M 59 -20.08 28.14 -37.54
C LYS M 59 -21.25 29.12 -37.49
N CYS M 60 -21.94 29.21 -36.34
CA CYS M 60 -23.11 30.06 -36.25
C CYS M 60 -22.78 31.54 -36.08
N VAL M 61 -21.55 31.86 -35.66
CA VAL M 61 -21.14 33.26 -35.47
C VAL M 61 -21.41 34.09 -36.76
N SER M 62 -20.96 33.56 -37.90
CA SER M 62 -21.39 34.04 -39.22
C SER M 62 -21.93 32.85 -40.01
N GLY N 1 -26.75 49.61 -12.94
CA GLY N 1 -27.42 50.47 -13.94
C GLY N 1 -28.02 49.68 -15.10
N ALA N 2 -28.41 50.42 -16.12
CA ALA N 2 -29.19 49.87 -17.19
C ALA N 2 -28.31 49.14 -18.19
N MET N 3 -28.89 48.15 -18.88
CA MET N 3 -28.14 47.35 -19.85
C MET N 3 -28.82 47.30 -21.20
N ALA N 4 -28.01 47.17 -22.25
CA ALA N 4 -28.50 47.26 -23.62
C ALA N 4 -29.25 46.01 -24.06
N ASN N 5 -29.13 44.96 -23.27
CA ASN N 5 -29.76 43.69 -23.61
C ASN N 5 -29.89 42.80 -22.39
N HIS N 6 -30.63 41.70 -22.55
CA HIS N 6 -30.69 40.65 -21.55
C HIS N 6 -29.99 39.36 -22.02
N ILE N 7 -29.45 39.39 -23.23
CA ILE N 7 -28.64 38.30 -23.75
C ILE N 7 -27.37 38.87 -24.33
N PHE N 8 -26.23 38.41 -23.84
CA PHE N 8 -24.94 38.74 -24.40
C PHE N 8 -24.32 37.43 -24.92
N VAL N 9 -23.98 37.44 -26.20
CA VAL N 9 -23.55 36.23 -26.89
C VAL N 9 -22.04 36.17 -26.93
N PHE N 10 -21.49 35.04 -26.52
CA PHE N 10 -20.07 34.85 -26.48
C PHE N 10 -19.70 33.69 -27.38
N SER N 11 -18.74 33.91 -28.26
CA SER N 11 -18.05 32.79 -28.89
C SER N 11 -17.12 32.14 -27.86
N THR N 12 -16.59 30.97 -28.17
CA THR N 12 -15.59 30.37 -27.30
C THR N 12 -14.44 31.33 -27.04
N GLN N 13 -13.94 31.96 -28.10
CA GLN N 13 -12.78 32.85 -28.00
C GLN N 13 -13.10 34.01 -27.07
N LEU N 14 -14.24 34.65 -27.31
CA LEU N 14 -14.67 35.76 -26.49
C LEU N 14 -14.90 35.36 -25.00
N ALA N 15 -15.48 34.20 -24.76
CA ALA N 15 -15.68 33.74 -23.39
C ALA N 15 -14.36 33.45 -22.69
N ASN N 16 -13.42 32.86 -23.42
CA ASN N 16 -12.08 32.62 -22.88
C ASN N 16 -11.34 33.92 -22.51
N LYS N 17 -11.37 34.92 -23.38
CA LYS N 17 -10.74 36.20 -23.09
C LYS N 17 -11.41 36.92 -21.94
N GLY N 18 -12.74 36.91 -21.94
CA GLY N 18 -13.49 37.52 -20.86
C GLY N 18 -13.15 36.92 -19.51
N ALA N 19 -13.03 35.60 -19.46
CA ALA N 19 -12.72 34.91 -18.19
C ALA N 19 -11.32 35.27 -17.70
N GLU N 20 -10.37 35.42 -18.63
CA GLU N 20 -9.03 35.93 -18.32
C GLU N 20 -9.09 37.31 -17.68
N SER N 21 -9.84 38.21 -18.31
CA SER N 21 -10.15 39.52 -17.75
C SER N 21 -10.66 39.54 -16.32
N VAL N 22 -11.49 38.58 -15.97
CA VAL N 22 -12.08 38.57 -14.65
C VAL N 22 -11.07 38.06 -13.64
N LEU N 23 -10.32 37.03 -14.02
CA LEU N 23 -9.29 36.48 -13.17
C LEU N 23 -8.12 37.46 -12.97
N SER N 24 -7.85 38.27 -13.99
CA SER N 24 -6.91 39.40 -13.89
C SER N 24 -7.30 40.46 -12.89
N GLY N 25 -8.59 40.57 -12.60
CA GLY N 25 -9.12 41.67 -11.81
C GLY N 25 -9.55 42.86 -12.64
N GLN N 26 -9.30 42.85 -13.95
CA GLN N 26 -9.72 43.97 -14.80
C GLN N 26 -11.24 44.23 -14.78
N PHE N 27 -12.04 43.17 -14.74
CA PHE N 27 -13.48 43.29 -14.72
C PHE N 27 -14.06 42.36 -13.67
N GLN N 28 -15.31 42.63 -13.27
CA GLN N 28 -15.98 41.85 -12.23
C GLN N 28 -16.70 40.63 -12.84
N THR N 29 -17.25 40.82 -14.04
CA THR N 29 -17.99 39.78 -14.74
C THR N 29 -17.63 39.79 -16.22
N ILE N 30 -17.86 38.67 -16.88
CA ILE N 30 -17.67 38.61 -18.32
C ILE N 30 -18.63 39.51 -19.07
N ILE N 31 -19.74 39.85 -18.43
CA ILE N 31 -20.73 40.76 -19.05
C ILE N 31 -20.14 42.15 -19.14
N ALA N 32 -19.51 42.60 -18.06
CA ALA N 32 -18.80 43.87 -18.08
C ALA N 32 -17.78 43.92 -19.21
N TYR N 33 -17.05 42.81 -19.38
CA TYR N 33 -16.04 42.72 -20.44
C TYR N 33 -16.67 42.85 -21.81
N HIS N 34 -17.79 42.17 -21.99
CA HIS N 34 -18.50 42.14 -23.28
C HIS N 34 -18.93 43.54 -23.71
N CYS N 35 -19.39 44.34 -22.75
CA CYS N 35 -19.89 45.71 -23.00
C CYS N 35 -18.84 46.67 -23.53
N THR N 36 -17.57 46.38 -23.26
CA THR N 36 -16.45 47.13 -23.81
C THR N 36 -15.82 46.45 -25.02
N GLN N 37 -16.65 45.86 -25.89
CA GLN N 37 -16.16 45.46 -27.19
C GLN N 37 -17.10 45.43 -28.37
N ALA O 1 -7.59 -19.65 -9.20
CA ALA O 1 -8.41 -20.00 -10.41
C ALA O 1 -9.83 -19.48 -10.26
N ALA O 2 -10.36 -18.81 -11.29
CA ALA O 2 -11.79 -18.57 -11.40
C ALA O 2 -12.15 -18.55 -12.85
N MET O 3 -13.29 -19.14 -13.20
CA MET O 3 -13.73 -19.20 -14.58
C MET O 3 -14.02 -17.80 -15.14
N ALA O 4 -13.37 -17.46 -16.26
CA ALA O 4 -13.41 -16.14 -16.77
C ALA O 4 -13.46 -16.08 -18.29
N ILE O 5 -13.81 -14.91 -18.79
CA ILE O 5 -13.76 -14.56 -20.18
C ILE O 5 -12.82 -13.38 -20.25
N TYR O 6 -11.94 -13.37 -21.25
CA TYR O 6 -11.00 -12.27 -21.39
C TYR O 6 -11.38 -11.38 -22.59
N PRO O 7 -11.94 -10.20 -22.32
CA PRO O 7 -12.33 -9.38 -23.44
C PRO O 7 -11.16 -8.63 -24.12
N CYS O 8 -11.28 -8.48 -25.44
CA CYS O 8 -10.38 -7.68 -26.24
C CYS O 8 -10.43 -6.23 -25.78
N GLY O 9 -9.28 -5.60 -25.64
CA GLY O 9 -9.24 -4.21 -25.21
C GLY O 9 -9.80 -3.20 -26.19
N MET O 10 -9.96 -3.60 -27.45
CA MET O 10 -10.53 -2.78 -28.51
C MET O 10 -12.02 -3.03 -28.64
N CYS O 11 -12.39 -4.24 -29.04
CA CYS O 11 -13.78 -4.55 -29.39
C CYS O 11 -14.61 -5.09 -28.23
N HIS O 12 -13.96 -5.43 -27.12
CA HIS O 12 -14.63 -5.90 -25.90
C HIS O 12 -15.31 -7.24 -26.03
N LYS O 13 -15.08 -7.95 -27.13
CA LYS O 13 -15.56 -9.30 -27.27
C LYS O 13 -14.54 -10.30 -26.82
N GLU O 14 -15.01 -11.52 -26.61
CA GLU O 14 -14.20 -12.61 -26.10
C GLU O 14 -12.95 -12.85 -26.94
N VAL O 15 -11.81 -13.04 -26.29
CA VAL O 15 -10.62 -13.58 -26.90
C VAL O 15 -10.47 -15.02 -26.45
N ASN O 16 -10.60 -15.99 -27.36
CA ASN O 16 -10.52 -17.39 -26.94
C ASN O 16 -9.34 -18.10 -27.56
N ASP O 17 -9.22 -19.38 -27.23
CA ASP O 17 -8.04 -20.13 -27.56
C ASP O 17 -7.79 -20.28 -29.05
N ASN O 18 -8.79 -20.13 -29.88
CA ASN O 18 -8.53 -20.13 -31.29
C ASN O 18 -8.34 -18.80 -32.01
N ASP O 19 -8.44 -17.73 -31.25
CA ASP O 19 -8.26 -16.41 -31.79
C ASP O 19 -6.76 -16.16 -31.97
N GLU O 20 -6.41 -15.34 -32.94
CA GLU O 20 -5.06 -14.87 -33.09
C GLU O 20 -4.99 -13.60 -32.27
N ALA O 21 -4.17 -13.61 -31.20
CA ALA O 21 -4.22 -12.55 -30.18
C ALA O 21 -2.89 -12.20 -29.59
N VAL O 22 -2.82 -10.97 -29.08
CA VAL O 22 -1.64 -10.48 -28.41
C VAL O 22 -2.03 -9.99 -27.01
N PHE O 23 -1.04 -9.73 -26.18
CA PHE O 23 -1.28 -9.31 -24.82
C PHE O 23 -0.42 -8.14 -24.51
N CYS O 24 -1.01 -7.08 -23.96
CA CYS O 24 -0.24 -5.89 -23.64
C CYS O 24 0.44 -6.12 -22.30
N GLU O 25 1.75 -6.20 -22.32
CA GLU O 25 2.53 -6.40 -21.09
C GLU O 25 3.00 -5.05 -20.43
N SER O 26 2.67 -3.91 -21.01
CA SER O 26 3.15 -2.62 -20.50
C SER O 26 2.21 -1.95 -19.52
N GLY O 27 1.12 -2.60 -19.11
CA GLY O 27 0.29 -1.97 -18.06
C GLY O 27 -1.20 -2.21 -18.04
N CYS O 28 -1.87 -2.10 -19.18
CA CYS O 28 -3.34 -2.28 -19.19
C CYS O 28 -3.78 -3.72 -18.90
N ASN O 29 -2.90 -4.69 -19.16
CA ASN O 29 -3.22 -6.10 -18.95
C ASN O 29 -4.42 -6.65 -19.72
N PHE O 30 -4.68 -6.08 -20.88
CA PHE O 30 -5.68 -6.58 -21.77
C PHE O 30 -5.12 -7.52 -22.86
N PHE O 31 -5.87 -8.57 -23.19
CA PHE O 31 -5.67 -9.26 -24.41
C PHE O 31 -6.33 -8.47 -25.51
N PHE O 32 -5.86 -8.68 -26.74
CA PHE O 32 -6.45 -8.05 -27.93
C PHE O 32 -6.44 -9.02 -29.10
N HIS O 33 -7.47 -8.96 -29.95
CA HIS O 33 -7.42 -9.65 -31.21
C HIS O 33 -6.38 -8.96 -32.10
N ARG O 34 -5.62 -9.75 -32.86
CA ARG O 34 -4.57 -9.17 -33.78
C ARG O 34 -5.20 -8.20 -34.78
N THR O 35 -6.31 -8.65 -35.39
CA THR O 35 -7.12 -7.88 -36.36
C THR O 35 -7.58 -6.54 -35.79
N CYS O 36 -8.07 -6.51 -34.55
CA CYS O 36 -8.55 -5.26 -33.92
C CYS O 36 -7.50 -4.18 -33.73
N VAL O 37 -6.24 -4.56 -33.58
CA VAL O 37 -5.19 -3.58 -33.28
C VAL O 37 -4.39 -3.16 -34.53
N GLY O 38 -4.62 -3.85 -35.64
CA GLY O 38 -4.04 -3.50 -36.94
C GLY O 38 -2.70 -4.13 -37.23
N LEU O 39 -2.43 -5.23 -36.58
CA LEU O 39 -1.18 -5.94 -36.76
C LEU O 39 -1.31 -6.76 -38.06
N THR O 40 -0.34 -6.65 -38.95
CA THR O 40 -0.32 -7.50 -40.10
C THR O 40 -0.02 -8.94 -39.73
N GLU O 41 -0.39 -9.87 -40.61
CA GLU O 41 -0.11 -11.27 -40.38
C GLU O 41 1.38 -11.54 -40.16
N ALA O 42 2.22 -10.85 -40.91
CA ALA O 42 3.65 -11.01 -40.79
C ALA O 42 4.21 -10.46 -39.48
N ALA O 43 3.75 -9.28 -39.08
CA ALA O 43 4.20 -8.68 -37.84
C ALA O 43 3.82 -9.55 -36.65
N PHE O 44 2.63 -10.12 -36.70
CA PHE O 44 2.18 -11.04 -35.67
C PHE O 44 3.07 -12.26 -35.58
N GLN O 45 3.43 -12.84 -36.72
CA GLN O 45 4.26 -14.03 -36.74
C GLN O 45 5.65 -13.73 -36.20
N MET O 46 6.15 -12.55 -36.50
CA MET O 46 7.50 -12.19 -36.11
C MET O 46 7.55 -11.83 -34.65
N LEU O 47 6.55 -11.13 -34.12
CA LEU O 47 6.50 -10.91 -32.70
C LEU O 47 6.49 -12.22 -31.99
N ASN O 48 5.64 -13.13 -32.41
CA ASN O 48 5.48 -14.38 -31.67
C ASN O 48 6.71 -15.26 -31.68
N LYS O 49 7.47 -15.13 -32.75
CA LYS O 49 8.58 -16.03 -33.02
C LYS O 49 9.83 -15.57 -32.29
N GLU O 50 9.91 -14.26 -32.02
CA GLU O 50 11.10 -13.63 -31.45
C GLU O 50 10.95 -13.52 -29.96
N VAL O 51 11.69 -14.36 -29.24
CA VAL O 51 11.60 -14.42 -27.81
C VAL O 51 11.96 -13.07 -27.11
N PHE O 52 12.80 -12.26 -27.74
CA PHE O 52 13.17 -10.98 -27.18
C PHE O 52 12.16 -9.86 -27.44
N ALA O 53 11.10 -10.15 -28.19
CA ALA O 53 10.15 -9.12 -28.58
C ALA O 53 8.89 -9.15 -27.73
N GLU O 54 8.27 -7.98 -27.57
CA GLU O 54 7.07 -7.84 -26.76
C GLU O 54 6.24 -6.74 -27.40
N TRP O 55 4.94 -6.91 -27.35
CA TRP O 55 4.02 -5.94 -27.93
C TRP O 55 3.40 -5.02 -26.87
N CYS O 56 2.98 -3.84 -27.31
CA CYS O 56 2.37 -2.81 -26.46
C CYS O 56 1.22 -2.09 -27.17
N CYS O 57 0.09 -1.88 -26.48
CA CYS O 57 -1.07 -1.22 -27.10
C CYS O 57 -0.79 0.26 -27.23
N ASP O 58 -1.61 0.97 -28.00
CA ASP O 58 -1.39 2.40 -28.27
C ASP O 58 -1.54 3.27 -27.03
N LYS O 59 -2.53 2.98 -26.19
CA LYS O 59 -2.72 3.71 -24.96
C LYS O 59 -1.56 3.62 -24.00
N CYS O 60 -0.93 2.47 -23.91
CA CYS O 60 0.16 2.28 -22.94
C CYS O 60 1.49 2.83 -23.40
N VAL O 61 1.66 3.06 -24.71
CA VAL O 61 2.91 3.61 -25.25
C VAL O 61 3.26 4.91 -24.55
N SER O 62 2.23 5.78 -24.51
CA SER O 62 2.20 7.03 -23.74
C SER O 62 1.42 6.81 -22.44
N ALA P 2 26.31 -8.96 -28.39
CA ALA P 2 25.75 -8.44 -27.10
C ALA P 2 24.61 -7.51 -27.37
N MET P 3 23.62 -7.48 -26.47
CA MET P 3 22.40 -6.68 -26.65
C MET P 3 22.08 -5.83 -25.44
N ALA P 4 21.43 -4.70 -25.69
CA ALA P 4 21.16 -3.69 -24.64
C ALA P 4 20.04 -4.09 -23.72
N ASN P 5 19.29 -5.10 -24.12
CA ASN P 5 18.15 -5.56 -23.31
C ASN P 5 17.74 -6.96 -23.70
N HIS P 6 16.83 -7.52 -22.93
CA HIS P 6 16.24 -8.80 -23.26
C HIS P 6 14.78 -8.65 -23.64
N ILE P 7 14.29 -7.43 -23.59
CA ILE P 7 12.93 -7.14 -23.97
C ILE P 7 12.99 -5.92 -24.86
N PHE P 8 12.47 -6.07 -26.07
CA PHE P 8 12.28 -4.98 -26.97
C PHE P 8 10.80 -4.84 -27.22
N VAL P 9 10.30 -3.63 -26.94
CA VAL P 9 8.86 -3.37 -26.97
C VAL P 9 8.45 -2.76 -28.30
N PHE P 10 7.43 -3.34 -28.92
CA PHE P 10 6.98 -2.86 -30.21
C PHE P 10 5.53 -2.43 -30.10
N SER P 11 5.24 -1.23 -30.57
CA SER P 11 3.85 -0.87 -30.85
C SER P 11 3.40 -1.61 -32.10
N THR P 12 2.11 -1.57 -32.38
CA THR P 12 1.63 -2.13 -33.62
C THR P 12 2.35 -1.52 -34.84
N GLN P 13 2.46 -0.20 -34.87
CA GLN P 13 3.09 0.50 -35.98
C GLN P 13 4.54 0.04 -36.17
N LEU P 14 5.27 0.00 -35.07
CA LEU P 14 6.65 -0.40 -35.12
C LEU P 14 6.81 -1.89 -35.56
N ALA P 15 5.94 -2.77 -35.08
CA ALA P 15 6.03 -4.15 -35.46
C ALA P 15 5.73 -4.32 -36.94
N ASN P 16 4.75 -3.59 -37.44
CA ASN P 16 4.39 -3.58 -38.86
C ASN P 16 5.52 -3.06 -39.77
N LYS P 17 6.15 -1.94 -39.42
CA LYS P 17 7.34 -1.46 -40.14
C LYS P 17 8.55 -2.43 -40.06
N GLY P 18 8.83 -2.96 -38.87
CA GLY P 18 9.88 -3.93 -38.72
C GLY P 18 9.71 -5.15 -39.59
N ALA P 19 8.49 -5.66 -39.66
CA ALA P 19 8.22 -6.84 -40.47
C ALA P 19 8.44 -6.56 -41.95
N GLU P 20 8.05 -5.36 -42.39
CA GLU P 20 8.30 -4.91 -43.75
C GLU P 20 9.80 -4.98 -44.03
N SER P 21 10.59 -4.44 -43.10
CA SER P 21 12.05 -4.47 -43.15
C SER P 21 12.66 -5.85 -43.31
N VAL P 22 12.06 -6.83 -42.67
CA VAL P 22 12.57 -8.17 -42.75
C VAL P 22 12.21 -8.81 -44.09
N LEU P 23 10.98 -8.60 -44.54
CA LEU P 23 10.53 -9.10 -45.84
C LEU P 23 11.29 -8.45 -47.00
N SER P 24 11.67 -7.19 -46.85
CA SER P 24 12.55 -6.47 -47.78
C SER P 24 13.92 -7.08 -47.93
N GLY P 25 14.37 -7.79 -46.90
CA GLY P 25 15.75 -8.24 -46.81
C GLY P 25 16.68 -7.25 -46.10
N GLN P 26 16.18 -6.07 -45.77
CA GLN P 26 17.03 -5.09 -45.12
C GLN P 26 17.56 -5.55 -43.75
N PHE P 27 16.76 -6.30 -43.00
CA PHE P 27 17.18 -6.82 -41.70
C PHE P 27 16.77 -8.28 -41.58
N GLN P 28 17.39 -8.99 -40.66
CA GLN P 28 17.15 -10.43 -40.50
C GLN P 28 16.02 -10.69 -39.55
N THR P 29 15.92 -9.83 -38.55
CA THR P 29 14.90 -9.94 -37.52
C THR P 29 14.34 -8.55 -37.18
N ILE P 30 13.14 -8.52 -36.61
CA ILE P 30 12.57 -7.26 -36.14
C ILE P 30 13.34 -6.68 -34.98
N ILE P 31 14.12 -7.51 -34.29
CA ILE P 31 14.96 -7.03 -33.19
C ILE P 31 16.10 -6.16 -33.79
N ALA P 32 16.73 -6.65 -34.85
CA ALA P 32 17.78 -5.87 -35.54
C ALA P 32 17.24 -4.51 -35.99
N TYR P 33 16.01 -4.51 -36.51
CA TYR P 33 15.34 -3.27 -36.90
C TYR P 33 15.13 -2.31 -35.73
N HIS P 34 14.68 -2.87 -34.62
CA HIS P 34 14.40 -2.09 -33.42
C HIS P 34 15.65 -1.33 -32.94
N CYS P 35 16.80 -2.01 -32.96
CA CYS P 35 18.06 -1.47 -32.47
C CYS P 35 18.53 -0.23 -33.21
N THR P 36 18.08 -0.08 -34.44
CA THR P 36 18.35 1.12 -35.24
C THR P 36 17.14 2.05 -35.26
N GLN P 37 16.48 2.16 -34.09
CA GLN P 37 15.19 2.88 -33.94
C GLN P 37 14.00 2.09 -34.54
N GLY Q 1 -31.70 47.61 -29.71
CA GLY Q 1 -31.90 47.46 -28.24
C GLY Q 1 -32.42 48.73 -27.62
N ALA Q 2 -32.80 48.62 -26.37
CA ALA Q 2 -33.19 49.76 -25.57
C ALA Q 2 -32.65 49.54 -24.19
N MET Q 3 -32.11 50.58 -23.57
CA MET Q 3 -31.56 50.49 -22.23
C MET Q 3 -32.64 50.15 -21.19
N ALA Q 4 -32.40 49.07 -20.44
CA ALA Q 4 -33.44 48.53 -19.59
C ALA Q 4 -32.88 48.06 -18.26
N ILE Q 5 -33.81 47.86 -17.33
CA ILE Q 5 -33.57 47.27 -16.04
C ILE Q 5 -34.46 46.04 -16.00
N TYR Q 6 -33.94 44.92 -15.52
CA TYR Q 6 -34.73 43.68 -15.46
C TYR Q 6 -35.08 43.36 -13.99
N PRO Q 7 -36.33 43.57 -13.60
CA PRO Q 7 -36.67 43.38 -12.21
C PRO Q 7 -36.92 41.91 -11.85
N CYS Q 8 -36.53 41.57 -10.62
CA CYS Q 8 -36.76 40.22 -10.04
C CYS Q 8 -38.24 39.99 -9.96
N GLY Q 9 -38.68 38.82 -10.36
CA GLY Q 9 -40.12 38.52 -10.31
C GLY Q 9 -40.70 38.41 -8.92
N MET Q 10 -39.85 38.27 -7.89
CA MET Q 10 -40.23 38.19 -6.50
CA MET Q 10 -40.28 38.21 -6.49
C MET Q 10 -40.19 39.58 -5.87
N CYS Q 11 -38.98 40.14 -5.77
CA CYS Q 11 -38.77 41.35 -5.00
C CYS Q 11 -38.88 42.63 -5.82
N HIS Q 12 -38.93 42.50 -7.14
CA HIS Q 12 -39.13 43.65 -8.06
C HIS Q 12 -37.98 44.62 -8.10
N LYS Q 13 -36.87 44.28 -7.47
CA LYS Q 13 -35.67 45.08 -7.60
C LYS Q 13 -34.80 44.59 -8.74
N GLU Q 14 -33.85 45.45 -9.10
CA GLU Q 14 -32.95 45.20 -10.22
C GLU Q 14 -32.21 43.87 -10.06
N VAL Q 15 -32.14 43.11 -11.16
CA VAL Q 15 -31.20 42.00 -11.30
C VAL Q 15 -30.07 42.44 -12.22
N ASN Q 16 -28.85 42.56 -11.70
CA ASN Q 16 -27.76 43.06 -12.54
C ASN Q 16 -26.69 42.00 -12.74
N ASP Q 17 -25.67 42.37 -13.48
CA ASP Q 17 -24.69 41.41 -13.95
C ASP Q 17 -23.87 40.71 -12.86
N ASN Q 18 -23.71 41.30 -11.68
CA ASN Q 18 -23.05 40.54 -10.60
C ASN Q 18 -24.01 39.91 -9.59
N ASP Q 19 -25.32 39.93 -9.87
CA ASP Q 19 -26.26 39.19 -9.05
C ASP Q 19 -26.22 37.69 -9.43
N GLU Q 20 -26.46 36.81 -8.47
CA GLU Q 20 -26.63 35.42 -8.74
C GLU Q 20 -28.12 35.23 -9.07
N ALA Q 21 -28.42 34.86 -10.33
CA ALA Q 21 -29.81 34.89 -10.82
C ALA Q 21 -30.18 33.74 -11.72
N VAL Q 22 -31.47 33.47 -11.79
CA VAL Q 22 -32.01 32.50 -12.70
C VAL Q 22 -33.08 33.16 -13.57
N PHE Q 23 -33.50 32.46 -14.60
CA PHE Q 23 -34.45 32.99 -15.53
C PHE Q 23 -35.54 31.97 -15.78
N CYS Q 24 -36.80 32.36 -15.66
CA CYS Q 24 -37.90 31.42 -15.87
C CYS Q 24 -38.17 31.28 -17.36
N GLU Q 25 -37.90 30.10 -17.89
CA GLU Q 25 -38.13 29.87 -19.31
C GLU Q 25 -39.49 29.28 -19.65
N SER Q 26 -40.30 29.04 -18.65
CA SER Q 26 -41.58 28.38 -18.88
C SER Q 26 -42.73 29.35 -19.12
N GLY Q 27 -42.48 30.66 -19.24
CA GLY Q 27 -43.57 31.53 -19.61
C GLY Q 27 -43.57 32.95 -19.10
N CYS Q 28 -43.32 33.17 -17.81
CA CYS Q 28 -43.40 34.53 -17.27
C CYS Q 28 -42.30 35.44 -17.80
N ASN Q 29 -41.19 34.86 -18.25
CA ASN Q 29 -40.04 35.63 -18.75
C ASN Q 29 -39.40 36.61 -17.77
N PHE Q 30 -39.49 36.31 -16.49
CA PHE Q 30 -38.82 37.10 -15.49
C PHE Q 30 -37.46 36.52 -15.11
N PHE Q 31 -36.50 37.40 -14.86
CA PHE Q 31 -35.34 37.07 -14.09
C PHE Q 31 -35.69 37.09 -12.62
N PHE Q 32 -34.93 36.33 -11.82
CA PHE Q 32 -35.11 36.28 -10.37
C PHE Q 32 -33.76 36.18 -9.69
N HIS Q 33 -33.61 36.84 -8.53
CA HIS Q 33 -32.46 36.59 -7.67
C HIS Q 33 -32.57 35.18 -7.11
N ARG Q 34 -31.44 34.49 -7.06
CA ARG Q 34 -31.41 33.12 -6.55
C ARG Q 34 -31.96 33.03 -5.12
N THR Q 35 -31.48 33.93 -4.31
CA THR Q 35 -31.94 34.11 -2.98
C THR Q 35 -33.45 34.31 -2.78
N CYS Q 36 -34.08 35.16 -3.60
CA CYS Q 36 -35.48 35.45 -3.49
C CYS Q 36 -36.36 34.25 -3.74
N VAL Q 37 -35.88 33.27 -4.50
CA VAL Q 37 -36.72 32.11 -4.85
C VAL Q 37 -36.47 30.89 -3.96
N GLY Q 38 -35.44 30.95 -3.13
CA GLY Q 38 -35.13 29.90 -2.17
C GLY Q 38 -34.22 28.78 -2.68
N LEU Q 39 -33.44 29.07 -3.71
CA LEU Q 39 -32.55 28.12 -4.31
C LEU Q 39 -31.29 28.07 -3.45
N THR Q 40 -30.88 26.89 -3.04
CA THR Q 40 -29.64 26.75 -2.29
C THR Q 40 -28.45 27.03 -3.21
N GLU Q 41 -27.30 27.35 -2.62
CA GLU Q 41 -26.11 27.61 -3.39
C GLU Q 41 -25.75 26.40 -4.27
N ALA Q 42 -25.95 25.21 -3.75
CA ALA Q 42 -25.61 23.99 -4.47
C ALA Q 42 -26.56 23.70 -5.62
N ALA Q 43 -27.84 23.88 -5.37
CA ALA Q 43 -28.83 23.72 -6.43
C ALA Q 43 -28.57 24.71 -7.59
N PHE Q 44 -28.23 25.94 -7.25
CA PHE Q 44 -27.92 26.95 -8.23
C PHE Q 44 -26.72 26.54 -9.09
N GLN Q 45 -25.66 26.05 -8.45
CA GLN Q 45 -24.48 25.64 -9.17
C GLN Q 45 -24.75 24.46 -10.08
N MET Q 46 -25.59 23.54 -9.63
CA MET Q 46 -25.90 22.36 -10.39
C MET Q 46 -26.84 22.66 -11.56
N LEU Q 47 -27.84 23.51 -11.36
CA LEU Q 47 -28.64 23.97 -12.48
C LEU Q 47 -27.75 24.61 -13.53
N ASN Q 48 -26.90 25.51 -13.12
CA ASN Q 48 -26.09 26.24 -14.08
C ASN Q 48 -25.11 25.38 -14.85
N LYS Q 49 -24.68 24.30 -14.22
CA LYS Q 49 -23.59 23.50 -14.74
C LYS Q 49 -24.11 22.44 -15.70
N GLU Q 50 -25.36 22.04 -15.52
CA GLU Q 50 -25.99 20.97 -16.28
C GLU Q 50 -26.75 21.52 -17.50
N VAL Q 51 -26.18 21.34 -18.68
CA VAL Q 51 -26.74 21.90 -19.91
C VAL Q 51 -28.16 21.37 -20.22
N PHE Q 52 -28.50 20.18 -19.75
CA PHE Q 52 -29.84 19.64 -19.93
C PHE Q 52 -30.89 20.16 -18.93
N ALA Q 53 -30.48 20.97 -17.97
CA ALA Q 53 -31.40 21.42 -16.92
C ALA Q 53 -31.90 22.84 -17.16
N GLU Q 54 -33.08 23.10 -16.66
CA GLU Q 54 -33.72 24.39 -16.82
C GLU Q 54 -34.59 24.64 -15.58
N TRP Q 55 -34.66 25.87 -15.13
CA TRP Q 55 -35.43 26.23 -13.95
C TRP Q 55 -36.77 26.85 -14.31
N CYS Q 56 -37.70 26.75 -13.39
CA CYS Q 56 -39.09 27.26 -13.54
C CYS Q 56 -39.61 27.86 -12.22
N CYS Q 57 -40.25 29.02 -12.28
CA CYS Q 57 -40.79 29.68 -11.07
C CYS Q 57 -42.05 28.97 -10.60
N ASP Q 58 -42.49 29.27 -9.39
CA ASP Q 58 -43.61 28.53 -8.78
C ASP Q 58 -44.93 28.79 -9.48
N LYS Q 59 -45.16 30.03 -9.90
CA LYS Q 59 -46.37 30.39 -10.67
C LYS Q 59 -46.49 29.67 -12.00
N CYS Q 60 -45.38 29.49 -12.70
CA CYS Q 60 -45.43 28.85 -14.02
C CYS Q 60 -45.52 27.33 -13.97
N VAL Q 61 -45.17 26.70 -12.85
CA VAL Q 61 -45.28 25.24 -12.72
C VAL Q 61 -46.68 24.74 -13.10
N SER Q 62 -47.72 25.37 -12.54
CA SER Q 62 -49.09 25.26 -13.04
C SER Q 62 -49.61 26.65 -13.36
N ALA R 2 -29.20 6.75 -23.39
CA ALA R 2 -30.27 7.48 -24.12
C ALA R 2 -31.16 8.21 -23.14
N MET R 3 -31.69 9.37 -23.54
CA MET R 3 -32.52 10.20 -22.66
C MET R 3 -33.83 10.60 -23.29
N ALA R 4 -34.84 10.77 -22.44
CA ALA R 4 -36.21 11.04 -22.90
C ALA R 4 -36.40 12.48 -23.35
N ASN R 5 -35.44 13.33 -23.07
CA ASN R 5 -35.54 14.73 -23.44
C ASN R 5 -34.19 15.42 -23.42
N HIS R 6 -34.14 16.65 -23.92
CA HIS R 6 -32.96 17.47 -23.84
C HIS R 6 -33.16 18.65 -22.88
N ILE R 7 -34.38 18.73 -22.32
CA ILE R 7 -34.67 19.75 -21.33
C ILE R 7 -35.35 19.05 -20.20
N PHE R 8 -34.81 19.21 -19.00
CA PHE R 8 -35.45 18.77 -17.80
C PHE R 8 -35.71 19.99 -16.93
N VAL R 9 -36.98 20.16 -16.56
CA VAL R 9 -37.42 21.36 -15.87
C VAL R 9 -37.45 21.13 -14.36
N PHE R 10 -36.85 22.03 -13.61
CA PHE R 10 -36.82 21.91 -12.17
C PHE R 10 -37.47 23.12 -11.53
N SER R 11 -38.39 22.88 -10.62
CA SER R 11 -38.81 23.93 -9.72
C SER R 11 -37.69 24.17 -8.71
N THR R 12 -37.79 25.23 -7.94
CA THR R 12 -36.86 25.43 -6.85
C THR R 12 -36.78 24.20 -5.92
N GLN R 13 -37.94 23.70 -5.52
CA GLN R 13 -38.02 22.59 -4.58
C GLN R 13 -37.33 21.36 -5.15
N LEU R 14 -37.66 21.04 -6.39
CA LEU R 14 -37.07 19.91 -7.06
C LEU R 14 -35.53 20.08 -7.24
N ALA R 15 -35.06 21.28 -7.57
CA ALA R 15 -33.63 21.49 -7.73
C ALA R 15 -32.91 21.32 -6.41
N ASN R 16 -33.52 21.83 -5.34
CA ASN R 16 -32.98 21.70 -3.99
C ASN R 16 -32.88 20.23 -3.52
N LYS R 17 -33.92 19.44 -3.72
CA LYS R 17 -33.88 18.02 -3.40
C LYS R 17 -32.87 17.27 -4.25
N GLY R 18 -32.85 17.56 -5.55
CA GLY R 18 -31.89 16.91 -6.43
C GLY R 18 -30.48 17.16 -5.98
N ALA R 19 -30.17 18.39 -5.60
CA ALA R 19 -28.80 18.74 -5.21
C ALA R 19 -28.40 18.00 -3.94
N GLU R 20 -29.35 17.84 -3.03
CA GLU R 20 -29.16 17.03 -1.82
C GLU R 20 -28.76 15.61 -2.23
N SER R 21 -29.52 15.02 -3.15
CA SER R 21 -29.25 13.72 -3.72
C SER R 21 -27.87 13.53 -4.29
N VAL R 22 -27.35 14.57 -4.92
CA VAL R 22 -26.01 14.47 -5.51
C VAL R 22 -24.92 14.57 -4.43
N LEU R 23 -25.11 15.46 -3.47
CA LEU R 23 -24.19 15.60 -2.34
C LEU R 23 -24.17 14.33 -1.46
N SER R 24 -25.32 13.68 -1.34
CA SER R 24 -25.46 12.38 -0.66
C SER R 24 -24.69 11.27 -1.30
N GLY R 25 -24.41 11.41 -2.58
CA GLY R 25 -23.82 10.34 -3.36
C GLY R 25 -24.84 9.45 -4.02
N GLN R 26 -26.13 9.64 -3.70
CA GLN R 26 -27.18 8.81 -4.27
C GLN R 26 -27.27 8.90 -5.81
N PHE R 27 -27.02 10.08 -6.38
CA PHE R 27 -26.97 10.25 -7.82
C PHE R 27 -25.74 11.05 -8.22
N GLN R 28 -25.38 10.98 -9.49
CA GLN R 28 -24.22 11.70 -10.01
C GLN R 28 -24.56 13.12 -10.46
N THR R 29 -25.77 13.28 -11.01
CA THR R 29 -26.26 14.57 -11.48
C THR R 29 -27.71 14.76 -11.08
N ILE R 30 -28.14 16.01 -11.08
CA ILE R 30 -29.57 16.30 -10.82
C ILE R 30 -30.47 15.80 -11.94
N ILE R 31 -29.89 15.58 -13.12
CA ILE R 31 -30.65 15.01 -14.25
C ILE R 31 -31.01 13.54 -13.94
N ALA R 32 -30.04 12.78 -13.44
CA ALA R 32 -30.31 11.40 -13.02
C ALA R 32 -31.43 11.35 -12.00
N TYR R 33 -31.40 12.30 -11.05
CA TYR R 33 -32.44 12.38 -10.01
C TYR R 33 -33.81 12.65 -10.61
N HIS R 34 -33.83 13.57 -11.57
CA HIS R 34 -35.08 13.98 -12.22
C HIS R 34 -35.77 12.79 -12.90
N CYS R 35 -34.98 11.95 -13.57
CA CYS R 35 -35.48 10.79 -14.33
C CYS R 35 -36.21 9.76 -13.49
N THR R 36 -35.91 9.73 -12.20
CA THR R 36 -36.60 8.88 -11.23
C THR R 36 -37.63 9.71 -10.43
N GLN R 37 -38.30 10.64 -11.14
CA GLN R 37 -39.24 11.68 -10.62
C GLN R 37 -38.68 12.84 -9.76
N GLY S 1 30.11 -1.10 31.97
CA GLY S 1 29.49 -1.99 30.94
C GLY S 1 30.39 -2.19 29.73
N ALA S 2 30.05 -3.18 28.94
CA ALA S 2 30.85 -3.57 27.81
C ALA S 2 29.94 -4.02 26.71
N MET S 3 30.28 -3.69 25.47
CA MET S 3 29.44 -4.05 24.33
C MET S 3 29.36 -5.56 24.16
N ALA S 4 28.14 -6.08 24.16
CA ALA S 4 27.94 -7.52 24.18
C ALA S 4 26.79 -7.99 23.31
N ILE S 5 26.78 -9.28 23.06
CA ILE S 5 25.72 -9.98 22.38
C ILE S 5 25.25 -11.02 23.39
N TYR S 6 23.95 -11.16 23.53
CA TYR S 6 23.40 -12.08 24.50
C TYR S 6 22.78 -13.27 23.78
N PRO S 7 23.44 -14.45 23.85
CA PRO S 7 22.90 -15.56 23.13
C PRO S 7 21.76 -16.26 23.85
N CYS S 8 20.81 -16.75 23.06
CA CYS S 8 19.72 -17.60 23.54
C CYS S 8 20.30 -18.85 24.17
N GLY S 9 19.79 -19.25 25.32
CA GLY S 9 20.26 -20.47 25.97
C GLY S 9 19.91 -21.77 25.27
N MET S 10 18.99 -21.71 24.32
CA MET S 10 18.58 -22.87 23.49
C MET S 10 19.34 -22.90 22.19
N CYS S 11 19.11 -21.90 21.34
CA CYS S 11 19.63 -21.91 19.98
C CYS S 11 20.98 -21.23 19.82
N HIS S 12 21.43 -20.52 20.86
CA HIS S 12 22.74 -19.85 20.87
C HIS S 12 22.89 -18.70 19.91
N LYS S 13 21.81 -18.28 19.29
CA LYS S 13 21.85 -17.10 18.46
C LYS S 13 21.49 -15.86 19.26
N GLU S 14 21.79 -14.72 18.66
CA GLU S 14 21.56 -13.42 19.28
C GLU S 14 20.12 -13.22 19.71
N VAL S 15 19.94 -12.68 20.91
CA VAL S 15 18.65 -12.16 21.37
C VAL S 15 18.75 -10.66 21.34
N ASN S 16 18.00 -9.99 20.49
CA ASN S 16 18.13 -8.52 20.39
C ASN S 16 16.85 -7.84 20.80
N ASP S 17 16.89 -6.52 20.75
CA ASP S 17 15.84 -5.70 21.32
C ASP S 17 14.47 -5.85 20.65
N ASN S 18 14.40 -6.29 19.40
CA ASN S 18 13.05 -6.60 18.83
C ASN S 18 12.67 -8.08 18.84
N ASP S 19 13.45 -8.92 19.52
CA ASP S 19 13.05 -10.32 19.73
C ASP S 19 12.03 -10.37 20.87
N GLU S 20 11.13 -11.35 20.80
CA GLU S 20 10.27 -11.67 21.93
C GLU S 20 11.02 -12.66 22.81
N ALA S 21 11.37 -12.24 24.03
CA ALA S 21 12.31 -13.01 24.84
C ALA S 21 12.00 -13.02 26.30
N VAL S 22 12.49 -14.06 26.96
CA VAL S 22 12.41 -14.15 28.43
C VAL S 22 13.82 -14.30 29.03
N PHE S 23 13.92 -14.18 30.35
CA PHE S 23 15.19 -14.28 31.03
C PHE S 23 15.06 -15.19 32.21
N CYS S 24 15.97 -16.16 32.33
CA CYS S 24 15.89 -17.11 33.44
C CYS S 24 16.53 -16.47 34.66
N GLU S 25 15.71 -16.22 35.67
CA GLU S 25 16.23 -15.63 36.91
C GLU S 25 16.62 -16.63 38.01
N SER S 26 16.47 -17.91 37.74
CA SER S 26 16.73 -18.92 38.74
C SER S 26 18.15 -19.44 38.73
N GLY S 27 19.06 -18.87 37.94
CA GLY S 27 20.44 -19.32 38.03
C GLY S 27 21.32 -19.32 36.81
N CYS S 28 20.84 -19.83 35.68
CA CYS S 28 21.70 -19.87 34.46
C CYS S 28 22.02 -18.49 33.89
N ASN S 29 21.18 -17.49 34.18
CA ASN S 29 21.37 -16.13 33.70
C ASN S 29 21.38 -15.99 32.16
N PHE S 30 20.68 -16.88 31.45
CA PHE S 30 20.55 -16.78 30.01
C PHE S 30 19.24 -16.08 29.61
N PHE S 31 19.32 -15.27 28.55
CA PHE S 31 18.16 -14.89 27.82
C PHE S 31 17.78 -16.03 26.91
N PHE S 32 16.50 -16.09 26.55
CA PHE S 32 15.98 -17.07 25.60
C PHE S 32 14.93 -16.45 24.68
N HIS S 33 14.90 -16.87 23.42
CA HIS S 33 13.78 -16.53 22.54
C HIS S 33 12.54 -17.25 23.05
N ARG S 34 11.40 -16.57 23.04
CA ARG S 34 10.15 -17.18 23.48
C ARG S 34 9.82 -18.49 22.71
N THR S 35 9.93 -18.39 21.38
CA THR S 35 9.75 -19.50 20.42
C THR S 35 10.63 -20.70 20.76
N CYS S 36 11.89 -20.50 21.07
CA CYS S 36 12.83 -21.59 21.37
C CYS S 36 12.48 -22.42 22.60
N VAL S 37 11.79 -21.82 23.56
CA VAL S 37 11.51 -22.52 24.82
C VAL S 37 10.10 -23.09 24.88
N GLY S 38 9.27 -22.74 23.88
CA GLY S 38 7.95 -23.34 23.70
C GLY S 38 6.82 -22.60 24.40
N LEU S 39 7.05 -21.33 24.68
CA LEU S 39 6.10 -20.53 25.39
C LEU S 39 5.06 -20.08 24.36
N THR S 40 3.78 -20.27 24.66
CA THR S 40 2.74 -19.77 23.80
C THR S 40 2.68 -18.26 23.83
N GLU S 41 2.10 -17.68 22.80
CA GLU S 41 1.96 -16.22 22.76
C GLU S 41 1.21 -15.68 23.99
N ALA S 42 0.20 -16.41 24.43
CA ALA S 42 -0.60 -16.01 25.58
C ALA S 42 0.15 -16.14 26.89
N ALA S 43 0.89 -17.23 27.06
CA ALA S 43 1.69 -17.41 28.25
C ALA S 43 2.74 -16.29 28.37
N PHE S 44 3.34 -15.95 27.28
CA PHE S 44 4.33 -14.89 27.25
C PHE S 44 3.73 -13.55 27.67
N GLN S 45 2.53 -13.24 27.16
CA GLN S 45 1.88 -11.97 27.46
C GLN S 45 1.50 -11.92 28.91
N MET S 46 1.08 -13.05 29.47
CA MET S 46 0.65 -13.10 30.84
C MET S 46 1.84 -13.03 31.80
N LEU S 47 2.93 -13.72 31.50
CA LEU S 47 4.11 -13.59 32.32
C LEU S 47 4.55 -12.16 32.35
N ASN S 48 4.63 -11.54 31.18
CA ASN S 48 5.13 -10.16 31.11
C ASN S 48 4.27 -9.14 31.83
N LYS S 49 2.99 -9.44 31.89
CA LYS S 49 2.00 -8.48 32.37
C LYS S 49 1.87 -8.55 33.88
N GLU S 50 2.18 -9.70 34.45
CA GLU S 50 2.01 -9.97 35.87
C GLU S 50 3.31 -9.71 36.63
N VAL S 51 3.34 -8.61 37.37
CA VAL S 51 4.55 -8.18 38.07
C VAL S 51 5.04 -9.22 39.10
N PHE S 52 4.14 -10.03 39.65
CA PHE S 52 4.52 -11.05 40.61
C PHE S 52 5.07 -12.33 39.97
N ALA S 53 5.08 -12.41 38.65
CA ALA S 53 5.43 -13.67 37.97
C ALA S 53 6.82 -13.63 37.44
N GLU S 54 7.44 -14.79 37.37
CA GLU S 54 8.83 -14.90 36.91
C GLU S 54 8.96 -16.24 36.21
N TRP S 55 9.77 -16.27 35.17
CA TRP S 55 9.95 -17.48 34.39
C TRP S 55 11.26 -18.18 34.75
N CYS S 56 11.30 -19.48 34.50
CA CYS S 56 12.45 -20.33 34.77
C CYS S 56 12.65 -21.35 33.63
N CYS S 57 13.91 -21.54 33.19
CA CYS S 57 14.19 -22.54 32.15
C CYS S 57 14.04 -23.97 32.70
N ASP S 58 14.00 -24.96 31.82
CA ASP S 58 13.85 -26.34 32.23
C ASP S 58 15.02 -26.89 33.05
N LYS S 59 16.24 -26.55 32.64
CA LYS S 59 17.44 -26.98 33.38
C LYS S 59 17.50 -26.46 34.80
N CYS S 60 17.09 -25.23 35.01
CA CYS S 60 17.17 -24.64 36.36
C CYS S 60 16.06 -25.10 37.31
N VAL S 61 14.95 -25.64 36.78
CA VAL S 61 13.83 -26.12 37.62
C VAL S 61 14.33 -27.11 38.69
N SER S 62 15.12 -28.10 38.25
CA SER S 62 15.94 -28.92 39.14
C SER S 62 17.40 -28.87 38.66
N ALA T 2 -4.04 -10.94 50.70
CA ALA T 2 -2.65 -11.25 51.11
C ALA T 2 -2.12 -12.42 50.32
N MET T 3 -0.81 -12.42 50.05
CA MET T 3 -0.18 -13.45 49.22
C MET T 3 1.03 -14.07 49.89
N ALA T 4 1.31 -15.33 49.55
CA ALA T 4 2.38 -16.12 50.19
C ALA T 4 3.75 -15.73 49.72
N ASN T 5 3.81 -14.97 48.64
CA ASN T 5 5.10 -14.51 48.10
C ASN T 5 4.94 -13.30 47.20
N HIS T 6 6.06 -12.71 46.81
CA HIS T 6 6.06 -11.66 45.81
C HIS T 6 6.69 -12.12 44.51
N ILE T 7 7.13 -13.37 44.49
CA ILE T 7 7.66 -13.97 43.28
C ILE T 7 7.00 -15.33 43.15
N PHE T 8 6.35 -15.57 42.02
CA PHE T 8 5.87 -16.90 41.66
C PHE T 8 6.59 -17.35 40.40
N VAL T 9 7.21 -18.52 40.49
CA VAL T 9 8.11 -19.00 39.45
C VAL T 9 7.36 -19.96 38.55
N PHE T 10 7.44 -19.72 37.26
CA PHE T 10 6.76 -20.57 36.29
C PHE T 10 7.76 -21.20 35.33
N SER T 11 7.69 -22.52 35.19
CA SER T 11 8.36 -23.15 34.08
C SER T 11 7.57 -22.84 32.81
N THR T 12 8.12 -23.14 31.65
CA THR T 12 7.37 -23.00 30.42
C THR T 12 6.03 -23.77 30.48
N GLN T 13 6.10 -25.01 30.92
CA GLN T 13 4.93 -25.86 30.98
C GLN T 13 3.86 -25.23 31.87
N LEU T 14 4.27 -24.81 33.05
CA LEU T 14 3.35 -24.24 34.01
C LEU T 14 2.76 -22.93 33.48
N ALA T 15 3.56 -22.11 32.82
CA ALA T 15 3.04 -20.86 32.27
C ALA T 15 2.03 -21.12 31.17
N ASN T 16 2.32 -22.11 30.32
CA ASN T 16 1.40 -22.52 29.26
C ASN T 16 0.06 -23.03 29.81
N LYS T 17 0.10 -23.90 30.82
CA LYS T 17 -1.14 -24.38 31.45
C LYS T 17 -1.91 -23.27 32.14
N GLY T 18 -1.20 -22.41 32.85
CA GLY T 18 -1.83 -21.28 33.52
C GLY T 18 -2.55 -20.37 32.55
N ALA T 19 -1.93 -20.09 31.41
CA ALA T 19 -2.53 -19.24 30.41
C ALA T 19 -3.79 -19.86 29.82
N GLU T 20 -3.78 -21.18 29.62
CA GLU T 20 -4.96 -21.92 29.22
C GLU T 20 -6.10 -21.72 30.22
N SER T 21 -5.79 -21.89 31.50
CA SER T 21 -6.72 -21.62 32.60
C SER T 21 -7.35 -20.24 32.61
N VAL T 22 -6.60 -19.23 32.22
CA VAL T 22 -7.12 -17.88 32.20
C VAL T 22 -8.03 -17.67 31.00
N LEU T 23 -7.62 -18.19 29.85
CA LEU T 23 -8.44 -18.12 28.63
C LEU T 23 -9.74 -18.94 28.74
N SER T 24 -9.68 -20.05 29.47
CA SER T 24 -10.86 -20.83 29.86
C SER T 24 -11.88 -20.06 30.69
N GLY T 25 -11.42 -19.04 31.42
CA GLY T 25 -12.23 -18.37 32.42
C GLY T 25 -12.12 -18.97 33.82
N GLN T 26 -11.43 -20.10 33.96
CA GLN T 26 -11.31 -20.75 35.24
C GLN T 26 -10.58 -19.89 36.30
N PHE T 27 -9.61 -19.08 35.88
CA PHE T 27 -8.92 -18.16 36.77
C PHE T 27 -8.76 -16.79 36.10
N GLN T 28 -8.48 -15.78 36.90
CA GLN T 28 -8.36 -14.41 36.39
C GLN T 28 -6.94 -14.07 35.98
N THR T 29 -5.99 -14.65 36.70
CA THR T 29 -4.56 -14.45 36.44
C THR T 29 -3.81 -15.77 36.59
N ILE T 30 -2.64 -15.84 35.97
CA ILE T 30 -1.78 -17.01 36.13
C ILE T 30 -1.26 -17.15 37.54
N ILE T 31 -1.25 -16.05 38.29
CA ILE T 31 -0.86 -16.08 39.72
C ILE T 31 -1.91 -16.87 40.52
N ALA T 32 -3.19 -16.59 40.27
CA ALA T 32 -4.27 -17.34 40.91
C ALA T 32 -4.14 -18.84 40.64
N TYR T 33 -3.81 -19.18 39.40
CA TYR T 33 -3.60 -20.56 39.00
C TYR T 33 -2.44 -21.20 39.77
N HIS T 34 -1.35 -20.45 39.88
CA HIS T 34 -0.14 -20.94 40.54
C HIS T 34 -0.41 -21.31 42.00
N CYS T 35 -1.22 -20.50 42.69
CA CYS T 35 -1.53 -20.69 44.12
C CYS T 35 -2.26 -21.98 44.43
N THR T 36 -2.94 -22.53 43.43
CA THR T 36 -3.60 -23.83 43.53
C THR T 36 -2.75 -24.90 42.83
N GLN T 37 -1.43 -24.73 42.95
CA GLN T 37 -0.39 -25.26 42.03
C GLN T 37 -0.70 -25.01 40.54
N GLY U 1 8.24 -18.74 53.48
CA GLY U 1 7.44 -17.55 53.10
C GLY U 1 6.36 -17.26 54.12
N ALA U 2 5.81 -16.08 53.99
CA ALA U 2 4.90 -15.56 54.99
C ALA U 2 3.87 -14.69 54.29
N MET U 3 2.62 -14.79 54.71
CA MET U 3 1.54 -14.03 54.10
C MET U 3 1.74 -12.52 54.29
N ALA U 4 1.77 -11.80 53.18
CA ALA U 4 2.12 -10.39 53.21
C ALA U 4 1.25 -9.57 52.28
N ILE U 5 1.27 -8.27 52.49
CA ILE U 5 0.62 -7.30 51.66
C ILE U 5 1.73 -6.37 51.20
N TYR U 6 1.73 -6.03 49.92
CA TYR U 6 2.81 -5.23 49.35
C TYR U 6 2.26 -3.86 49.00
N PRO U 7 2.59 -2.85 49.78
CA PRO U 7 1.98 -1.55 49.53
C PRO U 7 2.67 -0.77 48.42
N CYS U 8 1.88 -0.02 47.68
CA CYS U 8 2.36 0.85 46.64
C CYS U 8 3.27 1.88 47.27
N GLY U 9 4.41 2.16 46.65
CA GLY U 9 5.30 3.18 47.17
C GLY U 9 4.78 4.61 47.12
N MET U 10 3.74 4.86 46.32
CA MET U 10 3.09 6.17 46.19
C MET U 10 1.91 6.28 47.14
N CYS U 11 0.88 5.48 46.91
CA CYS U 11 -0.38 5.61 47.62
C CYS U 11 -0.48 4.76 48.89
N HIS U 12 0.47 3.85 49.08
CA HIS U 12 0.55 3.00 50.29
C HIS U 12 -0.59 2.00 50.44
N LYS U 13 -1.42 1.86 49.42
CA LYS U 13 -2.43 0.83 49.44
C LYS U 13 -1.92 -0.45 48.79
N GLU U 14 -2.68 -1.52 49.00
CA GLU U 14 -2.33 -2.84 48.53
C GLU U 14 -2.12 -2.88 47.02
N VAL U 15 -1.05 -3.56 46.61
CA VAL U 15 -0.84 -3.96 45.20
C VAL U 15 -1.12 -5.45 45.10
N ASN U 16 -2.17 -5.87 44.43
CA ASN U 16 -2.51 -7.29 44.39
C ASN U 16 -2.36 -7.85 42.98
N ASP U 17 -2.63 -9.14 42.85
CA ASP U 17 -2.35 -9.86 41.61
C ASP U 17 -3.12 -9.39 40.39
N ASN U 18 -4.28 -8.76 40.54
CA ASN U 18 -4.96 -8.18 39.36
C ASN U 18 -4.76 -6.68 39.18
N ASP U 19 -3.86 -6.09 39.94
CA ASP U 19 -3.46 -4.69 39.70
C ASP U 19 -2.43 -4.65 38.57
N GLU U 20 -2.42 -3.58 37.81
CA GLU U 20 -1.38 -3.33 36.85
C GLU U 20 -0.28 -2.61 37.59
N ALA U 21 0.87 -3.25 37.72
CA ALA U 21 1.91 -2.74 38.60
C ALA U 21 3.33 -2.91 38.08
N VAL U 22 4.23 -2.08 38.61
CA VAL U 22 5.63 -2.18 38.31
C VAL U 22 6.40 -2.34 39.59
N PHE U 23 7.67 -2.67 39.47
CA PHE U 23 8.51 -2.87 40.63
C PHE U 23 9.82 -2.11 40.46
N CYS U 24 10.22 -1.33 41.45
CA CYS U 24 11.46 -0.57 41.33
C CYS U 24 12.62 -1.48 41.67
N GLU U 25 13.46 -1.76 40.69
CA GLU U 25 14.63 -2.58 40.92
C GLU U 25 15.92 -1.82 41.27
N SER U 26 15.85 -0.50 41.33
CA SER U 26 17.03 0.31 41.56
C SER U 26 17.27 0.64 43.03
N GLY U 27 16.51 0.07 43.96
CA GLY U 27 16.88 0.23 45.35
C GLY U 27 15.79 0.22 46.37
N CYS U 28 14.70 0.96 46.14
CA CYS U 28 13.66 1.09 47.18
C CYS U 28 12.90 -0.22 47.40
N ASN U 29 12.89 -1.08 46.40
CA ASN U 29 12.19 -2.36 46.48
C ASN U 29 10.70 -2.29 46.72
N PHE U 30 10.08 -1.22 46.25
CA PHE U 30 8.65 -1.09 46.35
C PHE U 30 7.97 -1.51 45.07
N PHE U 31 6.81 -2.15 45.20
CA PHE U 31 5.87 -2.22 44.12
C PHE U 31 5.10 -0.91 44.03
N PHE U 32 4.61 -0.61 42.84
CA PHE U 32 3.78 0.58 42.59
C PHE U 32 2.66 0.23 41.64
N HIS U 33 1.50 0.84 41.84
CA HIS U 33 0.44 0.84 40.82
C HIS U 33 0.87 1.66 39.61
N ARG U 34 0.57 1.18 38.42
CA ARG U 34 0.98 1.86 37.20
C ARG U 34 0.41 3.29 37.16
N THR U 35 -0.89 3.37 37.49
CA THR U 35 -1.66 4.63 37.58
C THR U 35 -0.99 5.63 38.53
N CYS U 36 -0.57 5.19 39.72
CA CYS U 36 0.03 6.07 40.73
C CYS U 36 1.34 6.73 40.30
N VAL U 37 2.08 6.12 39.38
CA VAL U 37 3.37 6.67 39.00
C VAL U 37 3.32 7.48 37.68
N GLY U 38 2.18 7.40 36.99
CA GLY U 38 1.96 8.18 35.77
C GLY U 38 2.36 7.50 34.47
N LEU U 39 2.43 6.18 34.49
CA LEU U 39 2.91 5.41 33.35
C LEU U 39 1.72 5.25 32.43
N THR U 40 1.88 5.56 31.15
CA THR U 40 0.78 5.39 30.20
C THR U 40 0.56 3.91 29.95
N GLU U 41 -0.60 3.57 29.45
CA GLU U 41 -0.91 2.18 29.16
C GLU U 41 0.08 1.57 28.16
N ALA U 42 0.49 2.37 27.19
CA ALA U 42 1.44 1.94 26.19
C ALA U 42 2.85 1.75 26.75
N ALA U 43 3.29 2.69 27.57
CA ALA U 43 4.62 2.59 28.18
C ALA U 43 4.69 1.35 29.07
N PHE U 44 3.61 1.07 29.79
CA PHE U 44 3.53 -0.10 30.62
C PHE U 44 3.66 -1.38 29.81
N GLN U 45 2.95 -1.45 28.70
CA GLN U 45 2.97 -2.65 27.84
C GLN U 45 4.33 -2.87 27.22
N MET U 46 4.99 -1.78 26.88
CA MET U 46 6.28 -1.85 26.26
C MET U 46 7.36 -2.20 27.26
N LEU U 47 7.33 -1.63 28.45
CA LEU U 47 8.28 -2.06 29.48
C LEU U 47 8.13 -3.53 29.76
N ASN U 48 6.89 -3.98 29.94
CA ASN U 48 6.68 -5.37 30.25
C ASN U 48 7.12 -6.35 29.14
N LYS U 49 7.05 -5.93 27.89
CA LYS U 49 7.24 -6.87 26.72
C LYS U 49 8.71 -6.90 26.33
N GLU U 50 9.47 -5.88 26.72
CA GLU U 50 10.88 -5.79 26.40
C GLU U 50 11.76 -6.34 27.52
N VAL U 51 12.33 -7.51 27.30
CA VAL U 51 13.11 -8.18 28.32
C VAL U 51 14.34 -7.36 28.77
N PHE U 52 14.87 -6.50 27.90
CA PHE U 52 16.03 -5.70 28.26
C PHE U 52 15.69 -4.45 29.06
N ALA U 53 14.42 -4.20 29.30
CA ALA U 53 14.00 -2.95 29.91
C ALA U 53 13.66 -3.15 31.37
N GLU U 54 13.88 -2.10 32.16
CA GLU U 54 13.61 -2.16 33.58
C GLU U 54 13.15 -0.76 34.00
N TRP U 55 12.20 -0.71 34.93
CA TRP U 55 11.67 0.55 35.40
C TRP U 55 12.29 1.00 36.73
N CYS U 56 12.25 2.31 36.98
CA CYS U 56 12.83 2.93 38.18
C CYS U 56 11.94 4.08 38.67
N CYS U 57 11.70 4.16 39.97
CA CYS U 57 10.87 5.25 40.57
C CYS U 57 11.64 6.56 40.55
N ASP U 58 10.93 7.66 40.77
CA ASP U 58 11.56 9.00 40.70
C ASP U 58 12.59 9.25 41.81
N LYS U 59 12.30 8.80 43.03
CA LYS U 59 13.26 8.89 44.14
C LYS U 59 14.58 8.15 43.89
N CYS U 60 14.53 6.97 43.27
CA CYS U 60 15.74 6.19 43.08
C CYS U 60 16.60 6.67 41.93
N VAL U 61 16.03 7.45 41.00
CA VAL U 61 16.78 7.96 39.83
C VAL U 61 18.06 8.69 40.28
N SER U 62 17.91 9.60 41.25
CA SER U 62 19.03 10.15 42.02
C SER U 62 18.74 9.98 43.52
N ALA V 2 24.96 -5.45 18.46
CA ALA V 2 25.62 -5.46 19.81
C ALA V 2 25.08 -4.34 20.67
N MET V 3 24.98 -4.58 21.97
CA MET V 3 24.39 -3.61 22.90
C MET V 3 25.29 -3.33 24.11
N ALA V 4 25.20 -2.10 24.62
CA ALA V 4 26.07 -1.63 25.70
C ALA V 4 25.69 -2.19 27.06
N ASN V 5 24.52 -2.80 27.16
CA ASN V 5 24.06 -3.37 28.41
C ASN V 5 22.95 -4.39 28.19
N HIS V 6 22.59 -5.09 29.26
CA HIS V 6 21.44 -6.00 29.25
C HIS V 6 20.33 -5.46 30.12
N ILE V 7 20.55 -4.31 30.73
CA ILE V 7 19.51 -3.62 31.46
C ILE V 7 19.51 -2.16 31.03
N PHE V 8 18.36 -1.67 30.60
CA PHE V 8 18.16 -0.27 30.34
C PHE V 8 17.09 0.23 31.27
N VAL V 9 17.45 1.28 32.01
CA VAL V 9 16.59 1.76 33.11
C VAL V 9 15.75 2.92 32.64
N PHE V 10 14.44 2.85 32.87
CA PHE V 10 13.54 3.89 32.45
C PHE V 10 12.83 4.47 33.66
N SER V 11 12.86 5.79 33.80
CA SER V 11 11.94 6.46 34.69
C SER V 11 10.54 6.46 34.04
N THR V 12 9.50 6.80 34.80
CA THR V 12 8.17 6.88 34.23
C THR V 12 8.18 7.83 33.03
N GLN V 13 8.81 8.98 33.21
CA GLN V 13 8.84 10.01 32.18
C GLN V 13 9.51 9.46 30.90
N LEU V 14 10.67 8.86 31.07
CA LEU V 14 11.40 8.29 29.95
C LEU V 14 10.63 7.14 29.26
N ALA V 15 9.96 6.29 30.03
CA ALA V 15 9.17 5.23 29.43
C ALA V 15 8.00 5.79 28.62
N ASN V 16 7.35 6.82 29.15
CA ASN V 16 6.23 7.47 28.48
C ASN V 16 6.66 8.10 27.16
N LYS V 17 7.78 8.82 27.17
CA LYS V 17 8.31 9.42 25.93
C LYS V 17 8.74 8.37 24.92
N GLY V 18 9.44 7.33 25.39
CA GLY V 18 9.86 6.23 24.52
C GLY V 18 8.67 5.58 23.84
N ALA V 19 7.58 5.36 24.58
CA ALA V 19 6.40 4.70 24.02
C ALA V 19 5.75 5.57 22.95
N GLU V 20 5.74 6.88 23.17
CA GLU V 20 5.28 7.85 22.17
C GLU V 20 6.09 7.74 20.89
N SER V 21 7.40 7.71 21.05
CA SER V 21 8.34 7.43 19.94
C SER V 21 8.04 6.18 19.11
N VAL V 22 7.61 5.11 19.77
CA VAL V 22 7.38 3.86 19.07
C VAL V 22 6.06 3.91 18.34
N LEU V 23 5.05 4.48 18.99
CA LEU V 23 3.74 4.69 18.35
C LEU V 23 3.80 5.70 17.18
N SER V 24 4.67 6.70 17.28
CA SER V 24 5.00 7.61 16.17
C SER V 24 5.60 6.95 14.95
N GLY V 25 6.24 5.81 15.14
CA GLY V 25 7.02 5.17 14.10
C GLY V 25 8.49 5.58 14.10
N GLN V 26 8.86 6.55 14.93
CA GLN V 26 10.29 6.97 14.97
C GLN V 26 11.27 5.87 15.35
N PHE V 27 10.87 5.01 16.29
CA PHE V 27 11.70 3.88 16.69
C PHE V 27 10.88 2.61 16.73
N GLN V 28 11.57 1.48 16.74
CA GLN V 28 10.89 0.17 16.76
C GLN V 28 10.60 -0.30 18.18
N THR V 29 11.50 0.02 19.09
CA THR V 29 11.39 -0.38 20.49
C THR V 29 11.81 0.77 21.38
N ILE V 30 11.36 0.74 22.64
CA ILE V 30 11.81 1.74 23.60
C ILE V 30 13.30 1.63 23.92
N ILE V 31 13.90 0.46 23.64
CA ILE V 31 15.32 0.27 23.86
C ILE V 31 16.07 1.10 22.84
N ALA V 32 15.65 1.04 21.59
CA ALA V 32 16.25 1.87 20.53
C ALA V 32 16.19 3.36 20.91
N TYR V 33 15.05 3.79 21.47
CA TYR V 33 14.88 5.17 21.94
C TYR V 33 15.84 5.54 23.06
N HIS V 34 15.99 4.61 24.01
CA HIS V 34 16.89 4.80 25.14
C HIS V 34 18.34 5.03 24.72
N CYS V 35 18.81 4.26 23.72
CA CYS V 35 20.19 4.35 23.23
C CYS V 35 20.59 5.70 22.65
N THR V 36 19.58 6.45 22.18
CA THR V 36 19.79 7.82 21.70
C THR V 36 19.38 8.85 22.78
N GLN V 37 19.75 8.55 24.03
CA GLN V 37 19.42 9.35 25.23
C GLN V 37 18.05 8.95 25.77
N GLY W 1 -1.64 -10.84 -13.58
CA GLY W 1 -3.11 -10.77 -13.77
C GLY W 1 -3.49 -10.25 -15.14
N ALA W 2 -4.74 -10.42 -15.46
CA ALA W 2 -5.26 -10.08 -16.76
C ALA W 2 -6.69 -9.61 -16.64
N MET W 3 -7.05 -8.59 -17.40
CA MET W 3 -8.37 -8.01 -17.32
C MET W 3 -9.41 -9.01 -17.76
N ALA W 4 -10.41 -9.24 -16.90
CA ALA W 4 -11.37 -10.30 -17.16
C ALA W 4 -12.78 -9.94 -16.78
N ILE W 5 -13.71 -10.74 -17.29
CA ILE W 5 -15.11 -10.71 -16.93
C ILE W 5 -15.43 -12.08 -16.38
N TYR W 6 -16.19 -12.14 -15.28
CA TYR W 6 -16.46 -13.41 -14.63
C TYR W 6 -17.91 -13.74 -14.86
N PRO W 7 -18.18 -14.69 -15.76
CA PRO W 7 -19.55 -15.01 -15.99
C PRO W 7 -20.21 -15.92 -14.93
N CYS W 8 -21.49 -15.68 -14.69
CA CYS W 8 -22.31 -16.53 -13.83
C CYS W 8 -22.33 -17.93 -14.39
N GLY W 9 -22.20 -18.92 -13.55
CA GLY W 9 -22.27 -20.31 -14.01
C GLY W 9 -23.64 -20.77 -14.52
N MET W 10 -24.70 -20.03 -14.19
CA MET W 10 -26.08 -20.34 -14.58
C MET W 10 -26.41 -19.59 -15.87
N CYS W 11 -26.44 -18.26 -15.79
CA CYS W 11 -26.94 -17.41 -16.88
C CYS W 11 -25.85 -16.93 -17.84
N HIS W 12 -24.60 -17.13 -17.48
CA HIS W 12 -23.43 -16.78 -18.33
C HIS W 12 -23.24 -15.31 -18.54
N LYS W 13 -23.98 -14.47 -17.83
CA LYS W 13 -23.75 -13.04 -17.90
C LYS W 13 -22.78 -12.58 -16.81
N GLU W 14 -22.29 -11.36 -16.99
CA GLU W 14 -21.30 -10.79 -16.11
C GLU W 14 -21.75 -10.79 -14.64
N VAL W 15 -20.85 -11.17 -13.74
CA VAL W 15 -21.01 -10.95 -12.30
C VAL W 15 -20.09 -9.79 -11.92
N ASN W 16 -20.62 -8.64 -11.53
CA ASN W 16 -19.77 -7.50 -11.22
C ASN W 16 -19.86 -7.09 -9.77
N ASP W 17 -19.09 -6.08 -9.40
CA ASP W 17 -18.90 -5.74 -8.01
C ASP W 17 -20.15 -5.29 -7.27
N ASN W 18 -21.19 -4.80 -7.94
CA ASN W 18 -22.46 -4.53 -7.22
C ASN W 18 -23.52 -5.63 -7.38
N ASP W 19 -23.17 -6.77 -7.96
CA ASP W 19 -24.07 -7.92 -7.97
C ASP W 19 -24.00 -8.66 -6.61
N GLU W 20 -25.10 -9.27 -6.22
CA GLU W 20 -25.13 -10.12 -5.05
C GLU W 20 -24.79 -11.50 -5.55
N ALA W 21 -23.66 -12.05 -5.13
CA ALA W 21 -23.12 -13.22 -5.74
C ALA W 21 -22.43 -14.16 -4.78
N VAL W 22 -22.32 -15.42 -5.19
CA VAL W 22 -21.60 -16.42 -4.45
C VAL W 22 -20.58 -17.07 -5.34
N PHE W 23 -19.74 -17.89 -4.74
CA PHE W 23 -18.66 -18.51 -5.46
C PHE W 23 -18.59 -19.97 -5.07
N CYS W 24 -18.54 -20.87 -6.05
CA CYS W 24 -18.48 -22.28 -5.75
C CYS W 24 -17.05 -22.68 -5.47
N GLU W 25 -16.78 -23.06 -4.24
CA GLU W 25 -15.44 -23.49 -3.86
C GLU W 25 -15.17 -25.00 -3.94
N SER W 26 -16.19 -25.79 -4.32
CA SER W 26 -16.09 -27.26 -4.34
C SER W 26 -15.59 -27.74 -5.73
N GLY W 27 -15.18 -26.88 -6.68
CA GLY W 27 -14.57 -27.42 -7.91
C GLY W 27 -14.78 -26.71 -9.23
N CYS W 28 -16.01 -26.29 -9.55
CA CYS W 28 -16.25 -25.62 -10.84
C CYS W 28 -15.59 -24.22 -10.95
N ASN W 29 -15.32 -23.58 -9.82
CA ASN W 29 -14.70 -22.26 -9.79
C ASN W 29 -15.47 -21.16 -10.50
N PHE W 30 -16.79 -21.29 -10.55
CA PHE W 30 -17.65 -20.25 -11.11
C PHE W 30 -18.21 -19.34 -10.06
N PHE W 31 -18.30 -18.06 -10.38
CA PHE W 31 -19.16 -17.14 -9.66
C PHE W 31 -20.59 -17.34 -10.14
N PHE W 32 -21.56 -17.03 -9.29
CA PHE W 32 -22.96 -17.11 -9.64
C PHE W 32 -23.71 -15.94 -9.02
N HIS W 33 -24.72 -15.43 -9.73
CA HIS W 33 -25.67 -14.48 -9.14
C HIS W 33 -26.51 -15.23 -8.11
N ARG W 34 -26.78 -14.58 -6.99
CA ARG W 34 -27.57 -15.18 -5.94
C ARG W 34 -28.96 -15.63 -6.46
N THR W 35 -29.61 -14.71 -7.18
CA THR W 35 -30.93 -14.90 -7.81
C THR W 35 -30.92 -16.12 -8.73
N CYS W 36 -29.89 -16.29 -9.56
CA CYS W 36 -29.84 -17.39 -10.53
C CYS W 36 -29.78 -18.77 -9.91
N VAL W 37 -29.26 -18.88 -8.69
CA VAL W 37 -29.12 -20.20 -8.06
C VAL W 37 -30.24 -20.52 -7.05
N GLY W 38 -31.10 -19.54 -6.74
CA GLY W 38 -32.28 -19.74 -5.93
C GLY W 38 -32.09 -19.53 -4.43
N LEU W 39 -31.07 -18.75 -4.09
CA LEU W 39 -30.70 -18.53 -2.71
C LEU W 39 -31.58 -17.42 -2.20
N THR W 40 -32.21 -17.62 -1.06
CA THR W 40 -33.05 -16.58 -0.48
C THR W 40 -32.19 -15.49 0.06
N GLU W 41 -32.78 -14.32 0.25
CA GLU W 41 -32.03 -13.17 0.75
C GLU W 41 -31.43 -13.50 2.13
N ALA W 42 -32.17 -14.23 2.94
CA ALA W 42 -31.73 -14.57 4.27
C ALA W 42 -30.61 -15.62 4.28
N ALA W 43 -30.74 -16.64 3.44
CA ALA W 43 -29.69 -17.63 3.30
C ALA W 43 -28.37 -16.98 2.83
N PHE W 44 -28.46 -16.06 1.90
CA PHE W 44 -27.31 -15.34 1.40
C PHE W 44 -26.61 -14.57 2.52
N GLN W 45 -27.38 -13.85 3.34
CA GLN W 45 -26.83 -13.03 4.41
C GLN W 45 -26.18 -13.89 5.45
N MET W 46 -26.77 -15.05 5.71
CA MET W 46 -26.25 -15.96 6.71
C MET W 46 -25.01 -16.67 6.20
N LEU W 47 -24.98 -17.11 4.95
CA LEU W 47 -23.74 -17.69 4.42
C LEU W 47 -22.61 -16.67 4.53
N ASN W 48 -22.87 -15.46 4.09
CA ASN W 48 -21.83 -14.45 4.09
C ASN W 48 -21.31 -14.04 5.47
N LYS W 49 -22.16 -14.15 6.46
CA LYS W 49 -21.88 -13.67 7.79
C LYS W 49 -21.15 -14.70 8.62
N GLU W 50 -21.31 -15.96 8.27
CA GLU W 50 -20.74 -17.09 9.02
C GLU W 50 -19.46 -17.55 8.44
N VAL W 51 -18.38 -17.25 9.13
CA VAL W 51 -17.10 -17.61 8.60
C VAL W 51 -16.87 -19.07 8.36
N PHE W 52 -17.54 -19.90 9.14
CA PHE W 52 -17.36 -21.31 9.02
C PHE W 52 -18.14 -21.89 7.85
N ALA W 53 -18.92 -21.06 7.16
CA ALA W 53 -19.79 -21.58 6.11
C ALA W 53 -19.25 -21.35 4.72
N GLU W 54 -19.61 -22.23 3.82
CA GLU W 54 -19.18 -22.16 2.44
C GLU W 54 -20.33 -22.70 1.57
N TRP W 55 -20.50 -22.11 0.40
CA TRP W 55 -21.53 -22.55 -0.54
C TRP W 55 -20.99 -23.46 -1.65
N CYS W 56 -21.90 -24.26 -2.22
CA CYS W 56 -21.58 -25.20 -3.31
C CYS W 56 -22.72 -25.26 -4.35
N CYS W 57 -22.39 -25.25 -5.63
CA CYS W 57 -23.41 -25.33 -6.70
C CYS W 57 -23.98 -26.75 -6.77
N ASP W 58 -25.09 -26.91 -7.47
CA ASP W 58 -25.77 -28.22 -7.55
C ASP W 58 -24.96 -29.28 -8.31
N LYS W 59 -24.31 -28.89 -9.39
CA LYS W 59 -23.44 -29.80 -10.13
C LYS W 59 -22.26 -30.35 -9.32
N CYS W 60 -21.65 -29.52 -8.50
CA CYS W 60 -20.49 -29.97 -7.75
C CYS W 60 -20.84 -30.83 -6.52
N VAL W 61 -22.08 -30.77 -6.04
CA VAL W 61 -22.50 -31.54 -4.86
C VAL W 61 -22.23 -33.05 -5.01
N SER W 62 -22.74 -33.65 -6.09
CA SER W 62 -22.70 -35.16 -6.18
C SER W 62 -21.29 -35.74 -6.56
N GLY X 1 -18.82 -25.16 21.85
CA GLY X 1 -17.92 -26.33 22.06
C GLY X 1 -16.96 -26.59 20.89
N ALA X 2 -16.41 -27.79 20.87
CA ALA X 2 -15.53 -28.22 19.81
C ALA X 2 -16.34 -28.55 18.57
N MET X 3 -15.73 -28.40 17.40
CA MET X 3 -16.42 -28.65 16.14
C MET X 3 -15.65 -29.60 15.26
N ALA X 4 -16.38 -30.34 14.42
CA ALA X 4 -15.78 -31.40 13.60
C ALA X 4 -15.01 -30.86 12.41
N ASN X 5 -15.19 -29.57 12.12
CA ASN X 5 -14.55 -28.95 10.97
C ASN X 5 -14.55 -27.43 11.08
N HIS X 6 -13.82 -26.78 10.17
CA HIS X 6 -13.84 -25.33 10.06
C HIS X 6 -14.51 -24.89 8.78
N ILE X 7 -14.95 -25.86 7.99
CA ILE X 7 -15.72 -25.57 6.79
C ILE X 7 -16.94 -26.46 6.83
N PHE X 8 -18.10 -25.84 6.76
CA PHE X 8 -19.36 -26.54 6.54
C PHE X 8 -19.92 -26.13 5.19
N VAL X 9 -20.17 -27.14 4.34
CA VAL X 9 -20.59 -26.90 2.96
C VAL X 9 -22.11 -26.94 2.83
N PHE X 10 -22.68 -25.91 2.24
CA PHE X 10 -24.11 -25.82 2.05
C PHE X 10 -24.44 -25.75 0.57
N SER X 11 -25.33 -26.62 0.13
CA SER X 11 -25.97 -26.43 -1.17
C SER X 11 -26.97 -25.30 -1.03
N THR X 12 -27.49 -24.81 -2.14
CA THR X 12 -28.54 -23.78 -2.09
C THR X 12 -29.71 -24.26 -1.23
N GLN X 13 -30.14 -25.49 -1.45
CA GLN X 13 -31.29 -26.05 -0.73
C GLN X 13 -31.05 -26.09 0.76
N LEU X 14 -29.90 -26.62 1.14
CA LEU X 14 -29.50 -26.68 2.54
C LEU X 14 -29.34 -25.31 3.19
N ALA X 15 -28.79 -24.34 2.47
CA ALA X 15 -28.67 -22.99 3.00
C ALA X 15 -30.03 -22.33 3.19
N ASN X 16 -30.93 -22.55 2.25
CA ASN X 16 -32.30 -22.05 2.35
C ASN X 16 -33.07 -22.64 3.53
N LYS X 17 -32.95 -23.94 3.74
CA LYS X 17 -33.61 -24.59 4.90
C LYS X 17 -33.01 -24.14 6.21
N GLY X 18 -31.69 -24.06 6.25
CA GLY X 18 -31.02 -23.60 7.45
C GLY X 18 -31.47 -22.23 7.83
N ALA X 19 -31.57 -21.33 6.86
CA ALA X 19 -31.95 -19.95 7.16
C ALA X 19 -33.36 -19.87 7.71
N GLU X 20 -34.25 -20.70 7.16
N GLU X 20 -34.25 -20.69 7.16
CA GLU X 20 -35.61 -20.85 7.70
CA GLU X 20 -35.60 -20.85 7.66
C GLU X 20 -35.59 -21.24 9.16
C GLU X 20 -35.60 -21.25 9.15
N SER X 21 -34.80 -22.26 9.47
CA SER X 21 -34.54 -22.68 10.85
C SER X 21 -34.12 -21.59 11.81
N VAL X 22 -33.31 -20.66 11.34
CA VAL X 22 -32.80 -19.63 12.20
C VAL X 22 -33.86 -18.58 12.41
N LEU X 23 -34.57 -18.24 11.35
CA LEU X 23 -35.68 -17.27 11.44
C LEU X 23 -36.87 -17.82 12.26
N SER X 24 -37.09 -19.12 12.20
CA SER X 24 -38.02 -19.82 13.10
C SER X 24 -37.68 -19.74 14.59
N GLY X 25 -36.40 -19.54 14.91
CA GLY X 25 -35.91 -19.62 16.27
C GLY X 25 -35.42 -20.99 16.65
N GLN X 26 -35.59 -21.99 15.78
CA GLN X 26 -35.14 -23.35 16.11
C GLN X 26 -33.63 -23.44 16.39
N PHE X 27 -32.84 -22.69 15.61
CA PHE X 27 -31.39 -22.70 15.79
C PHE X 27 -30.87 -21.28 15.78
N GLN X 28 -29.65 -21.10 16.26
CA GLN X 28 -29.06 -19.75 16.36
C GLN X 28 -28.30 -19.40 15.10
N THR X 29 -27.68 -20.41 14.48
CA THR X 29 -26.91 -20.23 13.30
C THR X 29 -27.18 -21.37 12.33
N ILE X 30 -26.88 -21.14 11.04
CA ILE X 30 -26.98 -22.20 10.05
C ILE X 30 -25.97 -23.30 10.30
N ILE X 31 -24.90 -23.00 11.03
CA ILE X 31 -23.89 -24.01 11.36
C ILE X 31 -24.49 -25.02 12.34
N ALA X 32 -25.19 -24.51 13.36
CA ALA X 32 -25.91 -25.38 14.29
C ALA X 32 -26.87 -26.33 13.55
N TYR X 33 -27.57 -25.79 12.55
CA TYR X 33 -28.51 -26.56 11.75
C TYR X 33 -27.81 -27.65 10.97
N HIS X 34 -26.68 -27.29 10.37
CA HIS X 34 -25.90 -28.21 9.55
C HIS X 34 -25.47 -29.43 10.37
N CYS X 35 -25.05 -29.21 11.61
CA CYS X 35 -24.53 -30.28 12.49
C CYS X 35 -25.55 -31.37 12.81
N THR X 36 -26.84 -31.02 12.70
CA THR X 36 -27.94 -31.98 12.86
C THR X 36 -28.53 -32.37 11.49
N GLN X 37 -27.70 -32.43 10.45
CA GLN X 37 -28.16 -32.67 9.06
C GLN X 37 -29.59 -32.25 8.79
N ALA Y 1 27.93 38.71 -36.77
CA ALA Y 1 27.07 39.90 -36.98
C ALA Y 1 26.64 39.92 -38.44
N ALA Y 2 25.35 39.78 -38.73
CA ALA Y 2 24.82 40.07 -40.04
C ALA Y 2 23.41 40.58 -39.93
N MET Y 3 23.07 41.60 -40.70
CA MET Y 3 21.73 42.19 -40.66
C MET Y 3 20.68 41.18 -41.14
N ALA Y 4 19.68 40.94 -40.31
CA ALA Y 4 18.73 39.88 -40.57
C ALA Y 4 17.31 40.24 -40.19
N ILE Y 5 16.39 39.42 -40.69
CA ILE Y 5 15.00 39.45 -40.34
C ILE Y 5 14.71 38.07 -39.78
N TYR Y 6 13.95 38.00 -38.69
CA TYR Y 6 13.64 36.73 -38.07
C TYR Y 6 12.19 36.37 -38.27
N PRO Y 7 11.91 35.40 -39.12
CA PRO Y 7 10.54 35.13 -39.39
C PRO Y 7 9.90 34.23 -38.35
N CYS Y 8 8.61 34.48 -38.11
CA CYS Y 8 7.78 33.63 -37.25
C CYS Y 8 7.73 32.22 -37.83
N GLY Y 9 7.88 31.23 -36.99
CA GLY Y 9 7.81 29.84 -37.46
C GLY Y 9 6.44 29.39 -37.96
N MET Y 10 5.40 30.14 -37.60
CA MET Y 10 4.01 29.84 -38.00
C MET Y 10 3.68 30.61 -39.26
N CYS Y 11 3.64 31.93 -39.17
CA CYS Y 11 3.14 32.78 -40.24
C CYS Y 11 4.22 33.27 -41.22
N HIS Y 12 5.49 33.06 -40.87
CA HIS Y 12 6.64 33.41 -41.73
C HIS Y 12 6.83 34.89 -41.97
N LYS Y 13 6.11 35.71 -41.23
CA LYS Y 13 6.34 37.15 -41.28
C LYS Y 13 7.33 37.59 -40.22
N GLU Y 14 7.83 38.80 -40.38
CA GLU Y 14 8.83 39.38 -39.51
C GLU Y 14 8.37 39.38 -38.03
N VAL Y 15 9.29 39.00 -37.14
CA VAL Y 15 9.14 39.21 -35.70
C VAL Y 15 10.06 40.35 -35.33
N ASN Y 16 9.52 41.49 -34.92
CA ASN Y 16 10.40 42.62 -34.62
C ASN Y 16 10.34 43.01 -33.14
N ASP Y 17 11.10 44.02 -32.77
CA ASP Y 17 11.30 44.38 -31.40
C ASP Y 17 10.06 44.82 -30.63
N ASN Y 18 9.02 45.32 -31.30
CA ASN Y 18 7.75 45.58 -30.56
C ASN Y 18 6.68 44.50 -30.72
N ASP Y 19 7.03 43.36 -31.32
CA ASP Y 19 6.12 42.21 -31.32
C ASP Y 19 6.20 41.48 -29.95
N GLU Y 20 5.09 40.88 -29.53
CA GLU Y 20 5.09 40.01 -28.38
C GLU Y 20 5.42 38.63 -28.91
N ALA Y 21 6.56 38.08 -28.49
CA ALA Y 21 7.09 36.89 -29.11
C ALA Y 21 7.77 35.94 -28.17
N VAL Y 22 7.86 34.68 -28.60
CA VAL Y 22 8.60 33.66 -27.87
C VAL Y 22 9.63 33.02 -28.79
N PHE Y 23 10.48 32.20 -28.20
CA PHE Y 23 11.51 31.57 -28.93
C PHE Y 23 11.56 30.11 -28.56
N CYS Y 24 11.59 29.22 -29.54
CA CYS Y 24 11.68 27.79 -29.26
C CYS Y 24 13.12 27.40 -29.01
N GLU Y 25 13.42 27.02 -27.77
CA GLU Y 25 14.76 26.59 -27.42
C GLU Y 25 15.02 25.08 -27.53
N SER Y 26 14.01 24.31 -27.94
CA SER Y 26 14.14 22.87 -28.01
C SER Y 26 14.59 22.34 -29.36
N GLY Y 27 14.97 23.19 -30.30
CA GLY Y 27 15.56 22.66 -31.52
C GLY Y 27 15.34 23.39 -32.82
N CYS Y 28 14.11 23.80 -33.12
CA CYS Y 28 13.87 24.49 -34.38
C CYS Y 28 14.54 25.87 -34.51
N ASN Y 29 14.81 26.51 -33.38
CA ASN Y 29 15.43 27.84 -33.35
C ASN Y 29 14.65 28.94 -34.03
N PHE Y 30 13.33 28.83 -34.06
CA PHE Y 30 12.47 29.87 -34.60
C PHE Y 30 11.88 30.77 -33.54
N PHE Y 31 11.81 32.07 -33.84
CA PHE Y 31 10.98 32.96 -33.09
C PHE Y 31 9.56 32.80 -33.58
N PHE Y 32 8.59 33.12 -32.72
CA PHE Y 32 7.17 33.03 -33.06
C PHE Y 32 6.42 34.19 -32.41
N HIS Y 33 5.41 34.71 -33.11
CA HIS Y 33 4.50 35.65 -32.51
C HIS Y 33 3.67 34.90 -31.49
N ARG Y 34 3.43 35.53 -30.35
CA ARG Y 34 2.65 34.91 -29.29
C ARG Y 34 1.28 34.47 -29.79
N THR Y 35 0.66 35.40 -30.47
CA THR Y 35 -0.61 35.19 -31.09
C THR Y 35 -0.71 34.01 -32.06
N CYS Y 36 0.29 33.85 -32.90
CA CYS Y 36 0.32 32.76 -33.89
C CYS Y 36 0.36 31.37 -33.27
N VAL Y 37 0.88 31.25 -32.06
CA VAL Y 37 1.04 29.93 -31.43
C VAL Y 37 -0.07 29.60 -30.43
N GLY Y 38 -0.92 30.59 -30.14
CA GLY Y 38 -2.10 30.40 -29.29
C GLY Y 38 -1.88 30.59 -27.80
N LEU Y 39 -0.85 31.34 -27.45
CA LEU Y 39 -0.49 31.56 -26.08
C LEU Y 39 -1.36 32.67 -25.56
N THR Y 40 -1.98 32.47 -24.41
CA THR Y 40 -2.82 33.53 -23.82
C THR Y 40 -1.95 34.61 -23.28
N GLU Y 41 -2.53 35.78 -23.07
CA GLU Y 41 -1.77 36.92 -22.58
C GLU Y 41 -1.15 36.60 -21.21
N ALA Y 42 -1.90 35.87 -20.40
CA ALA Y 42 -1.45 35.50 -19.06
C ALA Y 42 -0.32 34.44 -19.08
N ALA Y 43 -0.46 33.44 -19.94
CA ALA Y 43 0.57 32.43 -20.09
C ALA Y 43 1.88 33.06 -20.57
N PHE Y 44 1.78 34.00 -21.50
CA PHE Y 44 2.94 34.72 -21.98
C PHE Y 44 3.66 35.50 -20.88
N GLN Y 45 2.89 36.20 -20.04
CA GLN Y 45 3.45 37.01 -18.96
C GLN Y 45 4.11 36.13 -17.93
N MET Y 46 3.53 34.97 -17.66
CA MET Y 46 4.06 34.07 -16.68
C MET Y 46 5.29 33.35 -17.19
N LEU Y 47 5.30 32.90 -18.44
CA LEU Y 47 6.52 32.35 -18.99
C LEU Y 47 7.66 33.36 -18.90
N ASN Y 48 7.40 34.58 -19.33
CA ASN Y 48 8.45 35.55 -19.35
C ASN Y 48 9.00 35.93 -17.96
N LYS Y 49 8.16 35.82 -16.96
CA LYS Y 49 8.44 36.33 -15.64
C LYS Y 49 9.20 35.30 -14.83
N GLU Y 50 9.02 34.03 -15.17
CA GLU Y 50 9.60 32.91 -14.44
C GLU Y 50 10.87 32.44 -15.02
N VAL Y 51 11.97 32.75 -14.36
CA VAL Y 51 13.24 32.40 -14.95
C VAL Y 51 13.46 30.95 -15.20
N PHE Y 52 12.81 30.12 -14.41
CA PHE Y 52 13.01 28.70 -14.56
C PHE Y 52 12.22 28.12 -15.72
N ALA Y 53 11.43 28.95 -16.39
CA ALA Y 53 10.50 28.43 -17.41
C ALA Y 53 11.03 28.67 -18.80
N GLU Y 54 10.67 27.79 -19.71
CA GLU Y 54 11.09 27.86 -21.10
CA GLU Y 54 11.10 27.85 -21.09
C GLU Y 54 9.96 27.29 -21.97
N TRP Y 55 9.75 27.89 -23.13
CA TRP Y 55 8.68 27.49 -24.05
C TRP Y 55 9.20 26.59 -25.17
N CYS Y 56 8.30 25.79 -25.73
CA CYS Y 56 8.60 24.87 -26.82
C CYS Y 56 7.45 24.84 -27.84
N CYS Y 57 7.78 24.86 -29.14
CA CYS Y 57 6.75 24.78 -30.21
C CYS Y 57 6.18 23.36 -30.30
N ASP Y 58 5.05 23.21 -31.01
CA ASP Y 58 4.35 21.91 -31.07
C ASP Y 58 5.14 20.86 -31.83
N LYS Y 59 5.80 21.26 -32.92
CA LYS Y 59 6.66 20.34 -33.67
C LYS Y 59 7.83 19.77 -32.87
N CYS Y 60 8.44 20.59 -32.03
CA CYS Y 60 9.63 20.14 -31.31
C CYS Y 60 9.29 19.28 -30.08
N VAL Y 61 8.05 19.35 -29.58
CA VAL Y 61 7.63 18.56 -28.42
C VAL Y 61 7.91 17.09 -28.68
N SER Y 62 7.43 16.66 -29.85
CA SER Y 62 7.69 15.37 -30.48
C SER Y 62 8.76 15.57 -31.56
N GLY Z 1 11.63 24.72 -1.74
CA GLY Z 1 12.52 23.54 -1.57
C GLY Z 1 13.46 23.29 -2.74
N ALA Z 2 14.02 22.10 -2.78
CA ALA Z 2 14.90 21.71 -3.84
C ALA Z 2 14.09 21.38 -5.07
N MET Z 3 14.70 21.54 -6.25
CA MET Z 3 14.01 21.30 -7.52
C MET Z 3 14.79 20.34 -8.42
N ALA Z 4 14.05 19.60 -9.24
CA ALA Z 4 14.64 18.55 -10.07
C ALA Z 4 15.40 19.10 -11.26
N ASN Z 5 15.22 20.39 -11.53
CA ASN Z 5 15.84 21.01 -12.68
C ASN Z 5 15.83 22.53 -12.57
N HIS Z 6 16.53 23.20 -13.48
CA HIS Z 6 16.50 24.66 -13.59
C HIS Z 6 15.80 25.10 -14.87
N ILE Z 7 15.36 24.13 -15.66
CA ILE Z 7 14.60 24.41 -16.83
C ILE Z 7 13.38 23.52 -16.80
N PHE Z 8 12.20 24.14 -16.86
CA PHE Z 8 10.96 23.43 -17.06
C PHE Z 8 10.36 23.84 -18.41
N VAL Z 9 10.09 22.85 -19.27
CA VAL Z 9 9.69 23.12 -20.66
C VAL Z 9 8.19 23.06 -20.81
N PHE Z 10 7.61 24.10 -21.39
CA PHE Z 10 6.17 24.19 -21.53
C PHE Z 10 5.82 24.27 -23.00
N SER Z 11 4.90 23.41 -23.45
CA SER Z 11 4.26 23.60 -24.73
C SER Z 11 3.25 24.73 -24.56
N THR Z 12 2.70 25.23 -25.67
CA THR Z 12 1.67 26.25 -25.58
C THR Z 12 0.51 25.78 -24.73
N GLN Z 13 0.07 24.55 -24.96
CA GLN Z 13 -1.06 23.98 -24.23
C GLN Z 13 -0.78 23.93 -22.73
N LEU Z 14 0.38 23.41 -22.37
CA LEU Z 14 0.77 23.31 -20.97
C LEU Z 14 0.92 24.68 -20.31
N ALA Z 15 1.47 25.66 -21.02
CA ALA Z 15 1.59 27.00 -20.47
C ALA Z 15 0.23 27.63 -20.23
N ASN Z 16 -0.67 27.42 -21.18
CA ASN Z 16 -2.02 27.94 -21.07
C ASN Z 16 -2.77 27.35 -19.89
N LYS Z 17 -2.68 26.03 -19.71
CA LYS Z 17 -3.32 25.37 -18.56
C LYS Z 17 -2.70 25.82 -17.24
N GLY Z 18 -1.36 25.90 -17.21
CA GLY Z 18 -0.68 26.34 -16.01
C GLY Z 18 -1.11 27.72 -15.60
N ALA Z 19 -1.22 28.63 -16.57
CA ALA Z 19 -1.60 29.99 -16.25
C ALA Z 19 -3.01 30.04 -15.67
N GLU Z 20 -3.91 29.21 -16.20
CA GLU Z 20 -5.27 29.07 -15.69
C GLU Z 20 -5.23 28.68 -14.22
N SER Z 21 -4.42 27.68 -13.93
CA SER Z 21 -4.15 27.22 -12.56
C SER Z 21 -3.72 28.30 -11.60
N VAL Z 22 -2.93 29.24 -12.07
CA VAL Z 22 -2.41 30.26 -11.21
C VAL Z 22 -3.47 31.31 -10.97
N LEU Z 23 -4.20 31.66 -12.03
CA LEU Z 23 -5.30 32.63 -11.91
C LEU Z 23 -6.49 32.09 -11.09
N SER Z 24 -6.71 30.77 -11.15
CA SER Z 24 -7.61 30.06 -10.24
C SER Z 24 -7.25 30.15 -8.76
N GLY Z 25 -5.98 30.34 -8.45
CA GLY Z 25 -5.48 30.24 -7.10
C GLY Z 25 -5.00 28.85 -6.73
N GLN Z 26 -5.19 27.86 -7.60
CA GLN Z 26 -4.72 26.50 -7.31
C GLN Z 26 -3.21 26.40 -7.06
N PHE Z 27 -2.42 27.15 -7.82
CA PHE Z 27 -0.98 27.14 -7.66
C PHE Z 27 -0.46 28.57 -7.66
N GLN Z 28 0.77 28.75 -7.17
CA GLN Z 28 1.37 30.10 -7.06
C GLN Z 28 2.12 30.48 -8.33
N THR Z 29 2.71 29.47 -8.97
CA THR Z 29 3.48 29.66 -10.18
C THR Z 29 3.19 28.53 -11.15
N ILE Z 30 3.48 28.78 -12.43
CA ILE Z 30 3.37 27.72 -13.42
C ILE Z 30 4.40 26.62 -13.23
N ILE Z 31 5.47 26.91 -12.51
CA ILE Z 31 6.48 25.89 -12.19
C ILE Z 31 5.88 24.90 -11.22
N ALA Z 32 5.19 25.39 -10.19
CA ALA Z 32 4.49 24.50 -9.25
C ALA Z 32 3.51 23.57 -9.97
N TYR Z 33 2.80 24.13 -10.95
CA TYR Z 33 1.87 23.35 -11.76
C TYR Z 33 2.58 22.27 -12.57
N HIS Z 34 3.70 22.63 -13.18
CA HIS Z 34 4.49 21.73 -14.01
C HIS Z 34 4.94 20.50 -13.21
N CYS Z 35 5.37 20.71 -11.96
CA CYS Z 35 5.89 19.64 -11.09
C CYS Z 35 4.87 18.54 -10.78
N THR Z 36 3.59 18.88 -10.86
CA THR Z 36 2.49 17.92 -10.71
C THR Z 36 1.89 17.57 -12.07
N GLN Z 37 2.72 17.53 -13.12
CA GLN Z 37 2.27 17.28 -14.50
C GLN Z 37 0.82 17.64 -14.82
N GLY AA 1 -6.25 48.56 20.24
CA GLY AA 1 -5.35 47.54 20.84
C GLY AA 1 -4.24 48.19 21.66
N ALA AA 2 -3.57 47.36 22.42
CA ALA AA 2 -2.55 47.80 23.33
C ALA AA 2 -1.48 46.75 23.44
N MET AA 3 -0.23 47.17 23.51
CA MET AA 3 0.90 46.24 23.57
C MET AA 3 0.85 45.42 24.84
N ALA AA 4 0.85 44.10 24.71
CA ALA AA 4 0.62 43.24 25.85
C ALA AA 4 1.50 42.02 25.87
N ILE AA 5 1.57 41.41 27.04
CA ILE AA 5 2.24 40.15 27.28
C ILE AA 5 1.17 39.23 27.83
N TYR AA 6 1.12 37.99 27.38
CA TYR AA 6 0.08 37.06 27.81
C TYR AA 6 0.70 36.01 28.69
N PRO AA 7 0.46 36.11 29.99
CA PRO AA 7 1.06 35.13 30.85
C PRO AA 7 0.36 33.78 30.89
N CYS AA 8 1.15 32.73 31.05
CA CYS AA 8 0.67 31.37 31.26
C CYS AA 8 -0.16 31.33 32.52
N GLY AA 9 -1.30 30.66 32.47
CA GLY AA 9 -2.13 30.51 33.67
C GLY AA 9 -1.56 29.65 34.79
N MET AA 10 -0.56 28.85 34.47
CA MET AA 10 0.15 28.00 35.45
C MET AA 10 1.38 28.71 36.00
N CYS AA 11 2.37 28.97 35.14
CA CYS AA 11 3.68 29.48 35.57
C CYS AA 11 3.79 31.01 35.57
N HIS AA 12 2.82 31.69 34.98
CA HIS AA 12 2.75 33.17 34.98
C HIS AA 12 3.83 33.83 34.17
N LYS AA 13 4.59 33.04 33.41
CA LYS AA 13 5.57 33.63 32.49
C LYS AA 13 5.00 33.80 31.10
N GLU AA 14 5.69 34.59 30.31
CA GLU AA 14 5.24 34.96 29.00
C GLU AA 14 4.95 33.72 28.13
N VAL AA 15 3.84 33.77 27.40
CA VAL AA 15 3.58 32.85 26.30
C VAL AA 15 3.80 33.62 25.00
N ASN AA 16 4.82 33.27 24.22
CA ASN AA 16 5.07 34.02 22.99
C ASN AA 16 4.87 33.18 21.74
N ASP AA 17 5.10 33.80 20.58
CA ASP AA 17 4.73 33.21 19.32
C ASP AA 17 5.46 31.93 18.97
N ASN AA 18 6.64 31.67 19.51
CA ASN AA 18 7.26 30.34 19.30
C ASN AA 18 7.07 29.35 20.44
N ASP AA 19 6.25 29.68 21.42
CA ASP AA 19 5.89 28.71 22.46
C ASP AA 19 4.79 27.77 21.94
N GLU AA 20 4.80 26.53 22.43
CA GLU AA 20 3.74 25.58 22.14
C GLU AA 20 2.73 25.80 23.21
N ALA AA 21 1.54 26.28 22.81
CA ALA AA 21 0.57 26.75 23.80
C ALA AA 21 -0.87 26.44 23.44
N VAL AA 22 -1.72 26.42 24.48
CA VAL AA 22 -3.15 26.26 24.31
C VAL AA 22 -3.86 27.42 24.96
N PHE AA 23 -5.17 27.49 24.74
CA PHE AA 23 -5.96 28.57 25.24
C PHE AA 23 -7.22 28.01 25.84
N CYS AA 24 -7.54 28.39 27.08
CA CYS AA 24 -8.75 27.89 27.72
C CYS AA 24 -9.94 28.72 27.24
N GLU AA 25 -10.84 28.08 26.51
CA GLU AA 25 -12.02 28.76 26.00
C GLU AA 25 -13.26 28.63 26.90
N SER AA 26 -13.14 27.92 28.01
CA SER AA 26 -14.28 27.70 28.89
C SER AA 26 -14.45 28.74 30.00
N GLY AA 27 -13.66 29.82 30.01
CA GLY AA 27 -13.94 30.87 31.00
C GLY AA 27 -12.80 31.68 31.54
N CYS AA 28 -11.70 31.06 31.95
CA CYS AA 28 -10.59 31.83 32.53
C CYS AA 28 -9.87 32.74 31.53
N ASN AA 29 -9.95 32.42 30.23
CA ASN AA 29 -9.31 33.21 29.18
C ASN AA 29 -7.80 33.34 29.28
N PHE AA 30 -7.15 32.33 29.86
CA PHE AA 30 -5.71 32.30 29.93
C PHE AA 30 -5.11 31.47 28.81
N PHE AA 31 -3.99 31.94 28.28
CA PHE AA 31 -3.11 31.07 27.53
C PHE AA 31 -2.28 30.24 28.51
N PHE AA 32 -1.80 29.08 28.06
CA PHE AA 32 -0.97 28.21 28.88
C PHE AA 32 0.09 27.56 28.00
N HIS AA 33 1.28 27.35 28.56
CA HIS AA 33 2.29 26.53 27.89
C HIS AA 33 1.82 25.09 27.92
N ARG AA 34 2.05 24.39 26.82
CA ARG AA 34 1.62 23.00 26.75
C ARG AA 34 2.24 22.14 27.90
N THR AA 35 3.56 22.32 28.06
CA THR AA 35 4.38 21.68 29.09
C THR AA 35 3.82 21.91 30.48
N CYS AA 36 3.42 23.14 30.81
CA CYS AA 36 2.92 23.48 32.14
C CYS AA 36 1.64 22.79 32.52
N VAL AA 37 0.81 22.41 31.54
CA VAL AA 37 -0.49 21.80 31.85
C VAL AA 37 -0.49 20.27 31.74
N GLY AA 38 0.62 19.71 31.23
CA GLY AA 38 0.80 18.26 31.20
C GLY AA 38 0.30 17.56 29.94
N LEU AA 39 0.20 18.32 28.86
CA LEU AA 39 -0.33 17.81 27.62
C LEU AA 39 0.81 17.14 26.89
N THR AA 40 0.58 15.91 26.43
CA THR AA 40 1.62 15.19 25.68
C THR AA 40 1.76 15.81 24.33
N GLU AA 41 2.88 15.56 23.69
CA GLU AA 41 3.14 16.12 22.36
C GLU AA 41 2.05 15.67 21.37
N ALA AA 42 1.62 14.43 21.52
CA ALA AA 42 0.62 13.87 20.63
C ALA AA 42 -0.77 14.46 20.87
N ALA AA 43 -1.15 14.60 22.14
CA ALA AA 43 -2.43 15.20 22.48
C ALA AA 43 -2.53 16.63 21.97
N PHE AA 44 -1.44 17.36 22.08
CA PHE AA 44 -1.35 18.72 21.58
C PHE AA 44 -1.56 18.78 20.07
N GLN AA 45 -0.90 17.89 19.33
CA GLN AA 45 -1.01 17.87 17.87
C GLN AA 45 -2.43 17.50 17.44
N MET AA 46 -3.06 16.60 18.18
CA MET AA 46 -4.38 16.14 17.85
C MET AA 46 -5.44 17.16 18.21
N LEU AA 47 -5.33 17.84 19.35
CA LEU AA 47 -6.22 18.94 19.64
C LEU AA 47 -6.12 20.01 18.57
N ASN AA 48 -4.92 20.40 18.23
CA ASN AA 48 -4.76 21.44 17.23
C ASN AA 48 -5.31 21.08 15.83
N LYS AA 49 -5.28 19.81 15.49
CA LYS AA 49 -5.53 19.35 14.15
C LYS AA 49 -7.02 19.13 13.94
N GLU AA 50 -7.74 18.86 15.01
CA GLU AA 50 -9.15 18.53 14.96
C GLU AA 50 -10.01 19.76 15.21
N VAL AA 51 -10.61 20.26 14.15
CA VAL AA 51 -11.38 21.48 14.18
C VAL AA 51 -12.55 21.41 15.17
N PHE AA 52 -13.06 20.21 15.44
CA PHE AA 52 -14.18 20.06 16.40
C PHE AA 52 -13.76 20.01 17.86
N ALA AA 53 -12.46 20.05 18.11
CA ALA AA 53 -11.95 19.87 19.48
C ALA AA 53 -11.57 21.20 20.10
N GLU AA 54 -11.69 21.27 21.42
CA GLU AA 54 -11.34 22.47 22.18
CA GLU AA 54 -11.36 22.47 22.18
C GLU AA 54 -10.81 22.02 23.54
N TRP AA 55 -9.82 22.74 24.05
CA TRP AA 55 -9.20 22.41 25.33
C TRP AA 55 -9.76 23.26 26.47
N CYS AA 56 -9.64 22.72 27.69
CA CYS AA 56 -10.13 23.36 28.90
C CYS AA 56 -9.16 23.10 30.08
N CYS AA 57 -8.86 24.15 30.86
CA CYS AA 57 -7.96 24.00 32.02
C CYS AA 57 -8.67 23.27 33.15
N ASP AA 58 -7.92 22.81 34.15
CA ASP AA 58 -8.49 22.00 35.25
C ASP AA 58 -9.45 22.79 36.13
N LYS AA 59 -9.13 24.04 36.41
CA LYS AA 59 -10.02 24.92 37.19
C LYS AA 59 -11.37 25.18 36.54
N CYS AA 60 -11.40 25.35 35.23
CA CYS AA 60 -12.66 25.65 34.54
C CYS AA 60 -13.55 24.40 34.33
N VAL AA 61 -12.98 23.19 34.40
CA VAL AA 61 -13.79 21.95 34.21
C VAL AA 61 -15.00 21.93 35.16
N SER AA 62 -14.75 22.20 36.44
CA SER AA 62 -15.81 22.55 37.39
C SER AA 62 -15.46 23.89 38.05
N ALA BA 2 -23.57 12.06 11.46
CA ALA BA 2 -24.25 13.13 12.27
C ALA BA 2 -23.68 13.18 13.66
N MET BA 3 -23.64 14.37 14.26
CA MET BA 3 -22.98 14.59 15.56
C MET BA 3 -23.80 15.47 16.47
N ALA BA 4 -23.63 15.25 17.77
CA ALA BA 4 -24.40 15.96 18.79
C ALA BA 4 -23.95 17.40 19.00
N ASN BA 5 -22.77 17.74 18.47
CA ASN BA 5 -22.21 19.06 18.69
C ASN BA 5 -21.10 19.39 17.71
N HIS BA 6 -20.66 20.64 17.70
CA HIS BA 6 -19.51 21.06 16.89
C HIS BA 6 -18.33 21.43 17.77
N ILE BA 7 -18.54 21.33 19.08
CA ILE BA 7 -17.47 21.55 20.02
C ILE BA 7 -17.47 20.41 20.99
N PHE BA 8 -16.34 19.71 21.08
CA PHE BA 8 -16.12 18.69 22.10
C PHE BA 8 -14.97 19.17 23.00
N VAL BA 9 -15.26 19.25 24.30
CA VAL BA 9 -14.36 19.85 25.25
C VAL BA 9 -13.51 18.79 25.90
N PHE BA 10 -12.20 19.00 25.90
CA PHE BA 10 -11.27 18.05 26.47
C PHE BA 10 -10.50 18.72 27.62
N SER BA 11 -10.50 18.09 28.78
CA SER BA 11 -9.52 18.43 29.79
C SER BA 11 -8.16 17.90 29.34
N THR BA 12 -7.09 18.32 30.01
CA THR BA 12 -5.78 17.74 29.72
C THR BA 12 -5.81 16.22 29.84
N GLN BA 13 -6.40 15.71 30.91
CA GLN BA 13 -6.44 14.28 31.16
C GLN BA 13 -7.16 13.54 30.04
N LEU BA 14 -8.33 14.05 29.67
CA LEU BA 14 -9.12 13.47 28.59
C LEU BA 14 -8.40 13.54 27.23
N ALA BA 15 -7.72 14.64 26.94
CA ALA BA 15 -6.99 14.75 25.70
C ALA BA 15 -5.85 13.77 25.66
N ASN BA 16 -5.16 13.61 26.77
CA ASN BA 16 -4.04 12.68 26.89
C ASN BA 16 -4.48 11.23 26.69
N LYS BA 17 -5.58 10.84 27.34
CA LYS BA 17 -6.13 9.49 27.13
C LYS BA 17 -6.62 9.26 25.70
N GLY BA 18 -7.31 10.25 25.14
CA GLY BA 18 -7.80 10.16 23.79
C GLY BA 18 -6.66 9.95 22.82
N ALA BA 19 -5.57 10.66 23.00
CA ALA BA 19 -4.45 10.57 22.08
C ALA BA 19 -3.79 9.20 22.15
N GLU BA 20 -3.73 8.63 23.36
CA GLU BA 20 -3.28 7.26 23.57
CA GLU BA 20 -3.27 7.25 23.61
C GLU BA 20 -4.14 6.30 22.76
N SER BA 21 -5.46 6.45 22.87
CA SER BA 21 -6.44 5.69 22.07
C SER BA 21 -6.20 5.72 20.57
N VAL BA 22 -5.77 6.85 20.05
CA VAL BA 22 -5.60 6.98 18.63
C VAL BA 22 -4.31 6.31 18.21
N LEU BA 23 -3.27 6.49 19.00
CA LEU BA 23 -1.96 5.87 18.74
C LEU BA 23 -2.02 4.34 18.88
N SER BA 24 -2.87 3.86 19.81
CA SER BA 24 -3.21 2.44 19.94
C SER BA 24 -3.86 1.82 18.70
N GLY BA 25 -4.53 2.65 17.89
CA GLY BA 25 -5.37 2.16 16.81
C GLY BA 25 -6.81 1.93 17.22
N GLN BA 26 -7.12 2.06 18.50
CA GLN BA 26 -8.49 1.84 18.94
C GLN BA 26 -9.53 2.83 18.34
N PHE BA 27 -9.13 4.09 18.11
CA PHE BA 27 -10.00 5.07 17.46
C PHE BA 27 -9.22 5.83 16.41
N GLN BA 28 -9.93 6.50 15.51
CA GLN BA 28 -9.29 7.24 14.42
C GLN BA 28 -8.99 8.68 14.82
N THR BA 29 -9.85 9.25 15.65
CA THR BA 29 -9.70 10.61 16.12
C THR BA 29 -10.06 10.69 17.59
N ILE BA 30 -9.59 11.74 18.24
CA ILE BA 30 -9.95 11.98 19.65
C ILE BA 30 -11.42 12.33 19.79
N ILE BA 31 -12.05 12.79 18.71
CA ILE BA 31 -13.49 13.06 18.73
C ILE BA 31 -14.27 11.75 18.88
N ALA BA 32 -13.87 10.74 18.11
CA ALA BA 32 -14.48 9.41 18.22
C ALA BA 32 -14.37 8.87 19.65
N TYR BA 33 -13.21 9.09 20.26
CA TYR BA 33 -12.98 8.67 21.64
C TYR BA 33 -13.90 9.39 22.61
N HIS BA 34 -14.03 10.70 22.41
CA HIS BA 34 -14.87 11.54 23.28
C HIS BA 34 -16.32 11.05 23.30
N CYS BA 35 -16.83 10.67 22.13
CA CYS BA 35 -18.24 10.26 21.97
C CYS BA 35 -18.61 9.03 22.77
N THR BA 36 -17.61 8.21 23.10
CA THR BA 36 -17.79 7.03 23.95
C THR BA 36 -17.41 7.30 25.40
N GLN BA 37 -17.85 8.47 25.88
CA GLN BA 37 -17.90 8.91 27.31
C GLN BA 37 -16.58 9.44 27.93
N GLY CA 1 24.63 24.39 -18.15
CA GLY CA 1 24.61 24.17 -16.68
C GLY CA 1 24.26 25.43 -15.92
N ALA CA 2 24.00 25.25 -14.64
CA ALA CA 2 23.68 26.34 -13.76
C ALA CA 2 24.32 26.05 -12.43
N MET CA 3 24.88 27.06 -11.80
CA MET CA 3 25.55 26.87 -10.54
C MET CA 3 24.55 26.44 -9.44
N ALA CA 4 24.86 25.34 -8.78
CA ALA CA 4 23.93 24.76 -7.86
C ALA CA 4 24.60 24.19 -6.63
N ILE CA 5 23.77 23.95 -5.63
CA ILE CA 5 24.14 23.31 -4.38
C ILE CA 5 23.23 22.10 -4.28
N TYR CA 6 23.76 20.97 -3.84
CA TYR CA 6 22.96 19.75 -3.73
C TYR CA 6 22.72 19.41 -2.27
N PRO CA 7 21.50 19.63 -1.77
CA PRO CA 7 21.29 19.37 -0.37
C PRO CA 7 21.06 17.90 -0.04
N CYS CA 8 21.54 17.50 1.14
CA CYS CA 8 21.32 16.18 1.68
C CYS CA 8 19.84 15.98 1.86
N GLY CA 9 19.34 14.81 1.47
CA GLY CA 9 17.91 14.52 1.65
C GLY CA 9 17.44 14.37 3.10
N MET CA 10 18.37 14.19 4.04
CA MET CA 10 18.11 14.09 5.46
C MET CA 10 18.23 15.44 6.12
N CYS CA 11 19.46 15.98 6.14
CA CYS CA 11 19.76 17.17 6.93
C CYS CA 11 19.60 18.48 6.16
N HIS CA 12 19.43 18.40 4.85
CA HIS CA 12 19.18 19.56 3.99
C HIS CA 12 20.36 20.51 3.87
N LYS CA 13 21.52 20.12 4.38
CA LYS CA 13 22.72 20.89 4.18
C LYS CA 13 23.50 20.42 2.97
N GLU CA 14 24.43 21.26 2.55
CA GLU CA 14 25.21 21.04 1.35
C GLU CA 14 25.96 19.72 1.39
N VAL CA 15 25.93 19.01 0.26
CA VAL CA 15 26.80 17.86 0.01
C VAL CA 15 27.84 18.31 -0.96
N ASN CA 16 29.09 18.39 -0.54
CA ASN CA 16 30.11 18.88 -1.45
C ASN CA 16 31.14 17.82 -1.78
N ASP CA 17 32.10 18.19 -2.63
CA ASP CA 17 33.03 17.22 -3.20
C ASP CA 17 33.91 16.48 -2.19
N ASN CA 18 34.17 17.02 -1.00
CA ASN CA 18 34.91 16.23 0.02
C ASN CA 18 34.02 15.56 1.05
N ASP CA 19 32.70 15.61 0.88
CA ASP CA 19 31.82 14.86 1.76
C ASP CA 19 31.80 13.38 1.31
N GLU CA 20 31.59 12.48 2.26
CA GLU CA 20 31.37 11.09 1.95
C GLU CA 20 29.88 10.95 1.77
N ALA CA 21 29.45 10.63 0.53
CA ALA CA 21 28.03 10.72 0.18
C ALA CA 21 27.55 9.61 -0.75
N VAL CA 22 26.24 9.38 -0.73
CA VAL CA 22 25.61 8.45 -1.63
C VAL CA 22 24.50 9.17 -2.37
N PHE CA 23 23.95 8.49 -3.37
CA PHE CA 23 22.91 9.04 -4.19
C PHE CA 23 21.79 8.05 -4.38
N CYS CA 24 20.55 8.46 -4.12
CA CYS CA 24 19.42 7.55 -4.26
C CYS CA 24 19.00 7.47 -5.71
N GLU CA 25 19.22 6.31 -6.32
CA GLU CA 25 18.86 6.12 -7.73
CA GLU CA 25 18.86 6.12 -7.74
C GLU CA 25 17.47 5.54 -7.95
N SER CA 26 16.74 5.27 -6.88
CA SER CA 26 15.42 4.69 -6.99
C SER CA 26 14.28 5.70 -7.09
N GLY CA 27 14.54 6.99 -7.21
CA GLY CA 27 13.42 7.92 -7.46
C GLY CA 27 13.48 9.32 -6.89
N CYS CA 28 13.87 9.50 -5.62
CA CYS CA 28 13.90 10.85 -5.03
C CYS CA 28 14.98 11.75 -5.64
N ASN CA 29 16.02 11.15 -6.21
CA ASN CA 29 17.13 11.91 -6.80
C ASN CA 29 17.90 12.85 -5.86
N PHE CA 30 17.94 12.50 -4.58
CA PHE CA 30 18.69 13.27 -3.59
C PHE CA 30 20.05 12.66 -3.33
N PHE CA 31 21.04 13.52 -3.16
CA PHE CA 31 22.29 13.11 -2.53
C PHE CA 31 22.08 13.09 -1.03
N PHE CA 32 22.87 12.29 -0.32
CA PHE CA 32 22.82 12.19 1.13
C PHE CA 32 24.21 12.07 1.68
N HIS CA 33 24.47 12.67 2.83
CA HIS CA 33 25.70 12.37 3.58
C HIS CA 33 25.62 10.92 4.09
N ARG CA 34 26.73 10.21 4.03
CA ARG CA 34 26.78 8.84 4.51
C ARG CA 34 26.35 8.73 6.00
N THR CA 35 26.93 9.61 6.82
CA THR CA 35 26.62 9.77 8.26
C THR CA 35 25.13 9.98 8.53
N CYS CA 36 24.46 10.85 7.78
CA CYS CA 36 23.03 11.15 7.99
C CYS CA 36 22.10 9.97 7.77
N VAL CA 37 22.50 9.01 6.94
CA VAL CA 37 21.60 7.88 6.60
C VAL CA 37 21.90 6.60 7.39
N GLY CA 38 23.01 6.61 8.13
CA GLY CA 38 23.34 5.53 9.05
C GLY CA 38 24.16 4.42 8.43
N LEU CA 39 24.86 4.75 7.37
CA LEU CA 39 25.69 3.79 6.67
C LEU CA 39 27.02 3.68 7.41
N THR CA 40 27.45 2.47 7.70
CA THR CA 40 28.75 2.27 8.34
C THR CA 40 29.84 2.55 7.36
N GLU CA 41 31.03 2.81 7.87
CA GLU CA 41 32.15 3.09 6.99
C GLU CA 41 32.40 1.92 6.04
N ALA CA 42 32.23 0.71 6.54
CA ALA CA 42 32.49 -0.49 5.75
C ALA CA 42 31.42 -0.71 4.66
N ALA CA 43 30.16 -0.49 5.03
CA ALA CA 43 29.08 -0.62 4.07
C ALA CA 43 29.26 0.39 2.93
N PHE CA 44 29.68 1.60 3.27
CA PHE CA 44 29.94 2.63 2.29
C PHE CA 44 31.04 2.23 1.32
N GLN CA 45 32.14 1.68 1.84
CA GLN CA 45 33.27 1.28 1.01
C GLN CA 45 32.90 0.14 0.08
N MET CA 46 32.05 -0.75 0.59
CA MET CA 46 31.64 -1.91 -0.19
C MET CA 46 30.61 -1.54 -1.25
N LEU CA 47 29.64 -0.68 -0.94
CA LEU CA 47 28.75 -0.19 -1.97
C LEU CA 47 29.54 0.49 -3.08
N ASN CA 48 30.45 1.35 -2.71
CA ASN CA 48 31.19 2.07 -3.71
C ASN CA 48 32.04 1.19 -4.61
N LYS CA 49 32.52 0.10 -4.06
CA LYS CA 49 33.57 -0.70 -4.69
C LYS CA 49 32.95 -1.72 -5.63
N GLU CA 50 31.72 -2.09 -5.36
CA GLU CA 50 30.99 -3.11 -6.12
C GLU CA 50 30.14 -2.47 -7.21
N VAL CA 51 30.57 -2.60 -8.45
CA VAL CA 51 29.82 -1.97 -9.51
C VAL CA 51 28.41 -2.43 -9.72
N PHE CA 52 28.10 -3.64 -9.33
CA PHE CA 52 26.75 -4.12 -9.44
C PHE CA 52 25.83 -3.66 -8.33
N ALA CA 53 26.36 -2.89 -7.38
CA ALA CA 53 25.56 -2.49 -6.22
C ALA CA 53 25.08 -1.05 -6.33
N GLU CA 54 23.94 -0.77 -5.72
CA GLU CA 54 23.32 0.52 -5.79
C GLU CA 54 22.57 0.73 -4.49
N TRP CA 55 22.58 1.96 -3.98
CA TRP CA 55 21.94 2.28 -2.73
C TRP CA 55 20.58 2.96 -2.94
N CYS CA 56 19.72 2.86 -1.93
CA CYS CA 56 18.35 3.38 -1.95
C CYS CA 56 17.95 3.93 -0.57
N CYS CA 57 17.31 5.10 -0.55
CA CYS CA 57 16.91 5.73 0.73
C CYS CA 57 15.72 5.00 1.30
N ASP CA 58 15.40 5.27 2.56
CA ASP CA 58 14.31 4.56 3.22
C ASP CA 58 12.93 4.89 2.65
N LYS CA 59 12.69 6.16 2.31
CA LYS CA 59 11.43 6.55 1.67
C LYS CA 59 11.18 5.87 0.33
N CYS CA 60 12.23 5.70 -0.47
CA CYS CA 60 12.04 5.12 -1.80
C CYS CA 60 11.89 3.59 -1.79
N VAL CA 61 12.31 2.93 -0.71
CA VAL CA 61 12.20 1.46 -0.62
C VAL CA 61 10.74 1.00 -0.88
N SER CA 62 9.80 1.65 -0.18
CA SER CA 62 8.37 1.57 -0.53
C SER CA 62 7.81 2.99 -0.69
N GLY DA 1 30.08 -16.98 -13.12
CA GLY DA 1 28.82 -17.40 -13.80
C GLY DA 1 27.78 -16.30 -13.92
N ALA DA 2 26.58 -16.71 -14.30
CA ALA DA 2 25.55 -15.78 -14.71
C ALA DA 2 24.81 -15.19 -13.53
N MET DA 3 24.31 -13.96 -13.70
CA MET DA 3 23.61 -13.26 -12.62
C MET DA 3 22.24 -12.80 -13.04
N ALA DA 4 21.33 -12.73 -12.08
CA ALA DA 4 19.93 -12.41 -12.36
C ALA DA 4 19.71 -10.96 -12.72
N ASN DA 5 20.72 -10.12 -12.46
CA ASN DA 5 20.62 -8.71 -12.74
C ASN DA 5 21.97 -8.04 -12.80
N HIS DA 6 22.00 -6.80 -13.24
CA HIS DA 6 23.21 -5.97 -13.22
C HIS DA 6 23.08 -4.84 -12.22
N ILE DA 7 21.95 -4.78 -11.53
CA ILE DA 7 21.77 -3.85 -10.45
C ILE DA 7 21.18 -4.59 -9.27
N PHE DA 8 21.85 -4.51 -8.14
CA PHE DA 8 21.32 -5.01 -6.88
C PHE DA 8 21.16 -3.82 -5.95
N VAL DA 9 19.94 -3.66 -5.45
CA VAL DA 9 19.58 -2.48 -4.65
C VAL DA 9 19.71 -2.78 -3.17
N PHE DA 10 20.43 -1.91 -2.45
CA PHE DA 10 20.59 -2.07 -1.03
C PHE DA 10 20.02 -0.89 -0.29
N SER DA 11 19.15 -1.15 0.69
CA SER DA 11 18.81 -0.14 1.68
C SER DA 11 20.02 0.01 2.63
N THR DA 12 20.00 1.04 3.47
CA THR DA 12 21.07 1.22 4.44
C THR DA 12 21.21 -0.03 5.31
N GLN DA 13 20.08 -0.52 5.78
CA GLN DA 13 20.07 -1.68 6.68
C GLN DA 13 20.68 -2.91 6.00
N LEU DA 14 20.24 -3.17 4.79
CA LEU DA 14 20.76 -4.27 4.03
C LEU DA 14 22.26 -4.12 3.74
N ALA DA 15 22.72 -2.92 3.39
CA ALA DA 15 24.13 -2.72 3.07
C ALA DA 15 24.97 -2.93 4.33
N ASN DA 16 24.45 -2.47 5.46
CA ASN DA 16 25.13 -2.66 6.74
C ASN DA 16 25.25 -4.13 7.14
N LYS DA 17 24.17 -4.90 7.03
CA LYS DA 17 24.21 -6.35 7.28
C LYS DA 17 25.12 -7.09 6.31
N GLY DA 18 25.02 -6.77 5.03
CA GLY DA 18 25.89 -7.37 4.03
C GLY DA 18 27.36 -7.15 4.33
N ALA DA 19 27.73 -5.95 4.75
CA ALA DA 19 29.12 -5.63 5.03
C ALA DA 19 29.63 -6.41 6.24
N GLU DA 20 28.76 -6.57 7.24
CA GLU DA 20 29.04 -7.46 8.39
C GLU DA 20 29.34 -8.89 7.93
N SER DA 21 28.49 -9.43 7.07
CA SER DA 21 28.69 -10.72 6.40
C SER DA 21 30.03 -10.91 5.71
N VAL DA 22 30.54 -9.87 5.08
CA VAL DA 22 31.77 -9.98 4.36
C VAL DA 22 32.94 -9.95 5.33
N LEU DA 23 32.86 -9.08 6.33
CA LEU DA 23 33.89 -8.98 7.38
C LEU DA 23 33.95 -10.24 8.25
N SER DA 24 32.80 -10.87 8.45
CA SER DA 24 32.71 -12.21 9.07
C SER DA 24 33.42 -13.32 8.33
N GLY DA 25 33.58 -13.16 7.03
CA GLY DA 25 34.05 -14.23 6.16
C GLY DA 25 32.93 -15.07 5.57
N GLN DA 26 31.68 -14.87 5.99
CA GLN DA 26 30.54 -15.65 5.47
C GLN DA 26 30.37 -15.52 3.95
N PHE DA 27 30.59 -14.32 3.41
CA PHE DA 27 30.50 -14.09 1.96
C PHE DA 27 31.70 -13.28 1.48
N GLN DA 28 31.93 -13.31 0.18
CA GLN DA 28 33.06 -12.62 -0.42
C GLN DA 28 32.71 -11.18 -0.77
N THR DA 29 31.46 -10.96 -1.19
CA THR DA 29 30.96 -9.66 -1.59
C THR DA 29 29.57 -9.45 -1.08
N ILE DA 30 29.16 -8.20 -0.97
CA ILE DA 30 27.78 -7.88 -0.58
C ILE DA 30 26.77 -8.33 -1.63
N ILE DA 31 27.22 -8.51 -2.87
CA ILE DA 31 26.35 -9.03 -3.94
C ILE DA 31 25.99 -10.48 -3.64
N ALA DA 32 26.99 -11.30 -3.26
CA ALA DA 32 26.74 -12.67 -2.86
C ALA DA 32 25.72 -12.74 -1.74
N TYR DA 33 25.86 -11.83 -0.78
CA TYR DA 33 24.92 -11.76 0.34
C TYR DA 33 23.50 -11.43 -0.11
N HIS DA 34 23.40 -10.47 -1.02
CA HIS DA 34 22.11 -10.01 -1.54
C HIS DA 34 21.35 -11.15 -2.21
N CYS DA 35 22.07 -11.99 -2.99
CA CYS DA 35 21.46 -13.12 -3.72
C CYS DA 35 20.78 -14.17 -2.84
N THR DA 36 21.21 -14.26 -1.57
CA THR DA 36 20.58 -15.11 -0.58
C THR DA 36 19.71 -14.27 0.38
N GLN DA 37 19.10 -13.21 -0.11
CA GLN DA 37 18.29 -12.32 0.73
C GLN DA 37 18.73 -12.26 2.18
N GLY EA 1 -11.88 -35.93 10.02
CA GLY EA 1 -11.86 -34.73 10.89
C GLY EA 1 -11.56 -35.06 12.33
N ALA EA 2 -11.30 -34.02 13.09
CA ALA EA 2 -10.96 -34.16 14.49
C ALA EA 2 -11.56 -33.00 15.21
N MET EA 3 -12.11 -33.26 16.38
CA MET EA 3 -12.77 -32.20 17.15
C MET EA 3 -11.78 -31.12 17.60
N ALA EA 4 -12.07 -29.88 17.25
CA ALA EA 4 -11.11 -28.81 17.45
C ALA EA 4 -11.77 -27.52 17.91
N ILE EA 5 -10.93 -26.65 18.41
CA ILE EA 5 -11.28 -25.31 18.80
C ILE EA 5 -10.38 -24.39 17.99
N TYR EA 6 -10.93 -23.30 17.47
CA TYR EA 6 -10.17 -22.40 16.63
C TYR EA 6 -9.94 -21.09 17.36
N PRO EA 7 -8.71 -20.85 17.83
CA PRO EA 7 -8.49 -19.65 18.60
C PRO EA 7 -8.27 -18.42 17.76
N CYS EA 8 -8.74 -17.29 18.28
CA CYS EA 8 -8.56 -15.99 17.65
C CYS EA 8 -7.08 -15.72 17.60
N GLY EA 9 -6.60 -15.21 16.49
CA GLY EA 9 -5.19 -14.88 16.37
C GLY EA 9 -4.73 -13.73 17.27
N MET EA 10 -5.67 -12.94 17.78
CA MET EA 10 -5.39 -11.78 18.62
C MET EA 10 -5.48 -12.19 20.07
N CYS EA 11 -6.68 -12.56 20.51
CA CYS EA 11 -6.95 -12.78 21.92
C CYS EA 11 -6.75 -14.23 22.37
N HIS EA 12 -6.62 -15.14 21.43
CA HIS EA 12 -6.38 -16.56 21.71
C HIS EA 12 -7.53 -17.30 22.33
N LYS EA 13 -8.69 -16.67 22.41
CA LYS EA 13 -9.87 -17.38 22.86
C LYS EA 13 -10.63 -17.98 21.70
N GLU EA 14 -11.53 -18.88 22.05
CA GLU EA 14 -12.35 -19.60 21.07
C GLU EA 14 -13.12 -18.65 20.12
N VAL EA 15 -13.12 -18.99 18.84
CA VAL EA 15 -14.01 -18.40 17.86
C VAL EA 15 -15.06 -19.45 17.54
N ASN EA 16 -16.31 -19.20 17.89
CA ASN EA 16 -17.35 -20.21 17.66
C ASN EA 16 -18.39 -19.73 16.66
N ASP EA 17 -19.35 -20.59 16.39
CA ASP EA 17 -20.30 -20.37 15.32
C ASP EA 17 -21.19 -19.16 15.48
N ASN EA 18 -21.42 -18.67 16.70
CA ASN EA 18 -22.17 -17.39 16.82
C ASN EA 18 -21.30 -16.17 17.04
N ASP EA 19 -19.98 -16.31 16.91
CA ASP EA 19 -19.10 -15.15 16.94
C ASP EA 19 -19.10 -14.47 15.55
N GLU EA 20 -18.90 -13.16 15.53
CA GLU EA 20 -18.71 -12.44 14.31
C GLU EA 20 -17.22 -12.46 14.04
N ALA EA 21 -16.82 -13.12 12.95
CA ALA EA 21 -15.43 -13.43 12.73
C ALA EA 21 -14.98 -13.35 11.30
N VAL EA 22 -13.67 -13.20 11.12
CA VAL EA 22 -13.07 -13.23 9.82
C VAL EA 22 -11.94 -14.25 9.80
N PHE EA 23 -11.42 -14.53 8.61
CA PHE EA 23 -10.39 -15.51 8.44
C PHE EA 23 -9.30 -14.97 7.56
N CYS EA 24 -8.05 -15.06 8.00
CA CYS EA 24 -6.95 -14.52 7.21
C CYS EA 24 -6.60 -15.56 6.17
N GLU EA 25 -6.85 -15.23 4.92
CA GLU EA 25 -6.52 -16.14 3.82
C GLU EA 25 -5.09 -15.89 3.23
N SER EA 26 -4.33 -14.92 3.75
CA SER EA 26 -3.03 -14.58 3.17
C SER EA 26 -1.85 -15.31 3.82
N GLY EA 27 -2.10 -16.25 4.73
CA GLY EA 27 -0.98 -17.03 5.21
C GLY EA 27 -1.02 -17.58 6.61
N CYS EA 28 -1.37 -16.77 7.61
CA CYS EA 28 -1.34 -17.25 8.99
C CYS EA 28 -2.40 -18.32 9.28
N ASN EA 29 -3.47 -18.34 8.48
CA ASN EA 29 -4.55 -19.30 8.68
C ASN EA 29 -5.29 -19.24 10.03
N PHE EA 30 -5.31 -18.07 10.65
CA PHE EA 30 -6.03 -17.86 11.87
C PHE EA 30 -7.42 -17.27 11.62
N PHE EA 31 -8.38 -17.73 12.39
CA PHE EA 31 -9.62 -17.01 12.55
C PHE EA 31 -9.38 -15.89 13.56
N PHE EA 32 -10.20 -14.85 13.47
CA PHE EA 32 -10.15 -13.72 14.37
C PHE EA 32 -11.55 -13.21 14.65
N HIS EA 33 -11.78 -12.75 15.88
CA HIS EA 33 -13.02 -12.03 16.21
C HIS EA 33 -12.96 -10.70 15.51
N ARG EA 34 -14.09 -10.26 14.99
CA ARG EA 34 -14.13 -9.00 14.28
C ARG EA 34 -13.66 -7.86 15.17
N THR EA 35 -14.20 -7.89 16.36
CA THR EA 35 -13.87 -6.92 17.36
C THR EA 35 -12.39 -6.80 17.69
N CYS EA 36 -11.72 -7.94 17.83
CA CYS EA 36 -10.32 -7.99 18.21
C CYS EA 36 -9.41 -7.35 17.17
N VAL EA 37 -9.83 -7.30 15.92
CA VAL EA 37 -8.97 -6.76 14.87
C VAL EA 37 -9.30 -5.33 14.49
N GLY EA 38 -10.40 -4.80 15.04
CA GLY EA 38 -10.76 -3.38 14.84
C GLY EA 38 -11.62 -3.08 13.62
N LEU EA 39 -12.33 -4.09 13.15
CA LEU EA 39 -13.16 -3.98 11.99
C LEU EA 39 -14.49 -3.37 12.47
N THR EA 40 -14.94 -2.33 11.78
CA THR EA 40 -16.24 -1.72 12.10
C THR EA 40 -17.35 -2.63 11.66
N GLU EA 41 -18.53 -2.44 12.22
CA GLU EA 41 -19.67 -3.30 11.87
C GLU EA 41 -19.96 -3.22 10.38
N ALA EA 42 -19.79 -2.04 9.81
CA ALA EA 42 -20.09 -1.80 8.41
C ALA EA 42 -19.04 -2.43 7.49
N ALA EA 43 -17.78 -2.29 7.85
CA ALA EA 43 -16.72 -2.92 7.08
C ALA EA 43 -16.90 -4.45 7.06
N PHE EA 44 -17.28 -5.01 8.19
CA PHE EA 44 -17.52 -6.45 8.31
C PHE EA 44 -18.65 -6.93 7.40
N GLN EA 45 -19.75 -6.18 7.37
CA GLN EA 45 -20.88 -6.50 6.53
C GLN EA 45 -20.54 -6.41 5.07
N MET EA 46 -19.75 -5.41 4.73
CA MET EA 46 -19.37 -5.18 3.34
C MET EA 46 -18.34 -6.22 2.86
N LEU EA 47 -17.34 -6.55 3.68
CA LEU EA 47 -16.44 -7.63 3.30
C LEU EA 47 -17.25 -8.90 3.06
N ASN EA 48 -18.15 -9.23 3.99
CA ASN EA 48 -18.86 -10.48 3.88
C ASN EA 48 -19.78 -10.56 2.68
N LYS EA 49 -20.28 -9.41 2.26
CA LYS EA 49 -21.29 -9.38 1.25
C LYS EA 49 -20.75 -9.28 -0.17
N GLU EA 50 -19.51 -8.81 -0.29
CA GLU EA 50 -18.82 -8.68 -1.56
C GLU EA 50 -17.97 -9.92 -1.88
N VAL EA 51 -18.45 -10.72 -2.83
CA VAL EA 51 -17.82 -11.99 -3.20
C VAL EA 51 -16.38 -11.80 -3.73
N PHE EA 52 -16.07 -10.63 -4.28
CA PHE EA 52 -14.71 -10.33 -4.74
C PHE EA 52 -13.74 -9.87 -3.65
N ALA EA 53 -14.22 -9.71 -2.43
CA ALA EA 53 -13.37 -9.16 -1.35
C ALA EA 53 -12.86 -10.23 -0.42
N GLU EA 54 -11.70 -10.00 0.14
CA GLU EA 54 -11.05 -10.95 1.05
C GLU EA 54 -10.26 -10.11 2.10
N TRP EA 55 -10.24 -10.56 3.35
CA TRP EA 55 -9.57 -9.85 4.42
C TRP EA 55 -8.18 -10.44 4.73
N CYS EA 56 -7.32 -9.60 5.29
CA CYS EA 56 -5.94 -9.97 5.64
C CYS EA 56 -5.52 -9.34 7.01
N CYS EA 57 -4.88 -10.11 7.89
CA CYS EA 57 -4.45 -9.59 9.22
C CYS EA 57 -3.25 -8.67 9.04
N ASP EA 58 -2.92 -7.90 10.07
CA ASP EA 58 -1.86 -6.90 9.97
C ASP EA 58 -0.48 -7.52 9.79
N LYS EA 59 -0.21 -8.62 10.49
CA LYS EA 59 1.04 -9.35 10.33
C LYS EA 59 1.29 -9.88 8.92
N CYS EA 60 0.24 -10.38 8.27
CA CYS EA 60 0.43 -10.97 6.95
C CYS EA 60 0.55 -9.92 5.82
N VAL EA 61 0.11 -8.69 6.06
CA VAL EA 61 0.18 -7.63 5.03
C VAL EA 61 1.62 -7.50 4.47
N SER EA 62 2.59 -7.43 5.39
CA SER EA 62 4.01 -7.64 5.07
C SER EA 62 4.58 -8.73 5.99
N GLY FA 1 -18.00 -3.43 -16.23
CA GLY FA 1 -16.78 -3.64 -17.08
C GLY FA 1 -15.79 -4.61 -16.47
N ALA FA 2 -14.62 -4.63 -17.06
CA ALA FA 2 -13.63 -5.65 -16.78
C ALA FA 2 -12.83 -5.32 -15.53
N MET FA 3 -12.33 -6.34 -14.85
CA MET FA 3 -11.63 -6.15 -13.58
C MET FA 3 -10.30 -6.84 -13.60
N ALA FA 4 -9.35 -6.28 -12.86
CA ALA FA 4 -7.97 -6.74 -12.89
C ALA FA 4 -7.78 -8.04 -12.12
N ASN FA 5 -8.79 -8.42 -11.32
CA ASN FA 5 -8.70 -9.59 -10.50
C ASN FA 5 -10.06 -10.06 -10.05
N HIS FA 6 -10.11 -11.24 -9.44
CA HIS FA 6 -11.31 -11.74 -8.78
C HIS FA 6 -11.16 -11.78 -7.26
N ILE FA 7 -9.99 -11.37 -6.78
CA ILE FA 7 -9.76 -11.24 -5.35
C ILE FA 7 -9.15 -9.89 -5.09
N PHE FA 8 -9.79 -9.11 -4.22
CA PHE FA 8 -9.23 -7.87 -3.73
C PHE FA 8 -9.04 -7.98 -2.25
N VAL FA 9 -7.80 -7.75 -1.81
CA VAL FA 9 -7.41 -8.00 -0.43
C VAL FA 9 -7.49 -6.72 0.39
N PHE FA 10 -8.16 -6.78 1.52
CA PHE FA 10 -8.31 -5.65 2.38
C PHE FA 10 -7.71 -5.93 3.73
N SER FA 11 -6.86 -5.03 4.20
CA SER FA 11 -6.50 -5.01 5.61
C SER FA 11 -7.69 -4.44 6.40
N THR FA 12 -7.65 -4.56 7.72
CA THR FA 12 -8.69 -3.97 8.54
C THR FA 12 -8.83 -2.48 8.23
N GLN FA 13 -7.70 -1.78 8.17
CA GLN FA 13 -7.69 -0.35 7.97
C GLN FA 13 -8.35 -0.01 6.63
N LEU FA 14 -7.92 -0.72 5.59
CA LEU FA 14 -8.46 -0.48 4.27
C LEU FA 14 -9.97 -0.78 4.19
N ALA FA 15 -10.42 -1.85 4.85
CA ALA FA 15 -11.82 -2.19 4.81
C ALA FA 15 -12.61 -1.13 5.51
N ASN FA 16 -12.08 -0.64 6.62
CA ASN FA 16 -12.77 0.38 7.40
C ASN FA 16 -12.91 1.68 6.61
N LYS FA 17 -11.84 2.09 5.92
CA LYS FA 17 -11.90 3.30 5.08
C LYS FA 17 -12.83 3.12 3.90
N GLY FA 18 -12.76 1.97 3.26
CA GLY FA 18 -13.64 1.67 2.14
C GLY FA 18 -15.10 1.75 2.56
N ALA FA 19 -15.44 1.21 3.72
CA ALA FA 19 -16.83 1.19 4.19
C ALA FA 19 -17.33 2.63 4.47
N GLU FA 20 -16.46 3.46 5.02
CA GLU FA 20 -16.73 4.88 5.19
C GLU FA 20 -17.07 5.52 3.85
N SER FA 21 -16.24 5.26 2.85
CA SER FA 21 -16.48 5.69 1.46
C SER FA 21 -17.84 5.34 0.89
N VAL FA 22 -18.34 4.16 1.23
CA VAL FA 22 -19.59 3.71 0.68
C VAL FA 22 -20.73 4.39 1.39
N LEU FA 23 -20.62 4.52 2.70
CA LEU FA 23 -21.61 5.19 3.52
C LEU FA 23 -21.66 6.70 3.20
N SER FA 24 -20.49 7.32 2.86
CA SER FA 24 -20.35 8.74 2.35
C SER FA 24 -21.13 8.91 1.01
N GLY FA 25 -21.35 7.82 0.26
CA GLY FA 25 -21.91 7.92 -1.10
C GLY FA 25 -20.83 8.09 -2.15
N GLN FA 26 -19.58 8.27 -1.73
CA GLN FA 26 -18.49 8.43 -2.69
C GLN FA 26 -18.32 7.22 -3.67
N PHE FA 27 -18.52 6.00 -3.18
CA PHE FA 27 -18.43 4.80 -4.01
C PHE FA 27 -19.62 3.90 -3.73
N GLN FA 28 -19.86 2.96 -4.64
CA GLN FA 28 -20.98 2.04 -4.50
C GLN FA 28 -20.61 0.80 -3.70
N THR FA 29 -19.37 0.35 -3.87
CA THR FA 29 -18.86 -0.84 -3.21
C THR FA 29 -17.46 -0.59 -2.74
N ILE FA 30 -17.03 -1.38 -1.75
CA ILE FA 30 -15.63 -1.31 -1.31
C ILE FA 30 -14.64 -1.76 -2.41
N ILE FA 31 -15.11 -2.50 -3.40
CA ILE FA 31 -14.28 -2.93 -4.49
C ILE FA 31 -13.94 -1.73 -5.34
N ALA FA 32 -14.96 -0.91 -5.64
CA ALA FA 32 -14.72 0.33 -6.39
C ALA FA 32 -13.67 1.21 -5.69
N TYR FA 33 -13.78 1.27 -4.37
CA TYR FA 33 -12.81 2.03 -3.56
C TYR FA 33 -11.40 1.47 -3.69
N HIS FA 34 -11.30 0.16 -3.61
CA HIS FA 34 -10.02 -0.53 -3.66
C HIS FA 34 -9.29 -0.20 -4.97
N CYS FA 35 -10.02 -0.18 -6.08
CA CYS FA 35 -9.44 0.04 -7.43
C CYS FA 35 -8.76 1.38 -7.60
N THR FA 36 -9.15 2.35 -6.76
CA THR FA 36 -8.50 3.66 -6.71
C THR FA 36 -7.56 3.78 -5.48
N GLN FA 37 -6.90 2.69 -5.09
CA GLN FA 37 -6.01 2.56 -3.87
C GLN FA 37 -6.31 3.53 -2.67
N GLY GA 1 14.62 -9.51 -14.28
CA GLY GA 1 14.34 -9.90 -15.68
C GLY GA 1 14.92 -11.26 -15.99
N ALA GA 2 16.19 -11.36 -16.37
CA ALA GA 2 16.63 -12.53 -17.08
C ALA GA 2 18.09 -12.81 -16.79
N MET GA 3 18.44 -14.08 -16.65
CA MET GA 3 19.82 -14.48 -16.36
C MET GA 3 20.77 -14.10 -17.50
N ALA GA 4 21.80 -13.36 -17.17
CA ALA GA 4 22.67 -12.79 -18.18
C ALA GA 4 24.11 -12.81 -17.72
N ILE GA 5 24.99 -12.60 -18.68
CA ILE GA 5 26.40 -12.45 -18.48
C ILE GA 5 26.75 -11.11 -19.09
N TYR GA 6 27.57 -10.32 -18.39
CA TYR GA 6 27.89 -8.98 -18.85
C TYR GA 6 29.33 -8.92 -19.27
N PRO GA 7 29.57 -8.85 -20.56
CA PRO GA 7 30.95 -8.93 -21.00
C PRO GA 7 31.66 -7.59 -20.93
N CYS GA 8 32.96 -7.67 -20.62
CA CYS GA 8 33.83 -6.51 -20.59
C CYS GA 8 33.86 -5.93 -22.00
N GLY GA 9 33.78 -4.61 -22.12
CA GLY GA 9 33.85 -3.97 -23.41
C GLY GA 9 35.21 -4.06 -24.11
N MET GA 10 36.26 -4.40 -23.35
CA MET GA 10 37.63 -4.57 -23.87
C MET GA 10 37.89 -6.03 -24.23
N CYS GA 11 37.90 -6.89 -23.23
CA CYS GA 11 38.31 -8.26 -23.41
C CYS GA 11 37.18 -9.24 -23.73
N HIS GA 12 35.94 -8.78 -23.61
CA HIS GA 12 34.75 -9.57 -23.95
C HIS GA 12 34.52 -10.77 -23.06
N LYS GA 13 35.26 -10.89 -21.98
CA LYS GA 13 34.98 -11.92 -20.98
C LYS GA 13 34.07 -11.42 -19.88
N GLU GA 14 33.56 -12.37 -19.14
CA GLU GA 14 32.60 -12.09 -18.10
C GLU GA 14 33.12 -11.08 -17.08
N VAL GA 15 32.25 -10.14 -16.69
CA VAL GA 15 32.46 -9.29 -15.51
C VAL GA 15 31.54 -9.76 -14.42
N ASN GA 16 32.06 -10.32 -13.34
CA ASN GA 16 31.19 -10.90 -12.31
C ASN GA 16 31.33 -10.15 -11.00
N ASP GA 17 30.56 -10.58 -10.01
CA ASP GA 17 30.41 -9.82 -8.77
C ASP GA 17 31.67 -9.65 -7.96
N ASN GA 18 32.67 -10.52 -8.09
CA ASN GA 18 33.95 -10.24 -7.41
C ASN GA 18 35.03 -9.65 -8.30
N ASP GA 19 34.68 -9.25 -9.52
CA ASP GA 19 35.62 -8.50 -10.34
C ASP GA 19 35.61 -7.02 -9.91
N GLU GA 20 36.75 -6.36 -10.07
CA GLU GA 20 36.83 -4.93 -9.86
C GLU GA 20 36.52 -4.32 -11.19
N ALA GA 21 35.40 -3.60 -11.26
CA ALA GA 21 34.88 -3.14 -12.54
C ALA GA 21 34.31 -1.73 -12.54
N VAL GA 22 34.25 -1.15 -13.71
CA VAL GA 22 33.56 0.12 -13.90
C VAL GA 22 32.49 -0.02 -14.99
N PHE GA 23 31.69 1.03 -15.16
CA PHE GA 23 30.62 1.01 -16.10
C PHE GA 23 30.62 2.30 -16.85
N CYS GA 24 30.58 2.24 -18.18
CA CYS GA 24 30.55 3.45 -18.99
C CYS GA 24 29.12 4.01 -19.06
N GLU GA 25 28.92 5.17 -18.46
CA GLU GA 25 27.60 5.80 -18.46
C GLU GA 25 27.39 6.80 -19.58
N SER GA 26 28.38 6.98 -20.43
CA SER GA 26 28.27 7.96 -21.51
C SER GA 26 27.74 7.40 -22.81
N GLY GA 27 27.29 6.16 -22.87
CA GLY GA 27 26.64 5.70 -24.10
C GLY GA 27 26.73 4.26 -24.49
N CYS GA 28 27.93 3.68 -24.46
CA CYS GA 28 28.08 2.28 -24.88
C CYS GA 28 27.39 1.26 -23.95
N ASN GA 29 27.17 1.63 -22.70
CA ASN GA 29 26.53 0.76 -21.72
C ASN GA 29 27.25 -0.56 -21.42
N PHE GA 30 28.57 -0.57 -21.56
CA PHE GA 30 29.36 -1.74 -21.24
C PHE GA 30 29.95 -1.65 -19.86
N PHE GA 31 29.98 -2.77 -19.16
CA PHE GA 31 30.88 -2.93 -18.03
C PHE GA 31 32.28 -3.21 -18.55
N PHE GA 32 33.28 -2.88 -17.74
CA PHE GA 32 34.68 -3.15 -18.06
C PHE GA 32 35.42 -3.58 -16.81
N HIS GA 33 36.38 -4.50 -16.96
CA HIS GA 33 37.32 -4.80 -15.88
C HIS GA 33 38.23 -3.60 -15.69
N ARG GA 34 38.53 -3.28 -14.43
CA ARG GA 34 39.38 -2.14 -14.14
C ARG GA 34 40.75 -2.26 -14.83
N THR GA 35 41.33 -3.47 -14.68
CA THR GA 35 42.62 -3.88 -15.29
C THR GA 35 42.64 -3.69 -16.83
N CYS GA 36 41.57 -4.09 -17.52
CA CYS GA 36 41.49 -3.98 -18.99
C CYS GA 36 41.51 -2.56 -19.52
N VAL GA 37 41.07 -1.59 -18.73
CA VAL GA 37 40.99 -0.20 -19.24
C VAL GA 37 42.17 0.67 -18.78
N GLY GA 38 42.99 0.13 -17.85
CA GLY GA 38 44.24 0.80 -17.43
C GLY GA 38 44.12 1.70 -16.22
N LEU GA 39 43.08 1.48 -15.43
CA LEU GA 39 42.78 2.30 -14.30
C LEU GA 39 43.66 1.82 -13.15
N THR GA 40 44.36 2.74 -12.49
CA THR GA 40 45.21 2.37 -11.33
C THR GA 40 44.32 2.05 -10.17
N GLU GA 41 44.85 1.32 -9.21
CA GLU GA 41 44.07 0.93 -8.03
C GLU GA 41 43.55 2.16 -7.29
N ALA GA 42 44.36 3.21 -7.25
CA ALA GA 42 43.99 4.43 -6.57
C ALA GA 42 42.91 5.20 -7.32
N ALA GA 43 43.04 5.30 -8.64
CA ALA GA 43 42.03 5.98 -9.45
C ALA GA 43 40.67 5.29 -9.30
N PHE GA 44 40.70 3.97 -9.27
CA PHE GA 44 39.49 3.19 -9.12
C PHE GA 44 38.80 3.47 -7.78
N GLN GA 45 39.59 3.51 -6.71
CA GLN GA 45 39.05 3.76 -5.36
C GLN GA 45 38.49 5.17 -5.26
N MET GA 46 39.13 6.12 -5.92
CA MET GA 46 38.70 7.49 -5.88
C MET GA 46 37.46 7.73 -6.73
N LEU GA 47 37.39 7.15 -7.92
CA LEU GA 47 36.15 7.23 -8.69
C LEU GA 47 35.00 6.65 -7.91
N ASN GA 48 35.20 5.48 -7.35
CA ASN GA 48 34.11 4.86 -6.61
C ASN GA 48 33.62 5.64 -5.38
N LYS GA 49 34.54 6.37 -4.75
CA LYS GA 49 34.32 6.95 -3.45
C LYS GA 49 33.67 8.33 -3.59
N GLU GA 50 33.89 8.97 -4.73
CA GLU GA 50 33.40 10.30 -5.01
C GLU GA 50 32.07 10.26 -5.76
N VAL GA 51 31.01 10.60 -5.06
CA VAL GA 51 29.71 10.52 -5.69
C VAL GA 51 29.49 11.39 -6.89
N PHE GA 52 30.21 12.49 -6.96
CA PHE GA 52 30.07 13.39 -8.10
C PHE GA 52 30.84 12.91 -9.31
N ALA GA 53 31.58 11.82 -9.19
CA ALA GA 53 32.46 11.40 -10.29
C ALA GA 53 31.84 10.24 -11.09
N GLU GA 54 32.16 10.20 -12.37
CA GLU GA 54 31.65 9.18 -13.24
C GLU GA 54 32.76 8.86 -14.25
N TRP GA 55 32.86 7.60 -14.64
CA TRP GA 55 33.87 7.16 -15.60
C TRP GA 55 33.31 7.01 -17.02
N CYS GA 56 34.19 7.11 -18.02
CA CYS GA 56 33.83 7.04 -19.43
C CYS GA 56 34.93 6.31 -20.21
N CYS GA 57 34.53 5.39 -21.10
CA CYS GA 57 35.49 4.61 -21.92
C CYS GA 57 36.08 5.51 -23.01
N ASP GA 58 37.15 5.05 -23.65
CA ASP GA 58 37.86 5.87 -24.63
C ASP GA 58 37.04 6.12 -25.89
N LYS GA 59 36.31 5.11 -26.35
CA LYS GA 59 35.41 5.27 -27.52
C LYS GA 59 34.29 6.29 -27.31
N CYS GA 60 33.72 6.35 -26.12
CA CYS GA 60 32.61 7.27 -25.87
C CYS GA 60 33.05 8.72 -25.64
N VAL GA 61 34.31 8.94 -25.29
CA VAL GA 61 34.82 10.30 -25.06
C VAL GA 61 34.49 11.21 -26.27
N SER GA 62 34.81 10.73 -27.48
CA SER GA 62 34.30 11.32 -28.73
C SER GA 62 33.63 10.21 -29.53
N GLY HA 1 31.42 24.92 -1.88
CA GLY HA 1 30.61 25.93 -2.64
C GLY HA 1 29.71 25.34 -3.71
N ALA HA 2 29.23 26.20 -4.58
CA ALA HA 2 28.38 25.81 -5.68
C ALA HA 2 29.20 25.25 -6.80
N MET HA 3 28.60 24.34 -7.56
CA MET HA 3 29.32 23.62 -8.61
C MET HA 3 28.56 23.72 -9.91
N ALA HA 4 29.29 23.65 -11.02
CA ALA HA 4 28.71 23.78 -12.36
C ALA HA 4 27.90 22.55 -12.78
N ASN HA 5 28.07 21.44 -12.06
CA ASN HA 5 27.42 20.20 -12.41
C ASN HA 5 27.37 19.23 -11.22
N HIS HA 6 26.62 18.16 -11.37
CA HIS HA 6 26.61 17.05 -10.42
C HIS HA 6 27.24 15.79 -11.00
N ILE HA 7 27.70 15.88 -12.24
CA ILE HA 7 28.44 14.80 -12.86
C ILE HA 7 29.70 15.38 -13.49
N PHE HA 8 30.83 14.84 -13.09
CA PHE HA 8 32.11 15.11 -13.73
C PHE HA 8 32.60 13.81 -14.33
N VAL HA 9 32.87 13.87 -15.64
CA VAL HA 9 33.23 12.67 -16.42
C VAL HA 9 34.74 12.51 -16.53
N PHE HA 10 35.23 11.32 -16.20
CA PHE HA 10 36.65 11.05 -16.25
C PHE HA 10 36.91 9.91 -17.22
N SER HA 11 37.84 10.13 -18.16
CA SER HA 11 38.45 9.02 -18.88
C SER HA 11 39.39 8.27 -17.95
N THR HA 12 39.85 7.09 -18.35
CA THR HA 12 40.82 6.34 -17.53
C THR HA 12 42.06 7.19 -17.27
N GLN HA 13 42.54 7.84 -18.31
CA GLN HA 13 43.73 8.66 -18.21
C GLN HA 13 43.55 9.80 -17.19
N LEU HA 14 42.44 10.51 -17.33
CA LEU HA 14 42.13 11.61 -16.43
C LEU HA 14 41.94 11.14 -14.98
N ALA HA 15 41.28 10.01 -14.78
CA ALA HA 15 41.10 9.49 -13.42
C ALA HA 15 42.43 9.10 -12.79
N ASN HA 16 43.30 8.48 -13.59
CA ASN HA 16 44.63 8.09 -13.13
C ASN HA 16 45.51 9.30 -12.74
N LYS HA 17 45.51 10.35 -13.57
CA LYS HA 17 46.22 11.58 -13.22
C LYS HA 17 45.63 12.28 -11.98
N GLY HA 18 44.30 12.37 -11.93
CA GLY HA 18 43.63 12.98 -10.79
C GLY HA 18 44.02 12.28 -9.50
N ALA HA 19 44.05 10.95 -9.52
CA ALA HA 19 44.33 10.19 -8.29
C ALA HA 19 45.77 10.41 -7.83
N GLU HA 20 46.69 10.54 -8.80
CA GLU HA 20 48.07 10.93 -8.52
C GLU HA 20 48.10 12.28 -7.81
N SER HA 21 47.39 13.27 -8.36
CA SER HA 21 47.21 14.58 -7.75
C SER HA 21 46.75 14.58 -6.32
N VAL HA 22 45.87 13.67 -5.97
CA VAL HA 22 45.35 13.62 -4.61
C VAL HA 22 46.36 12.97 -3.66
N LEU HA 23 47.02 11.91 -4.12
CA LEU HA 23 48.07 11.25 -3.35
C LEU HA 23 49.32 12.16 -3.18
N SER HA 24 49.61 13.01 -4.19
CA SER HA 24 50.66 14.10 -4.15
CA SER HA 24 50.61 14.07 -4.08
C SER HA 24 50.33 15.10 -3.01
N GLY HA 25 49.06 15.26 -2.62
CA GLY HA 25 48.62 16.35 -1.75
C GLY HA 25 48.24 17.62 -2.53
N GLN HA 26 48.44 17.65 -3.84
N GLN HA 26 48.45 17.65 -3.83
CA GLN HA 26 48.08 18.84 -4.64
CA GLN HA 26 48.10 18.85 -4.63
C GLN HA 26 46.59 19.20 -4.56
C GLN HA 26 46.60 19.20 -4.59
N PHE HA 27 45.72 18.19 -4.54
CA PHE HA 27 44.27 18.42 -4.44
C PHE HA 27 43.68 17.50 -3.41
N GLN HA 28 42.48 17.82 -2.94
CA GLN HA 28 41.82 17.01 -1.91
C GLN HA 28 40.99 15.88 -2.54
N THR HA 29 40.42 16.15 -3.71
CA THR HA 29 39.57 15.21 -4.41
C THR HA 29 39.88 15.26 -5.89
N ILE HA 30 39.55 14.19 -6.58
CA ILE HA 30 39.65 14.19 -8.05
C ILE HA 30 38.68 15.17 -8.72
N ILE HA 31 37.61 15.56 -8.02
CA ILE HA 31 36.68 16.58 -8.54
C ILE HA 31 37.39 17.93 -8.58
N ALA HA 32 38.10 18.28 -7.51
CA ALA HA 32 38.91 19.52 -7.49
C ALA HA 32 39.90 19.56 -8.67
N TYR HA 33 40.52 18.42 -8.93
CA TYR HA 33 41.47 18.30 -10.05
C TYR HA 33 40.78 18.53 -11.38
N HIS HA 34 39.61 17.93 -11.53
CA HIS HA 34 38.83 18.01 -12.77
C HIS HA 34 38.48 19.46 -13.12
N CYS HA 35 38.11 20.25 -12.11
CA CYS HA 35 37.71 21.66 -12.30
C CYS HA 35 38.80 22.56 -12.86
N THR HA 36 40.06 22.15 -12.67
CA THR HA 36 41.20 22.83 -13.25
C THR HA 36 41.76 22.03 -14.48
N GLN HA 37 40.89 21.37 -15.26
CA GLN HA 37 41.22 20.32 -16.33
C GLN HA 37 42.66 19.82 -16.37
N ALA IA 1 34.75 -51.47 8.98
CA ALA IA 1 34.97 -52.32 10.22
C ALA IA 1 34.02 -52.01 11.47
N ALA IA 2 33.31 -50.90 11.43
CA ALA IA 2 32.39 -50.51 12.48
C ALA IA 2 31.27 -49.67 11.90
N MET IA 3 30.05 -49.86 12.38
CA MET IA 3 28.88 -49.16 11.84
C MET IA 3 29.00 -47.66 12.07
N ALA IA 4 28.89 -46.89 11.00
CA ALA IA 4 29.17 -45.48 11.06
C ALA IA 4 28.22 -44.67 10.20
N ILE IA 5 28.16 -43.37 10.50
CA ILE IA 5 27.50 -42.37 9.61
C ILE IA 5 28.56 -41.37 9.21
N TYR IA 6 28.51 -40.94 7.96
CA TYR IA 6 29.51 -40.02 7.42
C TYR IA 6 28.86 -38.67 7.23
N PRO IA 7 29.20 -37.73 8.11
CA PRO IA 7 28.52 -36.46 7.98
C PRO IA 7 29.11 -35.56 6.90
N CYS IA 8 28.23 -34.79 6.26
CA CYS IA 8 28.62 -33.75 5.32
C CYS IA 8 29.51 -32.74 6.03
N GLY IA 9 30.59 -32.34 5.40
CA GLY IA 9 31.45 -31.31 5.96
C GLY IA 9 30.89 -29.90 6.05
N MET IA 10 29.80 -29.61 5.32
CA MET IA 10 29.09 -28.30 5.40
C MET IA 10 27.95 -28.39 6.40
N CYS IA 11 26.96 -29.22 6.14
CA CYS IA 11 25.74 -29.22 6.92
C CYS IA 11 25.74 -30.19 8.12
N HIS IA 12 26.72 -31.08 8.16
CA HIS IA 12 26.88 -32.05 9.27
C HIS IA 12 25.81 -33.11 9.35
N LYS IA 13 24.98 -33.22 8.34
CA LYS IA 13 24.00 -34.30 8.29
C LYS IA 13 24.53 -35.46 7.50
N GLU IA 14 23.85 -36.59 7.66
CA GLU IA 14 24.24 -37.84 7.05
C GLU IA 14 24.37 -37.73 5.53
N VAL IA 15 25.43 -38.31 4.99
CA VAL IA 15 25.59 -38.53 3.56
C VAL IA 15 25.36 -40.02 3.34
N ASN IA 16 24.28 -40.40 2.67
CA ASN IA 16 24.00 -41.83 2.48
C ASN IA 16 24.06 -42.24 1.02
N ASP IA 17 23.81 -43.52 0.78
CA ASP IA 17 24.06 -44.11 -0.52
C ASP IA 17 23.22 -43.56 -1.66
N ASN IA 18 22.04 -42.99 -1.38
CA ASN IA 18 21.31 -42.30 -2.47
C ASN IA 18 21.48 -40.78 -2.50
N ASP IA 19 22.40 -40.22 -1.71
CA ASP IA 19 22.75 -38.82 -1.84
C ASP IA 19 23.73 -38.64 -2.99
N GLU IA 20 23.66 -37.47 -3.62
CA GLU IA 20 24.64 -37.10 -4.63
C GLU IA 20 25.74 -36.40 -3.89
N ALA IA 21 26.93 -36.98 -3.90
CA ALA IA 21 27.98 -36.53 -3.01
C ALA IA 21 29.38 -36.56 -3.59
N VAL IA 22 30.26 -35.74 -3.02
CA VAL IA 22 31.67 -35.76 -3.37
C VAL IA 22 32.51 -36.00 -2.12
N PHE IA 23 33.80 -36.22 -2.32
CA PHE IA 23 34.70 -36.46 -1.23
C PHE IA 23 35.95 -35.61 -1.40
N CYS IA 24 36.35 -34.90 -0.36
CA CYS IA 24 37.55 -34.09 -0.44
C CYS IA 24 38.80 -34.97 -0.21
N GLU IA 25 39.60 -35.11 -1.25
CA GLU IA 25 40.80 -35.93 -1.18
C GLU IA 25 42.06 -35.09 -0.84
N SER IA 26 41.92 -33.80 -0.63
CA SER IA 26 43.09 -32.95 -0.32
C SER IA 26 43.39 -32.77 1.17
N GLY IA 27 42.69 -33.47 2.07
CA GLY IA 27 43.09 -33.39 3.47
C GLY IA 27 42.05 -33.52 4.55
N CYS IA 28 40.91 -32.82 4.45
CA CYS IA 28 39.92 -32.88 5.50
C CYS IA 28 39.22 -34.25 5.62
N ASN IA 29 39.22 -35.04 4.55
CA ASN IA 29 38.60 -36.37 4.54
C ASN IA 29 37.10 -36.40 4.83
N PHE IA 30 36.41 -35.31 4.48
CA PHE IA 30 34.95 -35.26 4.62
C PHE IA 30 34.26 -35.59 3.31
N PHE IA 31 33.16 -36.33 3.41
CA PHE IA 31 32.17 -36.37 2.37
C PHE IA 31 31.32 -35.10 2.45
N PHE IA 32 30.76 -34.70 1.32
CA PHE IA 32 29.88 -33.54 1.23
C PHE IA 32 28.74 -33.85 0.29
N HIS IA 33 27.55 -33.35 0.62
CA HIS IA 33 26.47 -33.29 -0.36
C HIS IA 33 26.84 -32.34 -1.51
N ARG IA 34 26.53 -32.74 -2.74
CA ARG IA 34 26.83 -31.90 -3.92
C ARG IA 34 26.20 -30.51 -3.81
N THR IA 35 24.92 -30.53 -3.45
CA THR IA 35 24.16 -29.36 -3.18
C THR IA 35 24.71 -28.36 -2.12
N CYS IA 36 25.18 -28.87 -0.97
CA CYS IA 36 25.79 -28.07 0.09
C CYS IA 36 27.03 -27.27 -0.36
N VAL IA 37 27.75 -27.76 -1.36
CA VAL IA 37 29.02 -27.13 -1.73
C VAL IA 37 28.90 -26.24 -2.96
N GLY IA 38 27.75 -26.30 -3.61
CA GLY IA 38 27.43 -25.40 -4.73
C GLY IA 38 27.82 -25.91 -6.10
N LEU IA 39 27.94 -27.23 -6.21
CA LEU IA 39 28.36 -27.86 -7.44
C LEU IA 39 27.13 -27.98 -8.32
N THR IA 40 27.23 -27.54 -9.57
CA THR IA 40 26.12 -27.68 -10.53
C THR IA 40 25.97 -29.14 -10.90
N GLU IA 41 24.80 -29.50 -11.40
CA GLU IA 41 24.55 -30.88 -11.82
C GLU IA 41 25.54 -31.33 -12.90
N ALA IA 42 25.87 -30.43 -13.80
CA ALA IA 42 26.81 -30.71 -14.87
C ALA IA 42 28.26 -30.87 -14.36
N ALA IA 43 28.68 -29.99 -13.47
CA ALA IA 43 30.03 -30.07 -12.90
C ALA IA 43 30.22 -31.39 -12.15
N PHE IA 44 29.19 -31.78 -11.42
CA PHE IA 44 29.19 -33.04 -10.69
C PHE IA 44 29.35 -34.24 -11.63
N GLN IA 45 28.60 -34.26 -12.74
CA GLN IA 45 28.64 -35.35 -13.70
C GLN IA 45 29.99 -35.43 -14.38
N MET IA 46 30.58 -34.27 -14.63
CA MET IA 46 31.86 -34.21 -15.30
C MET IA 46 33.00 -34.60 -14.38
N LEU IA 47 32.99 -34.14 -13.14
CA LEU IA 47 33.99 -34.62 -12.18
C LEU IA 47 33.94 -36.13 -12.04
N ASN IA 48 32.75 -36.65 -11.86
CA ASN IA 48 32.62 -38.09 -11.69
C ASN IA 48 33.09 -38.92 -12.89
N LYS IA 49 32.94 -38.37 -14.07
CA LYS IA 49 33.09 -39.12 -15.32
C LYS IA 49 34.54 -39.10 -15.77
N GLU IA 50 35.27 -38.07 -15.37
CA GLU IA 50 36.66 -37.88 -15.75
C GLU IA 50 37.60 -38.50 -14.69
N VAL IA 51 38.19 -39.65 -15.03
CA VAL IA 51 39.05 -40.38 -14.12
C VAL IA 51 40.27 -39.56 -13.64
N PHE IA 52 40.72 -38.59 -14.43
CA PHE IA 52 41.86 -37.73 -14.01
C PHE IA 52 41.49 -36.59 -13.09
N ALA IA 53 40.20 -36.42 -12.81
CA ALA IA 53 39.76 -35.25 -12.07
C ALA IA 53 39.50 -35.59 -10.63
N GLU IA 54 39.70 -34.62 -9.76
CA GLU IA 54 39.49 -34.80 -8.34
C GLU IA 54 38.96 -33.46 -7.78
N TRP IA 55 38.04 -33.54 -6.82
CA TRP IA 55 37.46 -32.36 -6.21
C TRP IA 55 38.12 -32.02 -4.87
N CYS IA 56 38.04 -30.74 -4.51
CA CYS IA 56 38.62 -30.21 -3.27
C CYS IA 56 37.71 -29.16 -2.63
N CYS IA 57 37.51 -29.25 -1.32
CA CYS IA 57 36.63 -28.29 -0.60
C CYS IA 57 37.33 -26.94 -0.51
N ASP IA 58 36.57 -25.91 -0.14
CA ASP IA 58 37.12 -24.55 -0.09
C ASP IA 58 38.18 -24.36 1.00
N LYS IA 59 37.98 -24.96 2.17
CA LYS IA 59 38.96 -24.91 3.26
C LYS IA 59 40.29 -25.56 2.93
N CYS IA 60 40.28 -26.68 2.22
CA CYS IA 60 41.52 -27.35 1.87
C CYS IA 60 42.30 -26.69 0.72
N VAL IA 61 41.66 -25.87 -0.11
CA VAL IA 61 42.33 -25.20 -1.24
C VAL IA 61 43.52 -24.42 -0.72
N SER IA 62 43.22 -23.62 0.32
CA SER IA 62 44.18 -22.88 1.15
C SER IA 62 44.40 -23.59 2.49
N GLY JA 1 47.84 -37.33 -25.45
CA GLY JA 1 49.29 -37.11 -25.31
C GLY JA 1 49.80 -37.23 -23.88
N ALA JA 2 51.02 -36.74 -23.68
CA ALA JA 2 51.66 -36.81 -22.39
C ALA JA 2 51.15 -35.68 -21.53
N MET JA 3 51.13 -35.92 -20.22
CA MET JA 3 50.55 -34.97 -19.27
C MET JA 3 51.44 -34.78 -18.05
N ALA JA 4 51.34 -33.61 -17.42
CA ALA JA 4 52.18 -33.27 -16.28
C ALA JA 4 51.76 -33.99 -15.00
N ASN JA 5 50.57 -34.56 -14.99
CA ASN JA 5 50.05 -35.23 -13.81
C ASN JA 5 48.96 -36.21 -14.12
N HIS JA 6 48.59 -37.00 -13.13
CA HIS JA 6 47.41 -37.88 -13.20
C HIS JA 6 46.29 -37.42 -12.29
N ILE JA 7 46.52 -36.31 -11.58
CA ILE JA 7 45.50 -35.73 -10.75
C ILE JA 7 45.46 -34.24 -11.04
N PHE JA 8 44.28 -33.78 -11.41
CA PHE JA 8 43.98 -32.36 -11.54
C PHE JA 8 42.89 -32.00 -10.55
N VAL JA 9 43.21 -31.03 -9.70
CA VAL JA 9 42.37 -30.69 -8.57
C VAL JA 9 41.44 -29.54 -8.93
N PHE JA 10 40.16 -29.71 -8.65
CA PHE JA 10 39.17 -28.68 -8.94
C PHE JA 10 38.47 -28.24 -7.64
N SER JA 11 38.45 -26.94 -7.40
CA SER JA 11 37.50 -26.41 -6.44
C SER JA 11 36.10 -26.46 -7.04
N THR JA 12 35.08 -26.20 -6.24
CA THR JA 12 33.70 -26.13 -6.78
C THR JA 12 33.60 -25.09 -7.89
N GLN JA 13 34.18 -23.93 -7.65
CA GLN JA 13 34.14 -22.83 -8.61
C GLN JA 13 34.80 -23.20 -9.94
N LEU JA 14 36.00 -23.75 -9.86
CA LEU JA 14 36.70 -24.22 -11.03
C LEU JA 14 35.97 -25.36 -11.78
N ALA JA 15 35.38 -26.31 -11.06
CA ALA JA 15 34.62 -27.39 -11.70
C ALA JA 15 33.36 -26.84 -12.42
N ASN JA 16 32.67 -25.90 -11.78
CA ASN JA 16 31.51 -25.24 -12.37
C ASN JA 16 31.84 -24.47 -13.65
N LYS JA 17 32.92 -23.67 -13.63
CA LYS JA 17 33.40 -22.97 -14.85
C LYS JA 17 33.86 -23.92 -15.96
N GLY JA 18 34.62 -24.94 -15.58
CA GLY JA 18 35.05 -25.95 -16.54
C GLY JA 18 33.89 -26.62 -17.23
N ALA JA 19 32.85 -26.97 -16.48
CA ALA JA 19 31.69 -27.67 -17.04
C ALA JA 19 30.92 -26.78 -18.01
N GLU JA 20 30.83 -25.49 -17.69
CA GLU JA 20 30.30 -24.47 -18.61
C GLU JA 20 31.08 -24.46 -19.93
N SER JA 21 32.42 -24.41 -19.84
CA SER JA 21 33.34 -24.53 -20.98
C SER JA 21 33.13 -25.72 -21.87
N VAL JA 22 32.79 -26.87 -21.29
CA VAL JA 22 32.56 -28.08 -22.07
C VAL JA 22 31.19 -28.06 -22.75
N LEU JA 23 30.18 -27.60 -22.03
CA LEU JA 23 28.82 -27.43 -22.60
C LEU JA 23 28.78 -26.34 -23.70
N SER JA 24 29.60 -25.29 -23.55
CA SER JA 24 29.83 -24.28 -24.60
C SER JA 24 30.42 -24.84 -25.89
N GLY JA 25 31.11 -25.97 -25.80
CA GLY JA 25 31.92 -26.48 -26.91
C GLY JA 25 33.36 -25.95 -26.93
N GLN JA 26 33.72 -24.99 -26.04
CA GLN JA 26 35.09 -24.46 -26.02
C GLN JA 26 36.15 -25.53 -25.75
N PHE JA 27 35.84 -26.50 -24.89
CA PHE JA 27 36.77 -27.59 -24.58
C PHE JA 27 36.02 -28.92 -24.61
N GLN JA 28 36.77 -30.01 -24.71
CA GLN JA 28 36.18 -31.35 -24.78
C GLN JA 28 35.98 -31.96 -23.40
N THR JA 29 36.90 -31.63 -22.48
CA THR JA 29 36.87 -32.13 -21.11
C THR JA 29 37.23 -31.01 -20.15
N ILE JA 30 36.82 -31.17 -18.89
CA ILE JA 30 37.24 -30.22 -17.85
C ILE JA 30 38.75 -30.30 -17.57
N ILE JA 31 39.40 -31.41 -17.93
CA ILE JA 31 40.86 -31.51 -17.82
C ILE JA 31 41.52 -30.53 -18.81
N ALA JA 32 41.03 -30.51 -20.05
CA ALA JA 32 41.55 -29.57 -21.07
C ALA JA 32 41.42 -28.13 -20.59
N TYR JA 33 40.29 -27.84 -19.97
CA TYR JA 33 40.06 -26.51 -19.39
C TYR JA 33 41.05 -26.18 -18.27
N HIS JA 34 41.29 -27.15 -17.39
CA HIS JA 34 42.20 -27.00 -16.26
C HIS JA 34 43.63 -26.64 -16.70
N CYS JA 35 44.10 -27.29 -17.77
CA CYS JA 35 45.46 -27.09 -18.31
C CYS JA 35 45.74 -25.67 -18.78
N THR JA 36 44.69 -24.94 -19.13
CA THR JA 36 44.78 -23.54 -19.51
C THR JA 36 44.28 -22.63 -18.36
N GLN JA 37 44.50 -23.03 -17.12
CA GLN JA 37 43.97 -22.32 -15.92
C GLN JA 37 42.71 -21.47 -16.16
ZN ZN KA . 27.67 36.59 -14.87
ZN ZN LA . 19.96 37.37 -3.78
ZN ZN MA . -35.63 8.66 18.78
ZN ZN NA . -37.05 12.12 6.10
ZN ZN OA . -16.28 33.36 6.66
ZN ZN PA . -15.40 21.05 1.06
ZN ZN QA . 0.63 -45.41 -0.62
ZN ZN RA . 7.90 -56.35 2.85
ZN ZN SA . -14.82 -42.01 21.23
ZN ZN TA . -6.48 -34.68 28.92
ZN ZN UA . 13.25 -22.56 -15.39
ZN ZN VA . 21.42 -23.94 -25.95
ZN ZN WA . -24.35 26.75 -33.69
ZN ZN XA . -17.58 16.39 -28.55
ZN ZN YA . -1.91 -1.59 -22.90
ZN ZN ZA . -11.18 -7.59 -30.57
ZN ZN AB . -42.27 31.81 -14.49
ZN ZN BB . -35.10 39.51 -6.16
ZN ZN CB . 18.05 -21.19 33.75
ZN ZN DB . 16.67 -18.96 20.65
ZN ZN EB . 12.66 3.29 43.99
ZN ZN FB . -0.70 3.11 44.43
ZN ZN GB . -19.61 -25.89 -8.59
ZN ZN HB . -26.57 -15.42 -13.33
ZN ZN IB . 10.57 24.18 -32.10
ZN ZN JB . 3.51 34.77 -36.71
ZN ZN KB . -9.85 27.86 32.38
ZN ZN LB . 3.60 28.20 31.52
ZN ZN MB . 15.30 8.01 -2.42
ZN ZN NB . 23.31 15.26 5.53
ZN ZN OB . -2.69 -13.33 8.72
ZN ZN PB . -10.45 -12.46 19.72
ZN ZN QB . 31.42 4.02 -23.73
ZN ZN RB . 38.10 -7.32 -19.11
ZN ZN SB . 38.86 -30.53 2.42
ZN ZN TB . 25.47 -31.37 3.34
#